data_3JQQ
#
_entry.id   3JQQ
#
_cell.length_a   124.243
_cell.length_b   124.243
_cell.length_c   134.255
_cell.angle_alpha   90.00
_cell.angle_beta   90.00
_cell.angle_gamma   120.00
#
_symmetry.space_group_name_H-M   'P 31'
#
loop_
_entity.id
_entity.type
_entity.pdbx_description
1 polymer 'Ferredoxin NADP reductase'
2 non-polymer 'FLAVIN-ADENINE DINUCLEOTIDE'
3 non-polymer "ADENOSINE-2'-5'-DIPHOSPHATE"
4 water water
#
_entity_poly.entity_id   1
_entity_poly.type   'polypeptide(L)'
_entity_poly.pdbx_seq_one_letter_code
;KEENNFINLYTVKNPLKCKIVDKINLVRPNSPNEVYHLEINHNGLFKYLEGHTCGIIPYYNELDNNPNNQINKDHNIINT
TNHTNHNNIALSHIKKQRCARLYSISSSNNMENLSVAIKIHKYEQTENAPNITNYGYCSGFIKNLKINDDIYLTGAHGYF
NLPNDAIQKNTNFIFIATGTGISPYISFLKKLFAYDKNNLYNRNSNYTGYITIYYGVYNEDSILYLNELEYFQKMYPNNI
NIHYVFSYKQNSDATSFYVQDEIYKRKTEFLNLFNNYKCELYICGKKSIRYKVMDILKSHDQFDEKKKKRVHVEVY
;
_entity_poly.pdbx_strand_id   A,B,C,D,E,F
#
loop_
_chem_comp.id
_chem_comp.type
_chem_comp.name
_chem_comp.formula
A2P non-polymer ADENOSINE-2'-5'-DIPHOSPHATE 'C10 H15 N5 O10 P2'
FAD non-polymer 'FLAVIN-ADENINE DINUCLEOTIDE' 'C27 H33 N9 O15 P2'
#
# COMPACT_ATOMS: atom_id res chain seq x y z
N ASN A 5 39.84 -40.79 17.32
CA ASN A 5 38.84 -41.12 16.26
C ASN A 5 39.08 -40.33 14.98
N PHE A 6 38.33 -40.67 13.94
CA PHE A 6 38.46 -39.98 12.65
C PHE A 6 37.26 -39.06 12.42
N ILE A 7 36.43 -38.91 13.45
CA ILE A 7 35.21 -38.12 13.35
C ILE A 7 35.45 -36.61 13.42
N ASN A 8 34.97 -35.90 12.41
CA ASN A 8 35.03 -34.44 12.36
C ASN A 8 36.43 -33.88 12.18
N LEU A 9 37.35 -34.69 11.68
CA LEU A 9 38.70 -34.24 11.34
C LEU A 9 38.61 -33.12 10.32
N TYR A 10 37.57 -33.15 9.49
CA TYR A 10 37.30 -32.07 8.56
C TYR A 10 35.86 -31.59 8.74
N THR A 11 35.67 -30.29 8.65
CA THR A 11 34.37 -29.68 8.88
C THR A 11 34.04 -28.75 7.73
N VAL A 12 32.88 -28.10 7.77
CA VAL A 12 32.52 -27.18 6.72
C VAL A 12 33.42 -25.96 6.71
N LYS A 13 34.11 -25.72 7.83
CA LYS A 13 35.02 -24.58 7.93
C LYS A 13 36.47 -24.95 7.58
N ASN A 14 36.80 -26.23 7.62
CA ASN A 14 38.08 -26.70 7.09
C ASN A 14 37.96 -28.04 6.39
N PRO A 15 37.27 -28.06 5.24
CA PRO A 15 37.07 -29.28 4.48
C PRO A 15 38.33 -29.70 3.74
N LEU A 16 38.39 -30.98 3.37
CA LEU A 16 39.51 -31.51 2.61
C LEU A 16 39.26 -31.35 1.11
N LYS A 17 40.23 -30.78 0.41
CA LYS A 17 40.13 -30.62 -1.04
C LYS A 17 40.57 -31.89 -1.75
N CYS A 18 39.63 -32.53 -2.45
CA CYS A 18 39.91 -33.79 -3.12
C CYS A 18 39.66 -33.71 -4.62
N LYS A 19 40.06 -34.74 -5.34
CA LYS A 19 39.87 -34.79 -6.79
C LYS A 19 39.14 -36.03 -7.28
N ILE A 20 38.22 -35.83 -8.21
CA ILE A 20 37.49 -36.91 -8.86
C ILE A 20 38.40 -37.67 -9.81
N VAL A 21 38.59 -38.96 -9.54
CA VAL A 21 39.38 -39.81 -10.43
C VAL A 21 38.48 -40.49 -11.47
N ASP A 22 37.31 -40.97 -11.04
CA ASP A 22 36.36 -41.58 -11.97
C ASP A 22 34.91 -41.27 -11.60
N LYS A 23 34.03 -41.40 -12.59
CA LYS A 23 32.60 -41.17 -12.41
C LYS A 23 31.86 -42.18 -13.29
N ILE A 24 31.22 -43.15 -12.65
CA ILE A 24 30.66 -44.30 -13.36
C ILE A 24 29.17 -44.45 -13.12
N ASN A 25 28.41 -44.65 -14.20
CA ASN A 25 26.99 -44.96 -14.06
C ASN A 25 26.82 -46.33 -13.42
N LEU A 26 26.23 -46.34 -12.22
CA LEU A 26 26.12 -47.55 -11.41
C LEU A 26 24.94 -48.45 -11.78
N VAL A 27 23.94 -47.88 -12.45
CA VAL A 27 22.78 -48.67 -12.84
C VAL A 27 22.83 -49.07 -14.31
N ARG A 28 22.00 -50.04 -14.67
CA ARG A 28 21.92 -50.51 -16.03
C ARG A 28 20.60 -50.05 -16.64
N PRO A 29 20.45 -50.15 -17.97
CA PRO A 29 19.49 -49.29 -18.66
C PRO A 29 18.02 -49.50 -18.30
N ASN A 30 17.68 -50.63 -17.67
CA ASN A 30 16.30 -50.87 -17.28
C ASN A 30 15.92 -50.24 -15.95
N SER A 31 16.90 -49.58 -15.32
CA SER A 31 16.66 -48.86 -14.08
C SER A 31 16.02 -47.50 -14.34
N PRO A 32 15.06 -47.11 -13.51
CA PRO A 32 14.50 -45.77 -13.55
C PRO A 32 15.32 -44.81 -12.70
N ASN A 33 16.42 -45.31 -12.15
CA ASN A 33 17.29 -44.48 -11.30
C ASN A 33 18.50 -43.96 -12.06
N GLU A 34 19.08 -42.87 -11.55
CA GLU A 34 20.36 -42.40 -12.04
C GLU A 34 21.32 -42.32 -10.86
N VAL A 35 22.33 -43.19 -10.87
CA VAL A 35 23.27 -43.26 -9.75
C VAL A 35 24.71 -43.32 -10.24
N TYR A 36 25.55 -42.43 -9.70
CA TYR A 36 26.97 -42.43 -10.06
C TYR A 36 27.86 -42.89 -8.93
N HIS A 37 28.83 -43.73 -9.29
CA HIS A 37 29.91 -44.12 -8.40
C HIS A 37 31.03 -43.12 -8.64
N LEU A 38 31.54 -42.52 -7.57
CA LEU A 38 32.65 -41.58 -7.67
C LEU A 38 33.91 -42.16 -7.02
N GLU A 39 35.01 -42.20 -7.75
CA GLU A 39 36.29 -42.51 -7.16
C GLU A 39 36.97 -41.19 -6.81
N ILE A 40 37.26 -40.98 -5.53
CA ILE A 40 37.81 -39.71 -5.07
C ILE A 40 39.22 -39.85 -4.51
N ASN A 41 40.16 -39.09 -5.07
CA ASN A 41 41.52 -39.00 -4.55
C ASN A 41 41.59 -37.96 -3.44
N HIS A 42 41.99 -38.39 -2.25
CA HIS A 42 42.06 -37.52 -1.09
C HIS A 42 43.48 -37.42 -0.53
N ASN A 43 44.45 -37.85 -1.34
CA ASN A 43 45.86 -37.79 -0.96
C ASN A 43 46.20 -38.54 0.32
N GLY A 44 45.41 -39.58 0.60
CA GLY A 44 45.62 -40.41 1.79
C GLY A 44 45.26 -39.69 3.08
N LEU A 45 44.69 -38.50 2.95
CA LEU A 45 44.45 -37.65 4.10
C LEU A 45 43.07 -37.79 4.74
N PHE A 46 42.07 -38.20 3.96
CA PHE A 46 40.75 -38.42 4.55
C PHE A 46 40.76 -39.72 5.32
N LYS A 47 40.51 -39.63 6.62
CA LYS A 47 40.57 -40.78 7.50
C LYS A 47 39.17 -41.32 7.77
N TYR A 48 39.01 -42.63 7.72
CA TYR A 48 37.69 -43.22 7.93
C TYR A 48 37.75 -44.70 8.25
N LEU A 49 36.67 -45.19 8.86
CA LEU A 49 36.47 -46.62 9.05
C LEU A 49 35.31 -47.03 8.15
N GLU A 50 35.29 -48.30 7.76
CA GLU A 50 34.19 -48.83 6.96
C GLU A 50 32.85 -48.57 7.63
N GLY A 51 31.90 -47.99 6.89
CA GLY A 51 30.60 -47.66 7.44
C GLY A 51 30.43 -46.17 7.64
N HIS A 52 31.55 -45.48 7.83
CA HIS A 52 31.52 -44.02 7.96
C HIS A 52 30.94 -43.36 6.72
N THR A 53 30.31 -42.21 6.93
CA THR A 53 29.85 -41.39 5.84
C THR A 53 30.82 -40.21 5.69
N CYS A 54 30.80 -39.58 4.53
CA CYS A 54 31.50 -38.34 4.35
C CYS A 54 30.48 -37.28 3.95
N GLY A 55 30.84 -36.02 4.16
CA GLY A 55 30.02 -34.92 3.71
C GLY A 55 30.65 -34.34 2.46
N ILE A 56 29.81 -33.96 1.51
CA ILE A 56 30.26 -33.24 0.34
C ILE A 56 29.60 -31.87 0.35
N ILE A 57 30.40 -30.83 0.16
CA ILE A 57 29.86 -29.48 0.12
C ILE A 57 29.75 -29.04 -1.33
N PRO A 58 28.53 -29.00 -1.86
CA PRO A 58 28.32 -28.69 -3.27
C PRO A 58 28.78 -27.29 -3.63
N TYR A 59 29.49 -27.17 -4.74
CA TYR A 59 29.94 -25.89 -5.28
C TYR A 59 30.83 -25.11 -4.32
N TYR A 60 31.49 -25.82 -3.41
CA TYR A 60 32.37 -25.16 -2.46
C TYR A 60 33.52 -24.43 -3.17
N ASN A 61 33.72 -23.18 -2.78
CA ASN A 61 34.89 -22.40 -3.18
C ASN A 61 35.51 -22.84 -4.50
N GLN A 97 26.54 -21.71 -0.56
CA GLN A 97 25.63 -21.89 0.57
C GLN A 97 26.32 -22.63 1.71
N ARG A 98 27.42 -23.29 1.40
CA ARG A 98 28.18 -24.04 2.41
C ARG A 98 27.27 -25.01 3.17
N CYS A 99 26.63 -25.92 2.44
CA CYS A 99 25.75 -26.90 3.04
C CYS A 99 26.24 -28.27 2.65
N ALA A 100 26.44 -29.14 3.63
CA ALA A 100 26.96 -30.46 3.28
C ALA A 100 25.90 -31.55 3.24
N ARG A 101 26.16 -32.56 2.42
CA ARG A 101 25.29 -33.74 2.35
C ARG A 101 26.11 -34.97 2.70
N LEU A 102 25.48 -35.91 3.41
CA LEU A 102 26.17 -37.13 3.81
C LEU A 102 26.08 -38.20 2.72
N TYR A 103 27.17 -38.94 2.57
CA TYR A 103 27.24 -40.04 1.61
C TYR A 103 28.08 -41.17 2.20
N SER A 104 27.54 -42.37 2.13
CA SER A 104 28.20 -43.54 2.67
C SER A 104 29.42 -43.90 1.81
N ILE A 105 30.53 -44.18 2.48
CA ILE A 105 31.76 -44.56 1.79
C ILE A 105 31.71 -46.03 1.40
N SER A 106 31.93 -46.30 0.12
CA SER A 106 31.74 -47.64 -0.43
C SER A 106 33.06 -48.39 -0.63
N SER A 107 34.13 -47.83 -0.08
CA SER A 107 35.45 -48.41 -0.21
C SER A 107 36.03 -48.78 1.16
N SER A 108 37.02 -49.67 1.18
CA SER A 108 37.67 -50.01 2.42
C SER A 108 38.90 -49.14 2.69
N ASN A 109 39.25 -49.05 3.97
CA ASN A 109 40.33 -48.21 4.48
C ASN A 109 41.67 -48.36 3.75
N ASN A 110 41.94 -49.58 3.30
CA ASN A 110 43.23 -49.92 2.70
C ASN A 110 43.39 -49.39 1.28
N MET A 111 42.28 -49.04 0.66
CA MET A 111 42.30 -48.57 -0.72
C MET A 111 42.82 -47.14 -0.79
N GLU A 112 43.58 -46.85 -1.85
CA GLU A 112 44.21 -45.56 -2.03
C GLU A 112 43.17 -44.46 -2.16
N ASN A 113 42.22 -44.65 -3.08
CA ASN A 113 41.14 -43.70 -3.27
C ASN A 113 39.91 -44.15 -2.51
N LEU A 114 38.98 -43.23 -2.29
CA LEU A 114 37.71 -43.59 -1.67
C LEU A 114 36.60 -43.45 -2.69
N SER A 115 35.45 -44.05 -2.40
CA SER A 115 34.33 -44.03 -3.31
C SER A 115 32.99 -43.89 -2.59
N VAL A 116 32.03 -43.35 -3.32
CA VAL A 116 30.68 -43.14 -2.84
C VAL A 116 29.70 -43.41 -3.97
N ALA A 117 28.46 -43.72 -3.62
CA ALA A 117 27.42 -43.90 -4.64
C ALA A 117 26.35 -42.85 -4.41
N ILE A 118 26.10 -42.03 -5.43
CA ILE A 118 25.18 -40.92 -5.27
C ILE A 118 24.03 -41.01 -6.27
N LYS A 119 22.83 -41.25 -5.74
CA LYS A 119 21.62 -41.18 -6.53
C LYS A 119 21.32 -39.72 -6.87
N ILE A 120 20.99 -39.47 -8.13
CA ILE A 120 20.67 -38.12 -8.59
C ILE A 120 19.18 -37.84 -8.47
N HIS A 121 18.83 -36.95 -7.56
CA HIS A 121 17.44 -36.62 -7.28
C HIS A 121 16.87 -35.60 -8.27
N LYS A 122 15.66 -35.86 -8.75
CA LYS A 122 15.03 -35.09 -9.81
C LYS A 122 13.58 -34.78 -9.50
N TYR A 123 13.14 -33.58 -9.84
CA TYR A 123 11.74 -33.21 -9.69
C TYR A 123 11.26 -32.29 -10.81
N THR A 133 13.69 -30.31 -16.30
CA THR A 133 13.84 -30.99 -15.01
C THR A 133 14.72 -30.19 -14.05
N ASN A 134 14.39 -30.26 -12.77
CA ASN A 134 15.23 -29.71 -11.71
C ASN A 134 15.88 -30.84 -10.93
N TYR A 135 17.01 -30.55 -10.30
CA TYR A 135 17.72 -31.56 -9.53
C TYR A 135 17.83 -31.13 -8.07
N GLY A 136 18.13 -32.08 -7.20
CA GLY A 136 18.51 -31.76 -5.83
C GLY A 136 19.76 -30.90 -5.88
N TYR A 137 20.02 -30.15 -4.81
CA TYR A 137 21.18 -29.25 -4.76
C TYR A 137 22.48 -29.99 -5.02
N CYS A 138 22.80 -30.98 -4.17
CA CYS A 138 23.98 -31.79 -4.41
C CYS A 138 23.80 -32.61 -5.69
N SER A 139 22.60 -33.16 -5.88
CA SER A 139 22.31 -33.93 -7.10
C SER A 139 22.77 -33.19 -8.36
N GLY A 140 22.32 -31.95 -8.53
CA GLY A 140 22.71 -31.16 -9.70
C GLY A 140 24.21 -31.00 -9.78
N PHE A 141 24.84 -30.79 -8.63
CA PHE A 141 26.29 -30.63 -8.54
C PHE A 141 27.04 -31.87 -9.03
N ILE A 142 26.66 -33.03 -8.51
CA ILE A 142 27.32 -34.30 -8.87
C ILE A 142 27.12 -34.64 -10.36
N LYS A 143 25.98 -34.23 -10.90
CA LYS A 143 25.60 -34.49 -12.27
C LYS A 143 26.54 -33.80 -13.26
N ASN A 144 26.89 -32.55 -12.96
CA ASN A 144 27.74 -31.76 -13.85
C ASN A 144 29.22 -31.84 -13.49
N LEU A 145 29.54 -32.68 -12.51
CA LEU A 145 30.92 -32.95 -12.14
C LEU A 145 31.72 -33.48 -13.32
N LYS A 146 32.98 -33.16 -13.40
CA LYS A 146 33.80 -33.69 -14.42
C LYS A 146 34.94 -34.38 -13.77
N ILE A 147 35.52 -35.37 -14.42
CA ILE A 147 36.74 -36.01 -13.96
C ILE A 147 37.86 -35.02 -13.69
N ASN A 148 38.49 -35.09 -12.51
CA ASN A 148 39.54 -34.15 -12.13
C ASN A 148 39.02 -32.84 -11.58
N ASP A 149 37.73 -32.74 -11.38
CA ASP A 149 37.18 -31.60 -10.69
C ASP A 149 37.46 -31.69 -9.21
N ASP A 150 37.53 -30.54 -8.59
CA ASP A 150 37.72 -30.46 -7.17
C ASP A 150 36.45 -30.85 -6.46
N ILE A 151 36.58 -31.44 -5.29
CA ILE A 151 35.45 -31.81 -4.46
C ILE A 151 35.86 -31.75 -3.00
N TYR A 152 35.03 -31.13 -2.18
CA TYR A 152 35.37 -30.84 -0.80
C TYR A 152 34.58 -31.72 0.18
N LEU A 153 35.31 -32.48 1.00
CA LEU A 153 34.71 -33.42 1.95
C LEU A 153 34.87 -32.94 3.39
N THR A 154 33.93 -33.37 4.26
CA THR A 154 34.04 -33.12 5.69
C THR A 154 34.31 -34.41 6.45
N GLY A 155 35.18 -34.31 7.46
CA GLY A 155 35.70 -35.47 8.19
C GLY A 155 34.69 -36.54 8.55
N ALA A 156 35.16 -37.78 8.68
CA ALA A 156 34.28 -38.91 8.96
C ALA A 156 33.11 -38.57 9.87
N HIS A 157 31.92 -39.10 9.54
CA HIS A 157 30.73 -38.95 10.36
C HIS A 157 30.11 -40.30 10.63
N GLY A 158 29.35 -40.42 11.73
CA GLY A 158 28.55 -41.62 12.01
C GLY A 158 29.24 -42.70 12.81
N TYR A 159 28.47 -43.73 13.18
CA TYR A 159 28.98 -44.84 13.97
C TYR A 159 28.45 -46.17 13.44
N PHE A 160 28.26 -46.24 12.13
CA PHE A 160 27.66 -47.41 11.50
C PHE A 160 28.77 -48.37 11.09
N ASN A 161 29.57 -48.79 12.07
CA ASN A 161 30.79 -49.52 11.81
C ASN A 161 30.70 -51.00 12.17
N LEU A 162 31.74 -51.76 11.77
CA LEU A 162 31.84 -53.15 12.16
C LEU A 162 32.32 -53.24 13.60
N PRO A 163 31.98 -54.33 14.30
CA PRO A 163 32.59 -54.54 15.61
C PRO A 163 34.10 -54.64 15.43
N ASN A 164 34.85 -54.03 16.33
CA ASN A 164 36.28 -53.82 16.10
C ASN A 164 37.15 -55.08 16.06
N ASP A 165 36.55 -56.24 16.37
CA ASP A 165 37.28 -57.50 16.26
C ASP A 165 36.55 -58.50 15.36
N ALA A 166 35.97 -57.98 14.29
CA ALA A 166 35.14 -58.79 13.38
C ALA A 166 35.91 -59.90 12.65
N ILE A 167 37.12 -59.59 12.19
CA ILE A 167 37.93 -60.58 11.49
C ILE A 167 38.49 -61.62 12.45
N GLN A 168 38.95 -61.16 13.63
CA GLN A 168 39.44 -62.07 14.65
C GLN A 168 38.34 -63.05 15.09
N LYS A 169 37.15 -62.52 15.31
CA LYS A 169 36.03 -63.29 15.87
C LYS A 169 35.20 -64.01 14.80
N ASN A 170 35.45 -63.70 13.54
CA ASN A 170 34.63 -64.22 12.45
C ASN A 170 33.15 -63.96 12.69
N THR A 171 32.84 -62.82 13.30
CA THR A 171 31.45 -62.52 13.64
C THR A 171 30.55 -62.62 12.42
N ASN A 172 29.36 -63.16 12.63
CA ASN A 172 28.38 -63.32 11.56
C ASN A 172 27.55 -62.06 11.40
N PHE A 173 27.02 -61.84 10.20
CA PHE A 173 26.32 -60.61 9.91
C PHE A 173 25.00 -60.79 9.20
N ILE A 174 24.07 -59.89 9.51
CA ILE A 174 22.87 -59.69 8.72
C ILE A 174 22.91 -58.25 8.24
N PHE A 175 23.01 -58.06 6.93
CA PHE A 175 22.97 -56.73 6.34
C PHE A 175 21.66 -56.54 5.59
N ILE A 176 20.88 -55.54 5.99
CA ILE A 176 19.62 -55.22 5.33
C ILE A 176 19.71 -53.84 4.72
N ALA A 177 19.33 -53.72 3.45
CA ALA A 177 19.48 -52.45 2.74
C ALA A 177 18.40 -52.18 1.70
N THR A 178 18.27 -50.91 1.33
CA THR A 178 17.50 -50.48 0.17
C THR A 178 18.28 -49.38 -0.54
N GLY A 179 18.18 -49.34 -1.87
CA GLY A 179 18.85 -48.31 -2.65
C GLY A 179 20.33 -48.18 -2.36
N THR A 180 20.78 -46.94 -2.14
CA THR A 180 22.18 -46.66 -1.84
C THR A 180 22.60 -47.21 -0.47
N GLY A 181 21.63 -47.74 0.25
CA GLY A 181 21.89 -48.33 1.57
C GLY A 181 22.86 -49.51 1.54
N ILE A 182 23.24 -49.95 0.34
CA ILE A 182 24.14 -51.09 0.21
C ILE A 182 25.61 -50.66 0.36
N SER A 183 25.86 -49.37 0.15
CA SER A 183 27.21 -48.81 0.17
C SER A 183 28.09 -49.22 1.36
N PRO A 184 27.60 -49.04 2.60
CA PRO A 184 28.43 -49.40 3.74
C PRO A 184 28.73 -50.89 3.80
N TYR A 185 27.78 -51.71 3.35
CA TYR A 185 27.96 -53.17 3.32
C TYR A 185 29.04 -53.55 2.31
N ILE A 186 29.10 -52.80 1.22
CA ILE A 186 30.16 -53.00 0.23
C ILE A 186 31.52 -52.68 0.84
N SER A 187 31.59 -51.59 1.61
CA SER A 187 32.82 -51.26 2.33
C SER A 187 33.16 -52.34 3.36
N PHE A 188 32.13 -52.90 3.99
CA PHE A 188 32.32 -53.99 4.95
C PHE A 188 32.92 -55.23 4.29
N LEU A 189 32.33 -55.64 3.16
CA LEU A 189 32.78 -56.81 2.44
C LEU A 189 34.20 -56.64 1.88
N LYS A 190 34.48 -55.45 1.37
CA LYS A 190 35.80 -55.16 0.83
C LYS A 190 36.87 -55.34 1.91
N LYS A 191 36.53 -55.01 3.16
CA LYS A 191 37.45 -55.20 4.26
C LYS A 191 37.54 -56.66 4.68
N LEU A 192 36.38 -57.26 4.98
CA LEU A 192 36.35 -58.63 5.49
C LEU A 192 36.96 -59.64 4.52
N PHE A 193 36.73 -59.44 3.23
CA PHE A 193 37.20 -60.38 2.22
C PHE A 193 38.46 -59.90 1.50
N ALA A 194 39.10 -58.87 2.04
CA ALA A 194 40.33 -58.34 1.47
C ALA A 194 40.24 -58.19 -0.06
N TYR A 195 39.22 -57.47 -0.50
CA TYR A 195 38.97 -57.24 -1.92
C TYR A 195 40.05 -56.38 -2.55
N ASP A 196 40.36 -56.67 -3.81
CA ASP A 196 41.35 -55.92 -4.57
C ASP A 196 40.98 -56.03 -6.04
N LYS A 197 40.58 -54.91 -6.64
CA LYS A 197 40.14 -54.91 -8.03
C LYS A 197 41.26 -55.32 -8.98
N ASN A 198 42.49 -54.96 -8.62
CA ASN A 198 43.65 -55.27 -9.46
C ASN A 198 44.25 -56.63 -9.16
N ASN A 199 43.64 -57.37 -8.25
CA ASN A 199 44.13 -58.69 -7.87
C ASN A 199 43.01 -59.65 -7.47
N LEU A 200 41.93 -59.64 -8.26
CA LEU A 200 40.72 -60.41 -7.95
C LEU A 200 40.95 -61.92 -7.91
N TYR A 201 41.98 -62.38 -8.60
CA TYR A 201 42.23 -63.82 -8.76
C TYR A 201 42.96 -64.47 -7.58
N ASN A 202 42.97 -63.81 -6.43
CA ASN A 202 43.60 -64.37 -5.24
C ASN A 202 42.83 -64.11 -3.93
N ARG A 203 43.00 -65.00 -2.97
CA ARG A 203 42.26 -64.96 -1.70
C ARG A 203 43.06 -65.71 -0.63
N ASN A 204 43.55 -65.05 0.42
CA ASN A 204 43.46 -63.60 0.70
C ASN A 204 42.53 -63.19 1.84
N SER A 205 41.52 -64.01 2.11
CA SER A 205 40.59 -63.74 3.20
C SER A 205 40.80 -64.69 4.38
N ASN A 206 40.85 -64.12 5.58
CA ASN A 206 40.91 -64.90 6.80
C ASN A 206 39.55 -64.93 7.49
N TYR A 207 38.57 -64.30 6.87
CA TYR A 207 37.23 -64.24 7.44
C TYR A 207 36.44 -65.48 7.07
N THR A 208 35.92 -66.18 8.07
CA THR A 208 35.18 -67.41 7.86
C THR A 208 33.78 -67.35 8.43
N GLY A 209 33.30 -66.14 8.69
CA GLY A 209 31.95 -65.96 9.20
C GLY A 209 30.92 -66.16 8.12
N TYR A 210 29.65 -65.95 8.45
CA TYR A 210 28.59 -66.06 7.49
C TYR A 210 27.80 -64.76 7.42
N ILE A 211 27.69 -64.21 6.21
CA ILE A 211 27.02 -62.94 5.99
C ILE A 211 25.76 -63.15 5.18
N THR A 212 24.63 -62.69 5.71
CA THR A 212 23.38 -62.73 4.97
C THR A 212 22.95 -61.31 4.62
N ILE A 213 22.65 -61.09 3.34
CA ILE A 213 22.25 -59.77 2.87
C ILE A 213 20.81 -59.78 2.35
N TYR A 214 20.02 -58.79 2.79
CA TYR A 214 18.68 -58.58 2.25
C TYR A 214 18.65 -57.19 1.61
N TYR A 215 18.39 -57.15 0.30
CA TYR A 215 18.57 -55.93 -0.46
C TYR A 215 17.35 -55.64 -1.34
N GLY A 216 16.72 -54.49 -1.09
CA GLY A 216 15.55 -54.09 -1.84
C GLY A 216 15.87 -52.98 -2.82
N VAL A 217 15.59 -53.24 -4.09
CA VAL A 217 15.76 -52.25 -5.14
C VAL A 217 14.57 -52.41 -6.08
N TYR A 218 14.41 -51.46 -7.01
CA TYR A 218 13.29 -51.52 -7.95
C TYR A 218 13.32 -52.76 -8.84
N ASN A 219 14.39 -52.91 -9.63
CA ASN A 219 14.63 -54.12 -10.40
C ASN A 219 16.11 -54.49 -10.38
N GLU A 220 16.49 -55.52 -11.12
CA GLU A 220 17.88 -56.01 -11.09
C GLU A 220 18.88 -55.07 -11.77
N ASP A 221 18.39 -54.27 -12.71
CA ASP A 221 19.21 -53.21 -13.31
C ASP A 221 19.39 -52.06 -12.32
N SER A 222 18.79 -52.18 -11.16
CA SER A 222 18.88 -51.13 -10.14
C SER A 222 19.77 -51.57 -8.98
N ILE A 223 20.22 -52.82 -9.01
CA ILE A 223 21.15 -53.32 -8.00
C ILE A 223 22.48 -52.59 -8.11
N LEU A 224 22.88 -51.92 -7.04
CA LEU A 224 24.10 -51.14 -7.04
C LEU A 224 25.29 -52.00 -6.59
N TYR A 225 26.44 -51.81 -7.23
CA TYR A 225 27.62 -52.61 -6.95
C TYR A 225 27.37 -54.09 -7.22
N LEU A 226 26.58 -54.35 -8.26
CA LEU A 226 26.31 -55.71 -8.72
C LEU A 226 27.59 -56.47 -9.09
N ASN A 227 28.53 -55.79 -9.73
CA ASN A 227 29.82 -56.41 -10.05
C ASN A 227 30.44 -57.03 -8.79
N GLU A 228 30.60 -56.21 -7.77
CA GLU A 228 31.16 -56.64 -6.49
C GLU A 228 30.33 -57.72 -5.82
N LEU A 229 29.02 -57.46 -5.70
CA LEU A 229 28.11 -58.40 -5.06
C LEU A 229 28.15 -59.76 -5.72
N GLU A 230 28.11 -59.80 -7.06
CA GLU A 230 28.15 -61.06 -7.77
C GLU A 230 29.51 -61.72 -7.62
N TYR A 231 30.56 -60.91 -7.56
CA TYR A 231 31.91 -61.42 -7.34
C TYR A 231 32.04 -62.13 -5.99
N PHE A 232 31.73 -61.43 -4.90
CA PHE A 232 31.83 -62.02 -3.56
C PHE A 232 31.00 -63.31 -3.47
N GLN A 233 29.85 -63.29 -4.13
CA GLN A 233 28.91 -64.42 -4.11
C GLN A 233 29.53 -65.65 -4.80
N LYS A 234 30.34 -65.40 -5.81
CA LYS A 234 30.98 -66.47 -6.58
C LYS A 234 32.25 -66.96 -5.90
N MET A 235 33.02 -66.02 -5.35
CA MET A 235 34.29 -66.34 -4.70
C MET A 235 34.13 -66.96 -3.32
N TYR A 236 33.07 -66.58 -2.61
CA TYR A 236 32.86 -67.05 -1.25
C TYR A 236 31.42 -67.50 -1.03
N PRO A 237 31.02 -68.58 -1.72
CA PRO A 237 29.64 -69.07 -1.65
C PRO A 237 29.30 -69.71 -0.30
N ASN A 238 30.31 -70.03 0.51
CA ASN A 238 30.07 -70.59 1.84
C ASN A 238 30.03 -69.53 2.92
N ASN A 239 30.38 -68.30 2.55
CA ASN A 239 30.46 -67.20 3.49
C ASN A 239 29.38 -66.13 3.31
N ILE A 240 28.69 -66.16 2.17
CA ILE A 240 27.74 -65.08 1.85
C ILE A 240 26.50 -65.58 1.11
N ASN A 241 25.34 -65.06 1.52
CA ASN A 241 24.07 -65.34 0.85
C ASN A 241 23.25 -64.06 0.66
N ILE A 242 22.71 -63.87 -0.54
CA ILE A 242 22.01 -62.63 -0.86
C ILE A 242 20.59 -62.86 -1.39
N HIS A 243 19.64 -62.16 -0.78
CA HIS A 243 18.27 -62.17 -1.26
C HIS A 243 17.88 -60.79 -1.74
N TYR A 244 17.58 -60.71 -3.04
CA TYR A 244 17.14 -59.46 -3.63
C TYR A 244 15.62 -59.38 -3.57
N VAL A 245 15.10 -58.20 -3.26
CA VAL A 245 13.66 -57.99 -3.18
C VAL A 245 13.28 -56.83 -4.09
N PHE A 246 12.66 -57.14 -5.23
CA PHE A 246 12.36 -56.12 -6.23
C PHE A 246 10.95 -55.58 -6.09
N SER A 247 10.85 -54.25 -6.01
CA SER A 247 9.56 -53.59 -5.83
C SER A 247 8.71 -53.59 -7.10
N TYR A 248 9.33 -53.84 -8.26
CA TYR A 248 8.59 -53.81 -9.52
C TYR A 248 7.55 -54.93 -9.62
N LYS A 249 7.79 -56.03 -8.92
CA LYS A 249 6.88 -57.16 -8.94
C LYS A 249 5.45 -56.75 -8.57
N GLN A 250 5.32 -55.63 -7.86
CA GLN A 250 4.01 -55.16 -7.42
C GLN A 250 3.39 -54.15 -8.40
N ASN A 251 2.07 -54.21 -8.52
CA ASN A 251 1.33 -53.54 -9.60
C ASN A 251 1.61 -54.18 -10.97
N THR A 255 -1.26 -54.90 -3.15
CA THR A 255 -0.23 -55.32 -2.20
C THR A 255 1.14 -54.78 -2.55
N SER A 256 1.80 -54.16 -1.56
CA SER A 256 3.20 -53.81 -1.70
C SER A 256 4.01 -54.90 -1.01
N PHE A 257 5.21 -55.17 -1.51
CA PHE A 257 6.07 -56.20 -0.92
C PHE A 257 7.52 -55.73 -0.91
N TYR A 258 8.04 -55.44 0.28
CA TYR A 258 9.37 -54.86 0.41
C TYR A 258 10.31 -55.76 1.20
N VAL A 259 11.50 -55.25 1.48
CA VAL A 259 12.54 -56.05 2.14
C VAL A 259 12.10 -56.56 3.52
N GLN A 260 11.33 -55.77 4.25
CA GLN A 260 10.82 -56.19 5.57
C GLN A 260 9.92 -57.41 5.42
N ASP A 261 9.04 -57.36 4.41
CA ASP A 261 8.07 -58.42 4.18
C ASP A 261 8.74 -59.76 3.85
N GLU A 262 9.89 -59.67 3.20
CA GLU A 262 10.70 -60.85 2.90
C GLU A 262 11.31 -61.43 4.17
N ILE A 263 11.84 -60.55 5.00
CA ILE A 263 12.33 -60.95 6.31
C ILE A 263 11.20 -61.62 7.07
N TYR A 264 10.00 -61.05 6.95
CA TYR A 264 8.86 -61.61 7.67
C TYR A 264 8.50 -63.00 7.17
N LYS A 265 8.53 -63.16 5.85
CA LYS A 265 8.29 -64.47 5.24
C LYS A 265 9.27 -65.49 5.80
N ARG A 266 10.52 -65.06 5.98
CA ARG A 266 11.57 -65.93 6.49
C ARG A 266 11.78 -65.73 7.99
N LYS A 267 10.71 -65.59 8.75
CA LYS A 267 10.82 -65.22 10.14
C LYS A 267 11.66 -66.16 10.95
N THR A 268 11.35 -67.44 10.89
CA THR A 268 12.08 -68.44 11.65
C THR A 268 13.55 -68.52 11.26
N GLU A 269 13.82 -68.51 9.97
CA GLU A 269 15.19 -68.55 9.46
C GLU A 269 15.94 -67.30 9.89
N PHE A 270 15.28 -66.15 9.83
CA PHE A 270 15.87 -64.89 10.25
C PHE A 270 16.17 -64.89 11.75
N LEU A 271 15.23 -65.40 12.53
CA LEU A 271 15.41 -65.53 13.99
C LEU A 271 16.56 -66.48 14.33
N ASN A 272 16.61 -67.60 13.61
CA ASN A 272 17.71 -68.56 13.76
C ASN A 272 19.07 -67.88 13.66
N LEU A 273 19.27 -67.13 12.57
CA LEU A 273 20.54 -66.46 12.30
C LEU A 273 20.92 -65.49 13.40
N PHE A 274 19.96 -64.67 13.83
CA PHE A 274 20.24 -63.68 14.86
C PHE A 274 20.49 -64.31 16.23
N ASN A 275 19.71 -65.33 16.57
CA ASN A 275 19.84 -65.98 17.86
C ASN A 275 20.97 -67.00 17.93
N ASN A 276 20.87 -68.06 17.11
CA ASN A 276 21.85 -69.14 17.14
C ASN A 276 23.24 -68.77 16.64
N TYR A 277 23.32 -67.86 15.68
CA TYR A 277 24.61 -67.49 15.10
C TYR A 277 25.10 -66.11 15.57
N LYS A 278 24.45 -65.58 16.59
CA LYS A 278 24.85 -64.31 17.18
C LYS A 278 25.22 -63.25 16.14
N CYS A 279 24.37 -63.11 15.13
CA CYS A 279 24.62 -62.13 14.07
C CYS A 279 24.58 -60.70 14.59
N GLU A 280 25.51 -59.89 14.10
CA GLU A 280 25.46 -58.45 14.29
C GLU A 280 24.51 -57.94 13.22
N LEU A 281 23.46 -57.24 13.63
CA LEU A 281 22.38 -56.86 12.70
C LEU A 281 22.41 -55.40 12.29
N TYR A 282 22.44 -55.17 10.97
CA TYR A 282 22.53 -53.84 10.40
C TYR A 282 21.32 -53.51 9.52
N ILE A 283 20.83 -52.27 9.62
CA ILE A 283 19.75 -51.80 8.77
C ILE A 283 20.16 -50.48 8.11
N CYS A 284 20.11 -50.41 6.79
CA CYS A 284 20.48 -49.17 6.09
C CYS A 284 19.58 -48.86 4.89
N GLY A 285 18.79 -47.81 5.02
CA GLY A 285 17.91 -47.39 3.94
C GLY A 285 16.59 -46.86 4.47
N LYS A 286 15.48 -47.43 4.01
CA LYS A 286 14.17 -46.95 4.39
C LYS A 286 13.95 -47.02 5.90
N LYS A 287 13.34 -45.97 6.45
CA LYS A 287 13.08 -45.89 7.87
C LYS A 287 12.07 -46.93 8.32
N SER A 288 11.15 -47.28 7.43
CA SER A 288 10.12 -48.26 7.76
C SER A 288 10.69 -49.64 8.07
N ILE A 289 11.70 -50.07 7.32
CA ILE A 289 12.27 -51.39 7.57
C ILE A 289 12.25 -51.75 9.06
N ARG A 290 12.48 -50.75 9.90
CA ARG A 290 12.67 -50.96 11.33
C ARG A 290 11.57 -51.77 12.02
N TYR A 291 10.36 -51.21 12.09
CA TYR A 291 9.31 -51.77 12.93
C TYR A 291 9.07 -53.27 12.70
N LYS A 292 8.85 -53.66 11.45
CA LYS A 292 8.56 -55.06 11.16
C LYS A 292 9.72 -55.99 11.55
N VAL A 293 10.95 -55.53 11.32
CA VAL A 293 12.13 -56.33 11.65
C VAL A 293 12.38 -56.36 13.15
N MET A 294 12.20 -55.22 13.80
CA MET A 294 12.34 -55.13 15.25
C MET A 294 11.27 -55.97 15.94
N ASP A 295 10.07 -55.96 15.38
CA ASP A 295 8.96 -56.75 15.91
C ASP A 295 9.30 -58.23 15.92
N ILE A 296 9.85 -58.72 14.80
CA ILE A 296 10.22 -60.13 14.70
C ILE A 296 11.16 -60.49 15.84
N LEU A 297 12.15 -59.65 16.08
CA LEU A 297 13.12 -59.92 17.15
C LEU A 297 12.46 -59.93 18.53
N LYS A 298 11.58 -58.97 18.76
CA LYS A 298 10.88 -58.86 20.03
C LYS A 298 9.96 -60.04 20.35
N SER A 299 9.25 -60.54 19.34
CA SER A 299 8.24 -61.57 19.54
C SER A 299 8.74 -62.90 20.11
N ASP A 304 16.72 -58.27 24.99
CA ASP A 304 17.81 -58.02 25.88
C ASP A 304 18.48 -56.73 25.48
N GLU A 305 19.07 -56.12 26.46
CA GLU A 305 19.96 -55.03 26.29
C GLU A 305 21.21 -55.56 25.58
N LYS A 306 21.60 -56.80 25.89
CA LYS A 306 22.76 -57.41 25.27
C LYS A 306 22.54 -57.59 23.78
N LYS A 307 21.30 -57.77 23.38
CA LYS A 307 20.86 -57.77 22.01
C LYS A 307 20.84 -56.43 21.24
N LYS A 308 20.44 -55.37 21.90
CA LYS A 308 20.31 -54.05 21.28
C LYS A 308 21.66 -53.47 20.84
N LYS A 309 22.73 -53.87 21.52
CA LYS A 309 24.07 -53.47 21.14
C LYS A 309 24.49 -54.17 19.85
N ARG A 310 23.75 -55.22 19.49
CA ARG A 310 24.03 -55.99 18.28
C ARG A 310 23.23 -55.48 17.09
N VAL A 311 22.40 -54.46 17.31
CA VAL A 311 21.57 -53.91 16.24
C VAL A 311 22.02 -52.51 15.87
N HIS A 312 22.15 -52.26 14.58
CA HIS A 312 22.64 -50.97 14.09
C HIS A 312 21.73 -50.42 13.01
N VAL A 313 21.37 -49.15 13.13
CA VAL A 313 20.42 -48.54 12.22
C VAL A 313 20.91 -47.21 11.67
N GLU A 314 20.81 -47.07 10.35
CA GLU A 314 21.09 -45.80 9.68
C GLU A 314 20.06 -45.64 8.57
N VAL A 315 19.06 -44.80 8.82
CA VAL A 315 18.00 -44.59 7.83
C VAL A 315 17.97 -43.17 7.29
N TYR A 316 17.56 -43.03 6.03
CA TYR A 316 17.46 -41.72 5.40
C TYR A 316 16.52 -41.76 4.20
N ASN B 5 4.53 -15.11 -9.83
CA ASN B 5 4.13 -13.81 -9.21
C ASN B 5 4.60 -13.68 -7.76
N PHE B 6 4.54 -14.79 -7.02
CA PHE B 6 4.97 -14.79 -5.62
C PHE B 6 6.26 -15.59 -5.43
N ILE B 7 6.60 -16.42 -6.41
CA ILE B 7 7.80 -17.25 -6.33
C ILE B 7 9.09 -16.43 -6.10
N ASN B 8 9.84 -16.81 -5.08
CA ASN B 8 11.16 -16.25 -4.82
C ASN B 8 11.20 -14.77 -4.44
N LEU B 9 10.06 -14.27 -3.94
CA LEU B 9 10.03 -12.93 -3.36
C LEU B 9 11.10 -12.85 -2.28
N TYR B 10 11.23 -13.92 -1.51
CA TYR B 10 12.26 -14.00 -0.49
C TYR B 10 13.20 -15.16 -0.79
N THR B 11 14.49 -14.90 -0.65
CA THR B 11 15.51 -15.87 -0.99
C THR B 11 16.45 -16.07 0.18
N VAL B 12 17.45 -16.91 -0.01
CA VAL B 12 18.45 -17.14 1.02
C VAL B 12 19.25 -15.86 1.22
N LYS B 13 19.23 -15.00 0.20
CA LYS B 13 19.95 -13.73 0.24
C LYS B 13 19.17 -12.68 1.03
N ASN B 14 17.86 -12.63 0.82
CA ASN B 14 16.99 -11.73 1.59
C ASN B 14 15.81 -12.47 2.22
N PRO B 15 16.07 -13.24 3.29
CA PRO B 15 14.99 -13.97 3.93
C PRO B 15 14.08 -13.02 4.72
N LEU B 16 12.80 -13.38 4.84
CA LEU B 16 11.85 -12.57 5.60
C LEU B 16 11.85 -12.97 7.07
N LYS B 17 12.11 -12.00 7.94
CA LYS B 17 12.12 -12.20 9.38
C LYS B 17 10.68 -12.30 9.90
N CYS B 18 10.36 -13.43 10.52
CA CYS B 18 9.01 -13.68 11.02
C CYS B 18 9.00 -14.01 12.50
N LYS B 19 7.80 -14.14 13.06
CA LYS B 19 7.64 -14.48 14.47
C LYS B 19 6.82 -15.75 14.67
N ILE B 20 7.24 -16.55 15.63
CA ILE B 20 6.47 -17.70 16.08
C ILE B 20 5.33 -17.26 16.99
N VAL B 21 4.09 -17.52 16.58
CA VAL B 21 2.91 -17.19 17.38
C VAL B 21 2.45 -18.36 18.24
N ASP B 22 2.42 -19.55 17.63
CA ASP B 22 2.08 -20.76 18.38
C ASP B 22 2.90 -21.95 17.87
N LYS B 23 3.01 -22.96 18.72
CA LYS B 23 3.77 -24.17 18.42
C LYS B 23 3.00 -25.31 19.06
N ILE B 24 2.44 -26.19 18.23
CA ILE B 24 1.45 -27.15 18.69
C ILE B 24 1.81 -28.58 18.28
N ASN B 25 1.72 -29.49 19.24
CA ASN B 25 1.91 -30.90 18.94
C ASN B 25 0.71 -31.41 18.13
N LEU B 26 0.98 -31.81 16.89
CA LEU B 26 -0.08 -32.18 15.94
C LEU B 26 -0.57 -33.61 16.05
N VAL B 27 0.23 -34.47 16.67
CA VAL B 27 -0.16 -35.86 16.83
C VAL B 27 -0.65 -36.15 18.25
N ARG B 28 -1.23 -37.32 18.43
CA ARG B 28 -1.75 -37.73 19.71
C ARG B 28 -0.93 -38.89 20.26
N PRO B 29 -1.02 -39.15 21.58
CA PRO B 29 -0.09 -39.99 22.33
C PRO B 29 0.31 -41.32 21.69
N ASN B 30 -0.62 -42.01 21.04
CA ASN B 30 -0.31 -43.31 20.45
C ASN B 30 0.55 -43.22 19.18
N SER B 31 0.89 -42.00 18.77
CA SER B 31 1.74 -41.80 17.61
C SER B 31 3.21 -41.97 17.97
N PRO B 32 3.99 -42.62 17.10
CA PRO B 32 5.43 -42.74 17.30
C PRO B 32 6.16 -41.52 16.75
N ASN B 33 5.41 -40.62 16.14
CA ASN B 33 5.97 -39.44 15.53
C ASN B 33 5.92 -38.20 16.42
N GLU B 34 6.79 -37.25 16.12
CA GLU B 34 6.75 -35.94 16.74
C GLU B 34 6.60 -34.92 15.61
N VAL B 35 5.52 -34.17 15.62
CA VAL B 35 5.34 -33.13 14.62
C VAL B 35 4.65 -31.89 15.16
N TYR B 36 5.24 -30.73 14.86
CA TYR B 36 4.78 -29.47 15.40
C TYR B 36 4.12 -28.60 14.34
N HIS B 37 2.95 -28.08 14.69
CA HIS B 37 2.25 -27.09 13.88
C HIS B 37 2.70 -25.72 14.32
N LEU B 38 3.32 -24.97 13.41
CA LEU B 38 3.79 -23.62 13.74
C LEU B 38 2.85 -22.57 13.18
N GLU B 39 2.36 -21.67 14.05
CA GLU B 39 1.69 -20.48 13.56
C GLU B 39 2.72 -19.37 13.46
N ILE B 40 2.81 -18.76 12.28
CA ILE B 40 3.87 -17.79 12.01
C ILE B 40 3.32 -16.44 11.54
N ASN B 41 3.73 -15.38 12.24
CA ASN B 41 3.34 -14.01 11.88
C ASN B 41 4.40 -13.40 10.96
N HIS B 42 3.98 -13.10 9.74
CA HIS B 42 4.88 -12.57 8.73
C HIS B 42 4.46 -11.14 8.37
N ASN B 43 3.55 -10.59 9.15
CA ASN B 43 3.04 -9.23 8.97
C ASN B 43 2.43 -8.96 7.60
N GLY B 44 1.75 -9.96 7.05
CA GLY B 44 1.13 -9.87 5.73
C GLY B 44 2.13 -9.80 4.60
N LEU B 45 3.41 -9.82 4.93
CA LEU B 45 4.49 -9.64 3.95
C LEU B 45 4.83 -10.87 3.10
N PHE B 46 4.59 -12.07 3.63
CA PHE B 46 4.88 -13.28 2.88
C PHE B 46 3.73 -13.62 1.94
N LYS B 47 4.02 -13.64 0.65
CA LYS B 47 2.99 -13.86 -0.36
C LYS B 47 3.08 -15.27 -0.92
N TYR B 48 1.92 -15.92 -1.01
CA TYR B 48 1.88 -17.29 -1.49
C TYR B 48 0.48 -17.63 -1.94
N LEU B 49 0.38 -18.67 -2.77
CA LEU B 49 -0.89 -19.26 -3.10
C LEU B 49 -1.01 -20.58 -2.37
N GLU B 50 -2.23 -21.01 -2.11
CA GLU B 50 -2.44 -22.32 -1.52
C GLU B 50 -1.64 -23.37 -2.31
N GLY B 51 -0.95 -24.24 -1.59
CA GLY B 51 -0.16 -25.29 -2.22
C GLY B 51 1.32 -24.98 -2.23
N HIS B 52 1.67 -23.71 -2.04
CA HIS B 52 3.08 -23.32 -2.04
C HIS B 52 3.81 -23.84 -0.81
N THR B 53 5.13 -23.87 -0.94
CA THR B 53 5.99 -24.16 0.17
C THR B 53 6.79 -22.91 0.51
N CYS B 54 7.28 -22.86 1.73
CA CYS B 54 8.22 -21.83 2.13
C CYS B 54 9.49 -22.54 2.52
N GLY B 55 10.59 -21.80 2.57
CA GLY B 55 11.82 -22.33 3.13
C GLY B 55 12.01 -21.76 4.52
N ILE B 56 12.55 -22.58 5.41
CA ILE B 56 12.94 -22.11 6.73
C ILE B 56 14.46 -22.24 6.82
N ILE B 57 15.13 -21.17 7.21
CA ILE B 57 16.58 -21.21 7.40
C ILE B 57 16.91 -21.34 8.88
N PRO B 58 17.32 -22.56 9.29
CA PRO B 58 17.61 -22.81 10.70
C PRO B 58 18.79 -21.97 11.21
N TYR B 59 18.65 -21.45 12.42
CA TYR B 59 19.72 -20.72 13.11
C TYR B 59 20.19 -19.44 12.39
N TYR B 60 19.36 -18.90 11.50
CA TYR B 60 19.70 -17.65 10.82
C TYR B 60 19.76 -16.48 11.79
N ASN B 61 20.71 -15.58 11.57
CA ASN B 61 20.83 -14.34 12.34
C ASN B 61 21.33 -13.20 11.45
N GLU B 62 21.28 -11.97 11.97
CA GLU B 62 21.72 -10.81 11.20
C GLU B 62 23.24 -10.64 11.25
N ILE B 94 28.52 -18.30 15.84
CA ILE B 94 28.03 -19.29 14.90
C ILE B 94 28.76 -19.23 13.55
N LYS B 95 28.28 -20.01 12.59
CA LYS B 95 28.91 -20.08 11.27
C LYS B 95 27.96 -19.57 10.18
N LYS B 96 28.41 -19.58 8.93
CA LYS B 96 27.60 -19.06 7.83
C LYS B 96 26.91 -20.14 7.02
N GLN B 97 26.25 -21.06 7.71
CA GLN B 97 25.42 -22.09 7.09
C GLN B 97 24.04 -21.54 6.77
N ARG B 98 23.82 -21.11 5.53
CA ARG B 98 22.47 -20.77 5.09
C ARG B 98 21.86 -21.95 4.34
N CYS B 99 21.31 -22.89 5.10
CA CYS B 99 20.85 -24.15 4.55
C CYS B 99 19.34 -24.33 4.78
N ALA B 100 18.56 -23.92 3.79
CA ALA B 100 17.10 -23.85 3.94
C ALA B 100 16.40 -25.16 3.63
N ARG B 101 15.30 -25.40 4.33
CA ARG B 101 14.45 -26.57 4.08
C ARG B 101 13.05 -26.14 3.70
N LEU B 102 12.40 -26.94 2.86
CA LEU B 102 11.07 -26.62 2.39
C LEU B 102 10.00 -27.26 3.26
N TYR B 103 8.96 -26.49 3.54
CA TYR B 103 7.82 -26.97 4.30
C TYR B 103 6.55 -26.43 3.67
N SER B 104 5.57 -27.31 3.50
CA SER B 104 4.33 -26.92 2.86
C SER B 104 3.49 -26.06 3.80
N ILE B 105 2.92 -25.00 3.25
CA ILE B 105 2.08 -24.09 4.01
C ILE B 105 0.70 -24.72 4.15
N SER B 106 0.20 -24.79 5.37
CA SER B 106 -1.08 -25.45 5.62
C SER B 106 -2.23 -24.48 5.93
N SER B 107 -1.98 -23.19 5.70
CA SER B 107 -3.00 -22.16 5.90
C SER B 107 -3.52 -21.63 4.57
N SER B 108 -4.59 -20.83 4.62
CA SER B 108 -5.13 -20.18 3.42
C SER B 108 -4.65 -18.73 3.35
N ASN B 109 -4.61 -18.18 2.13
CA ASN B 109 -4.10 -16.82 1.86
C ASN B 109 -4.73 -15.73 2.71
N ASN B 110 -6.01 -15.88 3.00
CA ASN B 110 -6.80 -14.86 3.68
C ASN B 110 -6.52 -14.79 5.17
N MET B 111 -5.79 -15.77 5.69
CA MET B 111 -5.48 -15.80 7.11
C MET B 111 -4.31 -14.87 7.43
N GLU B 112 -4.39 -14.19 8.55
CA GLU B 112 -3.35 -13.25 8.94
C GLU B 112 -2.01 -13.97 9.00
N ASN B 113 -1.95 -15.02 9.81
CA ASN B 113 -0.74 -15.84 9.96
C ASN B 113 -0.71 -17.03 9.01
N LEU B 114 0.47 -17.62 8.83
CA LEU B 114 0.61 -18.82 8.00
C LEU B 114 0.93 -20.07 8.85
N SER B 115 0.58 -21.23 8.32
CA SER B 115 0.76 -22.50 9.02
C SER B 115 1.81 -23.37 8.36
N VAL B 116 2.41 -24.25 9.15
CA VAL B 116 3.38 -25.22 8.67
C VAL B 116 3.42 -26.38 9.67
N ALA B 117 3.52 -27.60 9.17
CA ALA B 117 3.62 -28.78 10.03
C ALA B 117 4.94 -29.49 9.79
N ILE B 118 5.75 -29.59 10.84
CA ILE B 118 7.10 -30.10 10.72
C ILE B 118 7.33 -31.34 11.57
N LYS B 119 7.63 -32.45 10.90
CA LYS B 119 8.00 -33.69 11.56
C LYS B 119 9.43 -33.54 12.09
N ILE B 120 9.64 -33.94 13.34
CA ILE B 120 10.96 -33.85 13.95
C ILE B 120 11.70 -35.16 13.74
N HIS B 121 12.75 -35.12 12.93
CA HIS B 121 13.52 -36.31 12.58
C HIS B 121 14.58 -36.61 13.65
N LYS B 122 14.65 -37.88 14.05
CA LYS B 122 15.58 -38.31 15.09
C LYS B 122 16.44 -39.48 14.64
N TYR B 123 17.66 -39.55 15.17
CA TYR B 123 18.49 -40.76 15.08
C TYR B 123 19.34 -40.88 16.33
N GLU B 124 20.03 -42.00 16.49
CA GLU B 124 20.92 -42.18 17.64
C GLU B 124 22.10 -43.09 17.34
N THR B 133 19.36 -38.59 22.07
CA THR B 133 19.21 -38.79 20.64
C THR B 133 19.68 -37.56 19.86
N ASN B 134 19.94 -37.75 18.56
CA ASN B 134 20.32 -36.66 17.69
C ASN B 134 19.13 -36.22 16.83
N TYR B 135 19.16 -35.00 16.33
CA TYR B 135 18.07 -34.48 15.51
C TYR B 135 18.53 -34.06 14.13
N GLY B 136 17.62 -34.11 13.16
CA GLY B 136 17.89 -33.50 11.87
C GLY B 136 18.36 -32.09 12.11
N TYR B 137 18.86 -31.44 11.06
CA TYR B 137 19.40 -30.08 11.19
C TYR B 137 18.33 -29.06 11.53
N CYS B 138 17.31 -28.96 10.67
CA CYS B 138 16.18 -28.09 10.94
C CYS B 138 15.29 -28.65 12.06
N SER B 139 15.11 -29.97 12.09
CA SER B 139 14.28 -30.60 13.12
C SER B 139 14.66 -30.18 14.54
N GLY B 140 15.95 -30.17 14.82
CA GLY B 140 16.44 -29.79 16.14
C GLY B 140 16.19 -28.31 16.42
N PHE B 141 16.31 -27.49 15.39
CA PHE B 141 16.05 -26.06 15.52
C PHE B 141 14.58 -25.80 15.85
N ILE B 142 13.68 -26.51 15.16
CA ILE B 142 12.25 -26.38 15.45
C ILE B 142 11.93 -26.95 16.83
N LYS B 143 12.56 -28.07 17.14
CA LYS B 143 12.38 -28.72 18.44
C LYS B 143 12.58 -27.68 19.53
N ASN B 144 13.65 -26.91 19.39
CA ASN B 144 14.06 -25.95 20.41
C ASN B 144 13.37 -24.58 20.31
N LEU B 145 12.59 -24.38 19.25
CA LEU B 145 11.90 -23.10 19.06
C LEU B 145 10.95 -22.74 20.20
N LYS B 146 11.01 -21.47 20.61
CA LYS B 146 10.09 -20.96 21.62
C LYS B 146 9.07 -20.00 20.98
N ILE B 147 7.95 -19.81 21.67
CA ILE B 147 6.97 -18.81 21.29
C ILE B 147 7.62 -17.43 21.26
N ASN B 148 7.40 -16.70 20.16
CA ASN B 148 7.97 -15.37 19.95
C ASN B 148 9.44 -15.34 19.49
N ASP B 149 10.00 -16.50 19.17
CA ASP B 149 11.33 -16.56 18.57
C ASP B 149 11.29 -16.04 17.12
N ASP B 150 12.44 -15.57 16.64
CA ASP B 150 12.59 -15.21 15.24
C ASP B 150 12.71 -16.47 14.38
N ILE B 151 12.05 -16.46 13.23
CA ILE B 151 12.24 -17.51 12.23
C ILE B 151 12.28 -16.89 10.85
N TYR B 152 13.22 -17.33 10.01
CA TYR B 152 13.46 -16.68 8.73
C TYR B 152 12.99 -17.52 7.53
N LEU B 153 12.05 -16.97 6.77
CA LEU B 153 11.42 -17.65 5.65
C LEU B 153 11.94 -17.19 4.28
N THR B 154 11.96 -18.13 3.33
CA THR B 154 12.17 -17.82 1.92
C THR B 154 10.94 -18.31 1.16
N GLY B 155 10.75 -17.83 -0.07
CA GLY B 155 9.63 -18.29 -0.89
C GLY B 155 8.79 -17.18 -1.50
N ALA B 156 7.64 -17.54 -2.08
CA ALA B 156 7.16 -18.92 -2.09
C ALA B 156 7.89 -19.78 -3.12
N HIS B 157 7.67 -21.09 -3.04
CA HIS B 157 8.25 -22.03 -3.99
C HIS B 157 7.19 -23.01 -4.46
N GLY B 158 7.45 -23.64 -5.62
CA GLY B 158 6.61 -24.72 -6.11
C GLY B 158 5.48 -24.29 -7.02
N TYR B 159 4.77 -25.27 -7.56
CA TYR B 159 3.65 -25.01 -8.44
C TYR B 159 2.55 -26.04 -8.18
N PHE B 160 2.55 -26.57 -6.96
CA PHE B 160 1.58 -27.56 -6.54
C PHE B 160 0.28 -26.83 -6.16
N ASN B 161 -0.34 -26.20 -7.14
CA ASN B 161 -1.43 -25.27 -6.89
C ASN B 161 -2.78 -25.67 -7.47
N LEU B 162 -3.85 -25.07 -6.92
CA LEU B 162 -5.20 -25.29 -7.43
C LEU B 162 -5.37 -24.63 -8.80
N PRO B 163 -6.30 -25.16 -9.60
CA PRO B 163 -6.76 -24.49 -10.82
C PRO B 163 -7.33 -23.13 -10.46
N ASN B 164 -7.04 -22.11 -11.28
CA ASN B 164 -7.35 -20.73 -10.93
C ASN B 164 -8.84 -20.36 -10.86
N ASP B 165 -9.72 -21.31 -11.15
CA ASP B 165 -11.16 -21.05 -11.12
C ASP B 165 -11.92 -22.17 -10.41
N ALA B 166 -11.21 -22.91 -9.55
CA ALA B 166 -11.76 -24.09 -8.91
C ALA B 166 -13.09 -23.86 -8.23
N ILE B 167 -13.19 -22.82 -7.41
CA ILE B 167 -14.44 -22.51 -6.72
C ILE B 167 -15.57 -22.16 -7.68
N GLN B 168 -15.31 -21.31 -8.67
CA GLN B 168 -16.36 -20.95 -9.61
C GLN B 168 -16.86 -22.12 -10.44
N LYS B 169 -15.96 -22.99 -10.90
CA LYS B 169 -16.34 -24.11 -11.75
C LYS B 169 -16.74 -25.32 -10.91
N ASN B 170 -16.61 -25.18 -9.59
CA ASN B 170 -16.90 -26.28 -8.68
C ASN B 170 -16.21 -27.57 -9.10
N THR B 171 -14.91 -27.46 -9.36
CA THR B 171 -14.14 -28.61 -9.85
C THR B 171 -13.94 -29.67 -8.78
N ASN B 172 -13.95 -30.93 -9.18
CA ASN B 172 -13.78 -32.04 -8.27
C ASN B 172 -12.30 -32.39 -8.11
N PHE B 173 -11.96 -33.02 -6.99
CA PHE B 173 -10.56 -33.35 -6.71
C PHE B 173 -10.37 -34.75 -6.15
N ILE B 174 -9.19 -35.31 -6.41
CA ILE B 174 -8.69 -36.46 -5.66
C ILE B 174 -7.35 -36.06 -5.06
N PHE B 175 -7.28 -36.00 -3.73
CA PHE B 175 -6.02 -35.69 -3.05
C PHE B 175 -5.44 -36.96 -2.46
N ILE B 176 -4.17 -37.23 -2.75
CA ILE B 176 -3.49 -38.39 -2.20
C ILE B 176 -2.29 -37.94 -1.36
N ALA B 177 -2.22 -38.41 -0.12
CA ALA B 177 -1.20 -37.93 0.81
C ALA B 177 -0.61 -39.01 1.72
N THR B 178 0.61 -38.75 2.19
CA THR B 178 1.22 -39.51 3.27
C THR B 178 1.86 -38.54 4.25
N GLY B 179 1.72 -38.82 5.55
CA GLY B 179 2.36 -38.00 6.57
C GLY B 179 2.10 -36.50 6.42
N THR B 180 3.15 -35.71 6.38
CA THR B 180 3.01 -34.26 6.27
C THR B 180 2.55 -33.83 4.89
N GLY B 181 2.38 -34.81 4.01
CA GLY B 181 1.87 -34.56 2.67
C GLY B 181 0.42 -34.11 2.64
N ILE B 182 -0.24 -34.09 3.79
CA ILE B 182 -1.63 -33.62 3.82
C ILE B 182 -1.67 -32.09 3.84
N SER B 183 -0.55 -31.49 4.22
CA SER B 183 -0.45 -30.03 4.42
C SER B 183 -1.08 -29.16 3.32
N PRO B 184 -0.63 -29.31 2.07
CA PRO B 184 -1.21 -28.46 1.03
C PRO B 184 -2.69 -28.74 0.79
N TYR B 185 -3.13 -29.94 1.15
CA TYR B 185 -4.55 -30.29 1.00
C TYR B 185 -5.38 -29.59 2.07
N ILE B 186 -4.80 -29.40 3.25
CA ILE B 186 -5.43 -28.61 4.30
C ILE B 186 -5.56 -27.17 3.84
N SER B 187 -4.50 -26.67 3.19
CA SER B 187 -4.51 -25.32 2.63
C SER B 187 -5.62 -25.18 1.60
N PHE B 188 -5.68 -26.12 0.66
CA PHE B 188 -6.73 -26.15 -0.33
C PHE B 188 -8.12 -26.10 0.31
N LEU B 189 -8.35 -26.98 1.29
CA LEU B 189 -9.67 -27.10 1.91
C LEU B 189 -10.07 -25.82 2.62
N LYS B 190 -9.11 -25.16 3.26
CA LYS B 190 -9.37 -23.91 3.96
C LYS B 190 -9.79 -22.82 2.98
N LYS B 191 -9.22 -22.83 1.77
CA LYS B 191 -9.64 -21.88 0.75
C LYS B 191 -11.01 -22.22 0.18
N LEU B 192 -11.20 -23.49 -0.18
CA LEU B 192 -12.42 -23.92 -0.84
C LEU B 192 -13.65 -23.82 0.06
N PHE B 193 -13.51 -24.25 1.32
CA PHE B 193 -14.64 -24.27 2.24
C PHE B 193 -14.71 -23.03 3.13
N ALA B 194 -13.89 -22.03 2.82
CA ALA B 194 -13.90 -20.76 3.54
C ALA B 194 -13.63 -20.89 5.04
N TYR B 195 -12.77 -21.83 5.40
CA TYR B 195 -12.45 -22.12 6.79
C TYR B 195 -12.10 -20.89 7.62
N ASP B 196 -12.74 -20.77 8.78
CA ASP B 196 -12.38 -19.77 9.76
C ASP B 196 -12.49 -20.35 11.17
N LYS B 197 -11.36 -20.43 11.84
CA LYS B 197 -11.28 -21.02 13.17
C LYS B 197 -12.21 -20.29 14.13
N ASN B 198 -12.32 -18.98 13.94
CA ASN B 198 -13.11 -18.14 14.82
C ASN B 198 -14.56 -17.96 14.36
N ASN B 199 -14.96 -18.69 13.32
CA ASN B 199 -16.34 -18.70 12.86
C ASN B 199 -16.74 -20.03 12.22
N LEU B 200 -16.58 -21.10 12.98
CA LEU B 200 -16.82 -22.46 12.49
C LEU B 200 -18.29 -22.80 12.40
N TYR B 201 -19.14 -21.98 13.01
CA TYR B 201 -20.58 -22.25 13.06
C TYR B 201 -21.32 -21.67 11.84
N ASN B 202 -20.57 -20.99 10.97
CA ASN B 202 -21.12 -20.48 9.72
C ASN B 202 -20.78 -21.43 8.57
N ARG B 203 -21.71 -21.58 7.62
CA ARG B 203 -21.48 -22.44 6.47
C ARG B 203 -20.52 -21.75 5.49
N ASN B 204 -20.95 -20.60 4.97
CA ASN B 204 -20.08 -19.68 4.22
C ASN B 204 -19.23 -20.19 3.06
N SER B 205 -19.46 -21.42 2.61
CA SER B 205 -18.63 -21.98 1.53
C SER B 205 -19.30 -21.57 0.23
N TYR B 207 -18.58 -23.21 -2.67
CA TYR B 207 -17.99 -24.32 -3.40
C TYR B 207 -18.79 -25.60 -3.17
N THR B 208 -19.09 -26.31 -4.24
CA THR B 208 -19.90 -27.52 -4.15
C THR B 208 -19.43 -28.67 -5.05
N GLY B 209 -18.12 -28.80 -5.20
CA GLY B 209 -17.55 -29.94 -5.91
C GLY B 209 -17.35 -31.11 -4.98
N TYR B 210 -16.81 -32.22 -5.50
CA TYR B 210 -16.57 -33.40 -4.68
C TYR B 210 -15.09 -33.69 -4.52
N ILE B 211 -14.66 -33.88 -3.28
CA ILE B 211 -13.26 -34.15 -2.98
C ILE B 211 -13.09 -35.52 -2.34
N THR B 212 -12.18 -36.32 -2.90
CA THR B 212 -11.88 -37.64 -2.35
C THR B 212 -10.44 -37.65 -1.85
N ILE B 213 -10.28 -37.97 -0.57
CA ILE B 213 -8.96 -37.92 0.06
C ILE B 213 -8.47 -39.31 0.44
N TYR B 214 -7.27 -39.65 -0.02
CA TYR B 214 -6.61 -40.89 0.37
C TYR B 214 -5.38 -40.52 1.18
N TYR B 215 -5.38 -40.89 2.45
CA TYR B 215 -4.37 -40.41 3.37
C TYR B 215 -3.73 -41.54 4.15
N GLY B 216 -2.45 -41.74 3.92
CA GLY B 216 -1.69 -42.80 4.58
C GLY B 216 -0.87 -42.28 5.74
N VAL B 217 -1.11 -42.85 6.91
CA VAL B 217 -0.36 -42.51 8.11
C VAL B 217 -0.17 -43.80 8.92
N TYR B 218 0.62 -43.72 10.00
CA TYR B 218 0.91 -44.91 10.80
C TYR B 218 -0.33 -45.46 11.52
N ASN B 219 -1.02 -44.60 12.26
CA ASN B 219 -2.24 -44.97 12.96
C ASN B 219 -3.15 -43.74 13.13
N GLU B 220 -4.28 -43.92 13.82
CA GLU B 220 -5.22 -42.83 14.03
C GLU B 220 -4.60 -41.60 14.69
N ASP B 221 -3.73 -41.83 15.65
CA ASP B 221 -3.10 -40.73 16.39
C ASP B 221 -2.05 -40.01 15.56
N SER B 222 -1.78 -40.52 14.37
CA SER B 222 -0.77 -39.92 13.50
C SER B 222 -1.38 -39.06 12.40
N ILE B 223 -2.70 -39.02 12.33
CA ILE B 223 -3.39 -38.16 11.37
C ILE B 223 -3.11 -36.70 11.69
N LEU B 224 -2.48 -36.01 10.76
CA LEU B 224 -2.19 -34.60 10.92
C LEU B 224 -3.42 -33.78 10.55
N TYR B 225 -3.72 -32.77 11.36
CA TYR B 225 -4.88 -31.90 11.12
C TYR B 225 -6.20 -32.68 11.16
N LEU B 226 -6.29 -33.60 12.10
CA LEU B 226 -7.48 -34.41 12.33
C LEU B 226 -8.69 -33.56 12.72
N ASN B 227 -8.44 -32.47 13.45
CA ASN B 227 -9.50 -31.54 13.84
C ASN B 227 -10.22 -30.97 12.63
N GLU B 228 -9.44 -30.36 11.75
CA GLU B 228 -9.96 -29.78 10.52
C GLU B 228 -10.61 -30.85 9.64
N LEU B 229 -9.90 -31.95 9.43
CA LEU B 229 -10.40 -33.02 8.58
C LEU B 229 -11.74 -33.56 9.07
N GLU B 230 -11.87 -33.72 10.39
CA GLU B 230 -13.13 -34.17 10.97
C GLU B 230 -14.20 -33.08 10.88
N TYR B 231 -13.78 -31.83 10.94
CA TYR B 231 -14.71 -30.72 10.84
C TYR B 231 -15.29 -30.60 9.43
N PHE B 232 -14.47 -30.88 8.43
CA PHE B 232 -14.93 -30.81 7.05
C PHE B 232 -15.89 -31.96 6.74
N GLN B 233 -15.61 -33.13 7.29
CA GLN B 233 -16.44 -34.32 7.04
C GLN B 233 -17.79 -34.21 7.75
N LYS B 234 -17.84 -33.46 8.85
CA LYS B 234 -19.07 -33.24 9.60
C LYS B 234 -19.93 -32.15 8.96
N MET B 235 -19.29 -31.08 8.50
CA MET B 235 -19.98 -29.90 7.98
C MET B 235 -20.30 -29.98 6.49
N TYR B 236 -19.48 -30.72 5.75
CA TYR B 236 -19.67 -30.85 4.31
C TYR B 236 -19.65 -32.32 3.90
N PRO B 237 -20.54 -33.13 4.49
CA PRO B 237 -20.53 -34.58 4.34
C PRO B 237 -20.79 -35.04 2.91
N ASN B 238 -21.43 -34.18 2.11
CA ASN B 238 -21.76 -34.52 0.73
C ASN B 238 -20.73 -33.99 -0.25
N ASN B 239 -19.72 -33.31 0.28
CA ASN B 239 -18.68 -32.71 -0.56
C ASN B 239 -17.28 -33.27 -0.28
N ILE B 240 -17.18 -34.21 0.64
CA ILE B 240 -15.88 -34.80 1.00
C ILE B 240 -15.97 -36.24 1.50
N ASN B 241 -15.00 -37.05 1.10
CA ASN B 241 -14.90 -38.44 1.53
C ASN B 241 -13.43 -38.79 1.80
N ILE B 242 -13.13 -39.16 3.04
CA ILE B 242 -11.75 -39.41 3.44
C ILE B 242 -11.48 -40.89 3.69
N HIS B 243 -10.50 -41.44 2.98
CA HIS B 243 -10.08 -42.82 3.20
C HIS B 243 -8.70 -42.86 3.87
N TYR B 244 -8.65 -43.42 5.07
CA TYR B 244 -7.41 -43.52 5.83
C TYR B 244 -6.76 -44.89 5.67
N VAL B 245 -5.45 -44.89 5.39
CA VAL B 245 -4.71 -46.14 5.27
C VAL B 245 -3.62 -46.18 6.33
N PHE B 246 -3.82 -47.00 7.35
CA PHE B 246 -2.88 -47.06 8.47
C PHE B 246 -1.82 -48.14 8.28
N SER B 247 -0.56 -47.76 8.38
CA SER B 247 0.53 -48.71 8.15
C SER B 247 0.76 -49.68 9.31
N TYR B 248 0.26 -49.35 10.49
CA TYR B 248 0.44 -50.25 11.64
C TYR B 248 -0.29 -51.57 11.42
N LYS B 249 -1.44 -51.51 10.76
CA LYS B 249 -2.18 -52.72 10.40
C LYS B 249 -1.36 -53.60 9.46
N THR B 255 3.61 -59.04 4.23
CA THR B 255 3.04 -58.11 3.26
C THR B 255 2.94 -56.69 3.79
N SER B 256 3.03 -55.72 2.88
CA SER B 256 2.82 -54.33 3.23
C SER B 256 1.60 -53.80 2.48
N PHE B 257 0.91 -52.82 3.07
CA PHE B 257 -0.26 -52.24 2.44
C PHE B 257 -0.32 -50.72 2.64
N TYR B 258 -0.01 -49.99 1.58
CA TYR B 258 0.08 -48.54 1.66
C TYR B 258 -1.05 -47.86 0.89
N VAL B 259 -0.98 -46.54 0.75
CA VAL B 259 -2.09 -45.77 0.19
C VAL B 259 -2.38 -46.13 -1.28
N GLN B 260 -1.34 -46.43 -2.05
CA GLN B 260 -1.53 -46.84 -3.45
C GLN B 260 -2.25 -48.19 -3.55
N ASP B 261 -1.99 -49.05 -2.59
CA ASP B 261 -2.57 -50.40 -2.60
C ASP B 261 -4.06 -50.34 -2.33
N GLU B 262 -4.43 -49.43 -1.43
CA GLU B 262 -5.83 -49.17 -1.13
C GLU B 262 -6.51 -48.69 -2.41
N ILE B 263 -5.84 -47.78 -3.10
CA ILE B 263 -6.34 -47.25 -4.36
C ILE B 263 -6.43 -48.33 -5.42
N TYR B 264 -5.41 -49.19 -5.47
CA TYR B 264 -5.45 -50.31 -6.42
C TYR B 264 -6.54 -51.31 -6.06
N LYS B 265 -6.84 -51.40 -4.78
CA LYS B 265 -7.92 -52.27 -4.31
C LYS B 265 -9.25 -51.81 -4.89
N ARG B 266 -9.45 -50.51 -4.96
CA ARG B 266 -10.64 -49.95 -5.61
C ARG B 266 -10.27 -49.11 -6.83
N LYS B 267 -9.60 -49.71 -7.79
CA LYS B 267 -9.10 -48.97 -8.95
C LYS B 267 -10.19 -48.54 -9.93
N THR B 268 -11.25 -49.34 -10.08
CA THR B 268 -12.34 -49.00 -11.00
C THR B 268 -13.09 -47.75 -10.55
N GLU B 269 -13.34 -47.65 -9.24
CA GLU B 269 -14.01 -46.48 -8.68
C GLU B 269 -13.14 -45.24 -8.76
N PHE B 270 -11.84 -45.41 -8.54
CA PHE B 270 -10.86 -44.33 -8.69
C PHE B 270 -10.84 -43.88 -10.15
N LEU B 271 -10.83 -44.85 -11.06
CA LEU B 271 -10.93 -44.58 -12.49
C LEU B 271 -12.19 -43.79 -12.82
N ASN B 272 -13.32 -44.24 -12.26
CA ASN B 272 -14.60 -43.57 -12.49
C ASN B 272 -14.64 -42.14 -11.95
N LEU B 273 -14.01 -41.93 -10.79
CA LEU B 273 -13.91 -40.59 -10.22
C LEU B 273 -13.09 -39.67 -11.11
N PHE B 274 -11.91 -40.14 -11.51
CA PHE B 274 -11.02 -39.33 -12.33
C PHE B 274 -11.60 -39.05 -13.72
N ASN B 275 -12.26 -40.04 -14.30
CA ASN B 275 -12.76 -39.91 -15.67
C ASN B 275 -14.19 -39.36 -15.79
N ASN B 276 -15.10 -39.85 -14.94
CA ASN B 276 -16.50 -39.43 -15.00
C ASN B 276 -16.78 -38.09 -14.31
N TYR B 277 -15.90 -37.68 -13.40
CA TYR B 277 -16.08 -36.43 -12.66
C TYR B 277 -14.99 -35.40 -12.96
N LYS B 278 -14.17 -35.68 -13.96
CA LYS B 278 -13.14 -34.76 -14.41
C LYS B 278 -12.27 -34.25 -13.26
N CYS B 279 -11.95 -35.14 -12.33
CA CYS B 279 -11.19 -34.81 -11.13
C CYS B 279 -9.77 -34.35 -11.41
N GLU B 280 -9.34 -33.31 -10.71
CA GLU B 280 -7.93 -32.96 -10.64
C GLU B 280 -7.28 -33.90 -9.63
N LEU B 281 -6.21 -34.58 -10.05
CA LEU B 281 -5.57 -35.57 -9.21
C LEU B 281 -4.27 -35.02 -8.62
N TYR B 282 -4.14 -35.11 -7.30
CA TYR B 282 -2.95 -34.62 -6.62
C TYR B 282 -2.27 -35.73 -5.83
N ILE B 283 -0.95 -35.75 -5.86
CA ILE B 283 -0.19 -36.72 -5.10
C ILE B 283 0.95 -36.03 -4.35
N CYS B 284 0.90 -36.06 -3.03
CA CYS B 284 1.92 -35.42 -2.21
C CYS B 284 2.42 -36.34 -1.11
N GLY B 285 3.71 -36.63 -1.11
CA GLY B 285 4.25 -37.58 -0.16
C GLY B 285 5.39 -38.39 -0.77
N LYS B 286 5.36 -39.65 -0.46
CA LYS B 286 6.40 -40.59 -0.86
C LYS B 286 6.45 -40.79 -2.38
N LYS B 287 7.66 -40.84 -2.94
CA LYS B 287 7.83 -40.99 -4.38
C LYS B 287 7.14 -42.22 -4.98
N SER B 288 7.11 -43.32 -4.23
CA SER B 288 6.57 -44.57 -4.73
C SER B 288 5.09 -44.49 -5.11
N ILE B 289 4.28 -43.80 -4.32
CA ILE B 289 2.87 -43.68 -4.66
C ILE B 289 2.65 -43.55 -6.17
N ARG B 290 3.47 -42.71 -6.78
CA ARG B 290 3.30 -42.32 -8.18
C ARG B 290 2.97 -43.43 -9.17
N TYR B 291 3.82 -44.44 -9.24
CA TYR B 291 3.76 -45.41 -10.33
C TYR B 291 2.56 -46.35 -10.28
N LYS B 292 2.20 -46.79 -9.08
CA LYS B 292 1.05 -47.67 -8.92
C LYS B 292 -0.23 -46.96 -9.33
N VAL B 293 -0.38 -45.72 -8.91
CA VAL B 293 -1.57 -44.93 -9.24
C VAL B 293 -1.60 -44.58 -10.73
N MET B 294 -0.47 -44.20 -11.26
CA MET B 294 -0.36 -43.81 -12.65
C MET B 294 -0.69 -44.92 -13.62
N ASP B 295 -0.28 -46.12 -13.28
CA ASP B 295 -0.51 -47.27 -14.12
C ASP B 295 -1.94 -47.59 -14.36
N ILE B 296 -2.74 -47.49 -13.34
CA ILE B 296 -4.18 -47.74 -13.46
C ILE B 296 -4.77 -46.71 -14.41
N LEU B 297 -4.33 -45.46 -14.28
CA LEU B 297 -4.78 -44.40 -15.16
C LEU B 297 -4.32 -44.67 -16.60
N LYS B 298 -3.10 -45.18 -16.74
CA LYS B 298 -2.51 -45.44 -18.01
C LYS B 298 -3.28 -46.52 -18.78
N SER B 299 -3.72 -47.55 -18.09
CA SER B 299 -4.49 -48.62 -18.72
C SER B 299 -5.90 -48.72 -18.14
N ASP B 304 -4.38 -39.61 -22.53
CA ASP B 304 -3.10 -39.25 -21.94
C ASP B 304 -2.65 -37.81 -22.19
N GLU B 305 -2.74 -37.29 -23.39
CA GLU B 305 -2.11 -36.01 -23.59
C GLU B 305 -2.69 -34.95 -22.73
N LYS B 306 -4.02 -34.88 -22.66
CA LYS B 306 -4.72 -33.82 -21.93
C LYS B 306 -4.99 -34.18 -20.50
N LYS B 307 -4.79 -35.43 -20.18
CA LYS B 307 -5.08 -35.94 -18.85
C LYS B 307 -3.89 -35.73 -17.93
N LYS B 308 -2.75 -35.39 -18.51
CA LYS B 308 -1.55 -35.11 -17.74
C LYS B 308 -1.55 -33.68 -17.21
N LYS B 309 -2.48 -32.86 -17.71
CA LYS B 309 -2.63 -31.50 -17.20
C LYS B 309 -3.36 -31.56 -15.86
N ARG B 310 -4.08 -32.66 -15.66
CA ARG B 310 -4.95 -32.82 -14.50
C ARG B 310 -4.24 -33.50 -13.32
N VAL B 311 -3.06 -34.04 -13.57
CA VAL B 311 -2.32 -34.76 -12.54
C VAL B 311 -1.19 -33.89 -11.96
N HIS B 312 -1.09 -33.88 -10.63
CA HIS B 312 -0.08 -33.10 -9.94
C HIS B 312 0.65 -33.96 -8.93
N VAL B 313 1.98 -33.85 -8.90
CA VAL B 313 2.79 -34.64 -7.99
C VAL B 313 3.88 -33.82 -7.32
N GLU B 314 3.98 -33.95 -6.00
CA GLU B 314 5.06 -33.34 -5.24
C GLU B 314 5.56 -34.36 -4.22
N VAL B 315 6.73 -34.93 -4.49
CA VAL B 315 7.23 -36.02 -3.67
C VAL B 315 8.45 -35.63 -2.83
N TYR B 316 8.47 -36.09 -1.59
CA TYR B 316 9.61 -35.87 -0.69
C TYR B 316 9.63 -36.89 0.44
N ASN C 4 1.11 6.70 -8.15
CA ASN C 4 2.13 7.50 -7.50
C ASN C 4 2.23 8.96 -8.02
N ASN C 5 3.40 9.56 -8.10
CA ASN C 5 3.42 10.94 -8.55
C ASN C 5 2.78 11.90 -7.54
N PHE C 6 3.04 11.72 -6.25
CA PHE C 6 2.37 12.56 -5.25
C PHE C 6 2.81 14.00 -5.38
N ILE C 7 3.71 14.22 -6.31
CA ILE C 7 4.35 15.52 -6.44
C ILE C 7 3.46 16.58 -7.09
N ASN C 8 3.43 17.76 -6.48
CA ASN C 8 2.70 18.92 -6.99
C ASN C 8 1.18 18.84 -6.93
N LEU C 9 0.66 17.96 -6.08
CA LEU C 9 -0.78 17.90 -5.84
C LEU C 9 -1.29 19.23 -5.31
N TYR C 10 -0.43 19.89 -4.55
CA TYR C 10 -0.73 21.22 -4.03
C TYR C 10 0.35 22.19 -4.47
N THR C 11 -0.08 23.39 -4.86
CA THR C 11 0.83 24.40 -5.38
C THR C 11 0.53 25.73 -4.74
N VAL C 12 1.30 26.75 -5.09
CA VAL C 12 1.05 28.09 -4.57
C VAL C 12 -0.33 28.58 -4.97
N LYS C 13 -0.84 28.12 -6.10
CA LYS C 13 -2.16 28.51 -6.58
C LYS C 13 -3.28 27.90 -5.73
N ASN C 14 -3.09 26.66 -5.28
CA ASN C 14 -4.06 25.98 -4.43
C ASN C 14 -3.40 25.19 -3.31
N PRO C 15 -2.94 25.88 -2.25
CA PRO C 15 -2.24 25.19 -1.18
C PRO C 15 -3.19 24.51 -0.19
N LEU C 16 -2.69 23.49 0.48
CA LEU C 16 -3.47 22.78 1.49
C LEU C 16 -3.45 23.52 2.83
N LYS C 17 -4.65 23.81 3.34
CA LYS C 17 -4.80 24.46 4.63
C LYS C 17 -4.66 23.43 5.74
N CYS C 18 -3.65 23.60 6.58
CA CYS C 18 -3.41 22.68 7.68
C CYS C 18 -3.40 23.43 9.01
N LYS C 19 -3.29 22.69 10.10
CA LYS C 19 -3.19 23.31 11.42
C LYS C 19 -2.00 22.80 12.24
N ILE C 20 -1.40 23.71 12.99
CA ILE C 20 -0.29 23.37 13.89
C ILE C 20 -0.79 22.61 15.11
N VAL C 21 -0.30 21.38 15.28
CA VAL C 21 -0.67 20.56 16.44
C VAL C 21 0.29 20.75 17.60
N ASP C 22 1.59 20.73 17.32
CA ASP C 22 2.59 20.99 18.36
C ASP C 22 3.76 21.81 17.80
N LYS C 23 4.50 22.43 18.71
CA LYS C 23 5.68 23.21 18.36
C LYS C 23 6.70 23.00 19.47
N ILE C 24 7.83 22.39 19.13
CA ILE C 24 8.80 22.05 20.15
C ILE C 24 10.20 22.50 19.75
N ASN C 25 11.02 22.83 20.73
CA ASN C 25 12.40 23.19 20.45
C ASN C 25 13.19 21.90 20.38
N LEU C 26 13.73 21.64 19.19
CA LEU C 26 14.46 20.41 18.93
C LEU C 26 15.71 20.32 19.79
N VAL C 27 16.38 21.46 19.95
CA VAL C 27 17.73 21.46 20.48
C VAL C 27 17.77 21.68 22.00
N ARG C 28 18.86 21.21 22.61
CA ARG C 28 19.11 21.40 24.04
C ARG C 28 19.82 22.73 24.28
N PRO C 29 19.88 23.17 25.55
CA PRO C 29 20.35 24.51 25.93
C PRO C 29 21.74 24.93 25.46
N ASN C 30 22.65 23.99 25.26
CA ASN C 30 24.01 24.35 24.86
C ASN C 30 24.21 24.46 23.34
N SER C 31 23.11 24.35 22.60
CA SER C 31 23.13 24.58 21.17
C SER C 31 23.10 26.07 20.88
N PRO C 32 23.90 26.52 19.90
CA PRO C 32 23.79 27.90 19.45
C PRO C 32 22.64 28.05 18.45
N ASN C 33 21.95 26.94 18.18
CA ASN C 33 20.87 26.93 17.19
C ASN C 33 19.47 27.10 17.80
N GLU C 34 18.54 27.61 17.00
CA GLU C 34 17.13 27.60 17.35
C GLU C 34 16.36 26.81 16.30
N VAL C 35 15.86 25.64 16.69
CA VAL C 35 15.16 24.78 15.75
C VAL C 35 13.85 24.29 16.35
N TYR C 36 12.77 24.39 15.58
CA TYR C 36 11.48 23.89 16.03
C TYR C 36 11.02 22.69 15.24
N HIS C 37 10.46 21.73 15.96
CA HIS C 37 9.77 20.61 15.37
C HIS C 37 8.29 20.98 15.32
N LEU C 38 7.67 20.88 14.14
CA LEU C 38 6.27 21.20 13.99
C LEU C 38 5.46 19.93 13.74
N GLU C 39 4.40 19.73 14.51
CA GLU C 39 3.46 18.65 14.22
C GLU C 39 2.27 19.26 13.49
N ILE C 40 2.06 18.83 12.24
CA ILE C 40 1.06 19.44 11.40
C ILE C 40 -0.11 18.50 11.09
N ASN C 41 -1.32 18.94 11.40
CA ASN C 41 -2.54 18.22 11.06
C ASN C 41 -3.00 18.61 9.65
N HIS C 42 -2.98 17.66 8.73
CA HIS C 42 -3.33 17.93 7.34
C HIS C 42 -4.57 17.18 6.86
N ASN C 43 -5.40 16.74 7.81
CA ASN C 43 -6.66 16.04 7.50
C ASN C 43 -6.46 14.75 6.69
N GLY C 44 -5.23 14.26 6.65
CA GLY C 44 -4.91 13.05 5.88
C GLY C 44 -4.88 13.31 4.40
N LEU C 45 -4.87 14.59 4.03
CA LEU C 45 -4.98 15.00 2.63
C LEU C 45 -3.64 15.34 1.96
N PHE C 46 -2.61 15.61 2.75
CA PHE C 46 -1.29 15.84 2.16
C PHE C 46 -0.64 14.49 1.90
N LYS C 47 -0.37 14.21 0.64
CA LYS C 47 0.18 12.92 0.24
C LYS C 47 1.68 13.05 0.04
N TYR C 48 2.42 12.06 0.51
CA TYR C 48 3.87 12.08 0.39
C TYR C 48 4.51 10.73 0.62
N LEU C 49 5.72 10.58 0.12
CA LEU C 49 6.57 9.45 0.44
C LEU C 49 7.68 9.95 1.34
N GLU C 50 8.25 9.04 2.14
CA GLU C 50 9.38 9.39 2.97
C GLU C 50 10.52 9.96 2.11
N GLY C 51 11.08 11.08 2.52
CA GLY C 51 12.13 11.75 1.76
C GLY C 51 11.66 13.03 1.09
N HIS C 52 10.36 13.12 0.83
CA HIS C 52 9.80 14.28 0.17
C HIS C 52 9.93 15.53 1.04
N THR C 53 10.01 16.69 0.39
CA THR C 53 9.86 17.95 1.08
C THR C 53 8.44 18.45 0.87
N CYS C 54 8.01 19.35 1.75
CA CYS C 54 6.82 20.13 1.51
C CYS C 54 7.25 21.58 1.45
N GLY C 55 6.40 22.43 0.89
CA GLY C 55 6.66 23.86 0.88
C GLY C 55 5.73 24.51 1.88
N ILE C 56 6.25 25.51 2.61
CA ILE C 56 5.42 26.29 3.50
C ILE C 56 5.32 27.71 2.94
N ILE C 57 4.09 28.21 2.83
CA ILE C 57 3.87 29.57 2.37
C ILE C 57 3.67 30.48 3.57
N PRO C 58 4.71 31.25 3.94
CA PRO C 58 4.64 32.14 5.09
C PRO C 58 3.50 33.14 4.95
N TYR C 59 2.82 33.42 6.05
CA TYR C 59 1.78 34.47 6.12
C TYR C 59 0.65 34.34 5.09
N TYR C 60 0.51 33.16 4.47
CA TYR C 60 -0.57 32.97 3.52
C TYR C 60 -1.92 33.27 4.18
N ASN C 61 -2.74 34.06 3.48
CA ASN C 61 -4.03 34.52 4.02
C ASN C 61 -3.90 35.20 5.38
N ARG C 98 2.22 32.92 -3.02
CA ARG C 98 3.36 33.82 -2.82
C ARG C 98 4.71 33.08 -2.85
N CYS C 99 5.42 33.09 -1.74
CA CYS C 99 6.83 32.70 -1.73
C CYS C 99 7.16 31.56 -0.78
N ALA C 100 7.03 30.32 -1.27
CA ALA C 100 7.17 29.12 -0.45
C ALA C 100 8.63 28.71 -0.21
N ARG C 101 8.88 28.14 0.97
CA ARG C 101 10.16 27.55 1.30
C ARG C 101 9.98 26.05 1.47
N LEU C 102 11.03 25.27 1.18
CA LEU C 102 10.95 23.81 1.28
C LEU C 102 11.44 23.29 2.62
N TYR C 103 10.78 22.25 3.12
CA TYR C 103 11.19 21.61 4.36
C TYR C 103 10.98 20.11 4.27
N SER C 104 11.99 19.37 4.70
CA SER C 104 11.96 17.92 4.70
C SER C 104 10.91 17.43 5.69
N ILE C 105 10.06 16.51 5.23
CA ILE C 105 9.07 15.90 6.10
C ILE C 105 9.76 14.85 6.97
N SER C 106 9.64 15.01 8.28
CA SER C 106 10.40 14.16 9.21
C SER C 106 9.60 12.98 9.75
N SER C 107 8.40 12.77 9.21
CA SER C 107 7.55 11.67 9.65
C SER C 107 7.33 10.64 8.55
N SER C 108 6.90 9.44 8.91
CA SER C 108 6.49 8.46 7.92
C SER C 108 5.02 8.69 7.59
N ASN C 109 4.60 8.29 6.39
CA ASN C 109 3.26 8.61 5.90
C ASN C 109 2.13 7.78 6.51
N ASN C 110 2.47 6.83 7.37
CA ASN C 110 1.46 6.05 8.08
C ASN C 110 0.95 6.78 9.32
N MET C 111 1.69 7.80 9.75
CA MET C 111 1.29 8.61 10.89
C MET C 111 0.17 9.57 10.49
N GLU C 112 -0.72 9.87 11.43
CA GLU C 112 -1.84 10.75 11.13
C GLU C 112 -1.37 12.16 10.77
N ASN C 113 -0.52 12.73 11.62
CA ASN C 113 0.04 14.04 11.37
C ASN C 113 1.38 13.94 10.67
N LEU C 114 1.79 15.00 9.99
CA LEU C 114 3.14 15.08 9.47
C LEU C 114 3.94 16.07 10.31
N SER C 115 5.26 16.02 10.17
CA SER C 115 6.13 16.89 10.94
C SER C 115 7.32 17.39 10.12
N VAL C 116 7.90 18.49 10.59
CA VAL C 116 9.00 19.17 9.92
C VAL C 116 9.94 19.75 10.98
N ALA C 117 11.16 20.05 10.59
CA ALA C 117 12.12 20.65 11.52
C ALA C 117 12.71 21.89 10.88
N ILE C 118 12.46 23.05 11.50
CA ILE C 118 12.84 24.31 10.90
C ILE C 118 13.81 25.10 11.77
N LYS C 119 15.01 25.30 11.24
CA LYS C 119 15.97 26.18 11.87
C LYS C 119 15.52 27.61 11.63
N ILE C 120 15.46 28.40 12.70
CA ILE C 120 15.11 29.81 12.59
C ILE C 120 16.37 30.61 12.29
N HIS C 121 16.38 31.27 11.14
CA HIS C 121 17.54 32.04 10.69
C HIS C 121 17.49 33.49 11.17
N LYS C 122 18.62 33.98 11.64
CA LYS C 122 18.73 35.29 12.26
C LYS C 122 19.91 36.09 11.72
N TYR C 123 19.77 37.41 11.69
CA TYR C 123 20.92 38.28 11.42
C TYR C 123 20.86 39.56 12.26
N GLU C 124 22.03 40.13 12.52
CA GLU C 124 22.24 41.20 13.48
C GLU C 124 21.66 42.56 13.14
N GLN C 125 22.18 43.14 12.07
CA GLN C 125 21.67 44.42 11.57
C GLN C 125 20.89 44.24 10.26
N THR C 126 19.87 45.07 10.08
CA THR C 126 18.92 44.92 8.98
C THR C 126 19.57 45.06 7.61
N THR C 133 18.35 42.65 15.54
CA THR C 133 18.13 41.21 15.39
C THR C 133 16.92 40.91 14.50
N ASN C 134 17.18 40.56 13.25
CA ASN C 134 16.14 40.26 12.28
C ASN C 134 16.02 38.78 11.97
N TYR C 135 14.92 38.40 11.34
CA TYR C 135 14.65 37.00 11.05
C TYR C 135 14.45 36.77 9.54
N GLY C 136 14.84 35.60 9.07
CA GLY C 136 14.51 35.19 7.72
C GLY C 136 13.02 35.29 7.54
N TYR C 137 12.56 35.34 6.30
CA TYR C 137 11.14 35.52 6.02
C TYR C 137 10.32 34.41 6.66
N CYS C 138 10.50 33.17 6.21
CA CYS C 138 9.81 32.04 6.83
C CYS C 138 10.21 31.88 8.29
N SER C 139 11.48 32.12 8.60
CA SER C 139 11.98 31.94 9.96
C SER C 139 11.15 32.71 10.99
N GLY C 140 10.85 33.97 10.70
CA GLY C 140 10.07 34.80 11.61
C GLY C 140 8.63 34.32 11.70
N PHE C 141 8.13 33.79 10.60
CA PHE C 141 6.76 33.26 10.55
C PHE C 141 6.63 32.06 11.48
N ILE C 142 7.60 31.15 11.40
CA ILE C 142 7.61 29.95 12.23
C ILE C 142 7.81 30.29 13.71
N LYS C 143 8.68 31.25 13.99
CA LYS C 143 8.97 31.65 15.36
C LYS C 143 7.74 32.19 16.08
N ASN C 144 6.92 32.95 15.36
CA ASN C 144 5.71 33.55 15.93
C ASN C 144 4.48 32.64 15.80
N LEU C 145 4.70 31.43 15.30
CA LEU C 145 3.61 30.49 15.06
C LEU C 145 3.06 29.97 16.37
N LYS C 146 1.74 29.94 16.49
CA LYS C 146 1.11 29.41 17.69
C LYS C 146 0.43 28.09 17.41
N ILE C 147 0.25 27.30 18.47
CA ILE C 147 -0.50 26.06 18.40
C ILE C 147 -1.93 26.32 17.91
N ASN C 148 -2.32 25.61 16.86
CA ASN C 148 -3.64 25.72 16.24
C ASN C 148 -3.77 26.84 15.21
N ASP C 149 -2.67 27.52 14.92
CA ASP C 149 -2.61 28.45 13.81
C ASP C 149 -2.75 27.69 12.52
N ASP C 150 -3.16 28.40 11.46
CA ASP C 150 -3.20 27.79 10.15
C ASP C 150 -1.79 27.76 9.56
N ILE C 151 -1.56 26.79 8.69
CA ILE C 151 -0.31 26.73 7.95
C ILE C 151 -0.61 26.11 6.58
N TYR C 152 -0.02 26.69 5.53
CA TYR C 152 -0.34 26.28 4.18
C TYR C 152 0.81 25.56 3.48
N LEU C 153 0.53 24.35 3.03
CA LEU C 153 1.55 23.50 2.42
C LEU C 153 1.39 23.39 0.91
N THR C 154 2.61 23.23 0.30
CA THR C 154 2.71 22.98 -1.13
C THR C 154 2.63 21.48 -1.38
N GLY C 155 2.49 21.10 -2.65
CA GLY C 155 2.40 19.70 -3.03
C GLY C 155 3.74 19.00 -2.94
N ALA C 156 3.73 17.78 -2.44
CA ALA C 156 4.95 16.99 -2.29
C ALA C 156 6.03 17.22 -3.37
N HIS C 157 7.21 17.62 -2.92
CA HIS C 157 8.32 17.88 -3.84
C HIS C 157 9.51 16.94 -3.65
N GLY C 158 10.33 16.84 -4.69
CA GLY C 158 11.58 16.10 -4.60
C GLY C 158 11.50 14.65 -5.02
N TYR C 159 12.66 14.01 -5.05
CA TYR C 159 12.79 12.60 -5.43
C TYR C 159 13.80 11.90 -4.52
N PHE C 160 14.02 12.48 -3.34
CA PHE C 160 14.99 11.96 -2.37
C PHE C 160 14.37 10.82 -1.59
N ASN C 161 14.01 9.75 -2.28
CA ASN C 161 13.22 8.69 -1.67
C ASN C 161 13.96 7.38 -1.49
N LEU C 162 13.35 6.46 -0.75
CA LEU C 162 13.85 5.11 -0.64
C LEU C 162 13.56 4.35 -1.93
N PRO C 163 14.38 3.34 -2.23
CA PRO C 163 14.01 2.44 -3.31
C PRO C 163 12.65 1.80 -3.01
N ASN C 164 11.89 1.46 -4.04
CA ASN C 164 10.51 0.98 -3.84
C ASN C 164 10.36 -0.38 -3.15
N ASP C 165 11.46 -1.12 -2.98
CA ASP C 165 11.40 -2.42 -2.33
C ASP C 165 12.43 -2.55 -1.21
N ALA C 166 12.67 -1.44 -0.52
CA ALA C 166 13.69 -1.38 0.53
C ALA C 166 13.48 -2.39 1.65
N ILE C 167 12.23 -2.55 2.09
CA ILE C 167 11.91 -3.48 3.16
C ILE C 167 12.00 -4.93 2.67
N GLN C 168 11.30 -5.23 1.58
CA GLN C 168 11.32 -6.55 0.98
C GLN C 168 12.75 -7.07 0.76
N LYS C 169 13.64 -6.17 0.38
CA LYS C 169 15.01 -6.53 0.00
C LYS C 169 16.04 -6.34 1.12
N ASN C 170 15.59 -5.80 2.25
CA ASN C 170 16.50 -5.51 3.37
C ASN C 170 17.69 -4.66 2.93
N THR C 171 17.42 -3.73 2.01
CA THR C 171 18.46 -2.85 1.48
C THR C 171 19.29 -2.22 2.59
N ASN C 172 20.61 -2.27 2.43
CA ASN C 172 21.53 -1.61 3.36
C ASN C 172 21.64 -0.14 2.99
N PHE C 173 22.01 0.69 3.96
CA PHE C 173 22.01 2.14 3.74
C PHE C 173 23.21 2.87 4.34
N ILE C 174 23.62 3.94 3.66
CA ILE C 174 24.51 4.92 4.25
C ILE C 174 23.83 6.29 4.16
N PHE C 175 23.52 6.86 5.31
CA PHE C 175 22.90 8.18 5.38
C PHE C 175 23.90 9.21 5.91
N ILE C 176 24.19 10.24 5.12
CA ILE C 176 25.10 11.31 5.53
C ILE C 176 24.33 12.62 5.64
N ALA C 177 24.47 13.30 6.77
CA ALA C 177 23.69 14.52 7.00
C ALA C 177 24.46 15.59 7.76
N THR C 178 23.99 16.83 7.63
CA THR C 178 24.41 17.93 8.49
C THR C 178 23.15 18.74 8.85
N GLY C 179 23.11 19.26 10.07
CA GLY C 179 21.98 20.06 10.53
C GLY C 179 20.63 19.39 10.36
N THR C 180 19.67 20.12 9.79
CA THR C 180 18.33 19.60 9.57
C THR C 180 18.34 18.52 8.50
N GLY C 181 19.50 18.29 7.91
CA GLY C 181 19.66 17.26 6.89
C GLY C 181 19.28 15.87 7.39
N ILE C 182 19.08 15.73 8.70
CA ILE C 182 18.73 14.44 9.28
C ILE C 182 17.25 14.11 9.08
N SER C 183 16.45 15.13 8.83
CA SER C 183 15.00 14.97 8.74
C SER C 183 14.53 13.82 7.85
N PRO C 184 15.00 13.78 6.58
CA PRO C 184 14.61 12.68 5.69
C PRO C 184 14.98 11.31 6.25
N TYR C 185 16.12 11.22 6.91
CA TYR C 185 16.60 9.95 7.44
C TYR C 185 15.73 9.48 8.62
N ILE C 186 15.23 10.42 9.40
CA ILE C 186 14.28 10.10 10.45
C ILE C 186 12.98 9.58 9.83
N SER C 187 12.56 10.21 8.74
CA SER C 187 11.42 9.73 7.98
C SER C 187 11.67 8.31 7.46
N PHE C 188 12.89 8.05 7.01
CA PHE C 188 13.27 6.72 6.53
C PHE C 188 13.19 5.70 7.65
N LEU C 189 13.86 5.99 8.77
CA LEU C 189 13.90 5.07 9.91
C LEU C 189 12.51 4.77 10.48
N LYS C 190 11.68 5.80 10.57
CA LYS C 190 10.32 5.65 11.07
C LYS C 190 9.56 4.63 10.23
N LYS C 191 9.78 4.66 8.92
CA LYS C 191 9.16 3.69 8.03
C LYS C 191 9.80 2.32 8.15
N LEU C 192 11.12 2.26 8.01
CA LEU C 192 11.85 1.00 8.01
C LEU C 192 11.69 0.20 9.30
N PHE C 193 11.63 0.90 10.43
CA PHE C 193 11.55 0.22 11.72
C PHE C 193 10.15 0.28 12.32
N ALA C 194 9.19 0.75 11.55
CA ALA C 194 7.79 0.82 11.98
C ALA C 194 7.62 1.53 13.33
N TYR C 195 8.25 2.69 13.46
CA TYR C 195 8.15 3.52 14.66
C TYR C 195 6.70 3.89 14.98
N ASP C 196 6.35 3.76 16.25
CA ASP C 196 5.05 4.22 16.75
C ASP C 196 5.28 4.80 18.14
N LYS C 197 5.23 6.12 18.25
CA LYS C 197 5.52 6.80 19.51
C LYS C 197 4.64 6.32 20.65
N ASN C 198 3.39 5.98 20.34
CA ASN C 198 2.46 5.50 21.35
C ASN C 198 2.59 4.00 21.59
N ASN C 199 3.63 3.40 21.02
CA ASN C 199 3.84 1.96 21.14
C ASN C 199 5.31 1.56 21.02
N LEU C 200 6.17 2.31 21.69
CA LEU C 200 7.62 2.11 21.58
C LEU C 200 8.07 0.74 22.09
N TYR C 201 7.32 0.18 23.04
CA TYR C 201 7.63 -1.14 23.58
C TYR C 201 7.47 -2.23 22.52
N ASN C 202 6.69 -1.95 21.49
CA ASN C 202 6.47 -2.87 20.39
C ASN C 202 7.68 -3.05 19.48
N ARG C 203 7.90 -4.28 19.02
CA ARG C 203 8.95 -4.59 18.04
C ARG C 203 8.30 -5.17 16.78
N ASN C 204 7.69 -4.30 15.96
CA ASN C 204 6.89 -4.74 14.82
C ASN C 204 7.58 -4.69 13.46
N SER C 205 8.91 -4.58 13.44
CA SER C 205 9.60 -4.36 12.16
C SER C 205 10.18 -5.63 11.54
N ASN C 206 10.09 -5.69 10.21
CA ASN C 206 10.61 -6.83 9.43
C ASN C 206 11.93 -6.53 8.73
N TYR C 207 12.34 -5.26 8.73
CA TYR C 207 13.56 -4.85 8.07
C TYR C 207 14.79 -5.38 8.80
N THR C 208 15.74 -5.94 8.05
CA THR C 208 16.91 -6.56 8.65
C THR C 208 18.21 -6.15 7.96
N GLY C 209 18.18 -5.01 7.28
CA GLY C 209 19.38 -4.49 6.63
C GLY C 209 20.25 -3.72 7.61
N TYR C 210 21.36 -3.17 7.12
CA TYR C 210 22.25 -2.39 7.97
C TYR C 210 22.29 -0.93 7.54
N ILE C 211 22.20 -0.05 8.53
CA ILE C 211 22.17 1.38 8.28
C ILE C 211 23.30 2.08 9.04
N THR C 212 24.17 2.76 8.30
CA THR C 212 25.24 3.55 8.90
C THR C 212 24.96 5.03 8.68
N ILE C 213 24.97 5.81 9.75
CA ILE C 213 24.69 7.23 9.67
C ILE C 213 25.91 8.06 10.04
N TYR C 214 26.26 9.03 9.21
CA TYR C 214 27.28 10.04 9.53
C TYR C 214 26.57 11.38 9.63
N TYR C 215 26.74 12.06 10.76
CA TYR C 215 25.92 13.23 11.06
C TYR C 215 26.78 14.33 11.72
N GLY C 216 26.95 15.43 10.99
CA GLY C 216 27.70 16.56 11.51
C GLY C 216 26.79 17.65 12.05
N VAL C 217 27.01 18.03 13.30
CA VAL C 217 26.35 19.18 13.88
C VAL C 217 27.38 19.89 14.75
N TYR C 218 26.97 20.99 15.38
CA TYR C 218 27.90 21.76 16.19
C TYR C 218 28.30 21.04 17.48
N ASN C 219 27.31 20.62 18.28
CA ASN C 219 27.59 19.85 19.48
C ASN C 219 26.50 18.84 19.76
N GLU C 220 26.66 18.04 20.81
CA GLU C 220 25.67 17.02 21.12
C GLU C 220 24.28 17.62 21.34
N ASP C 221 24.25 18.83 21.88
CA ASP C 221 22.98 19.53 22.14
C ASP C 221 22.33 20.05 20.86
N SER C 222 23.02 19.86 19.73
CA SER C 222 22.54 20.34 18.45
C SER C 222 22.06 19.20 17.57
N ILE C 223 22.26 17.97 18.03
CA ILE C 223 21.76 16.78 17.35
C ILE C 223 20.24 16.85 17.31
N LEU C 224 19.66 16.91 16.11
CA LEU C 224 18.21 16.95 15.98
C LEU C 224 17.60 15.54 15.98
N TYR C 225 16.47 15.40 16.65
CA TYR C 225 15.81 14.11 16.80
C TYR C 225 16.67 13.10 17.55
N LEU C 226 17.37 13.60 18.58
CA LEU C 226 18.16 12.76 19.47
C LEU C 226 17.30 11.67 20.12
N ASN C 227 16.12 12.05 20.60
CA ASN C 227 15.18 11.08 21.16
C ASN C 227 15.01 9.90 20.22
N GLU C 228 14.71 10.21 18.95
CA GLU C 228 14.49 9.19 17.94
C GLU C 228 15.75 8.38 17.64
N LEU C 229 16.88 9.08 17.45
CA LEU C 229 18.15 8.43 17.14
C LEU C 229 18.61 7.51 18.27
N GLU C 230 18.50 7.97 19.51
CA GLU C 230 18.89 7.16 20.67
C GLU C 230 18.01 5.92 20.76
N TYR C 231 16.73 6.10 20.49
CA TYR C 231 15.78 4.99 20.52
C TYR C 231 16.15 3.90 19.52
N PHE C 232 16.29 4.26 18.25
CA PHE C 232 16.63 3.26 17.23
C PHE C 232 17.96 2.57 17.53
N GLN C 233 18.95 3.33 17.98
CA GLN C 233 20.26 2.75 18.29
C GLN C 233 20.14 1.71 19.39
N LYS C 234 19.30 1.99 20.39
CA LYS C 234 19.11 1.08 21.52
C LYS C 234 18.28 -0.14 21.15
N MET C 235 17.18 0.06 20.44
CA MET C 235 16.31 -1.01 19.98
C MET C 235 16.88 -1.96 18.92
N TYR C 236 17.66 -1.43 18.00
CA TYR C 236 18.21 -2.19 16.92
C TYR C 236 19.67 -1.94 16.76
N PRO C 237 20.46 -2.34 17.73
CA PRO C 237 21.89 -2.10 17.68
C PRO C 237 22.63 -2.90 16.60
N ASN C 238 22.04 -3.99 16.14
CA ASN C 238 22.59 -4.78 15.05
C ASN C 238 22.05 -4.34 13.68
N ASN C 239 21.38 -3.20 13.64
CA ASN C 239 20.81 -2.70 12.40
C ASN C 239 21.19 -1.26 12.09
N ILE C 240 21.67 -0.56 13.11
CA ILE C 240 22.01 0.85 12.95
C ILE C 240 23.28 1.24 13.70
N ASN C 241 24.09 2.07 13.05
CA ASN C 241 25.33 2.57 13.64
C ASN C 241 25.45 4.06 13.36
N ILE C 242 25.60 4.85 14.40
CA ILE C 242 25.60 6.31 14.23
C ILE C 242 26.93 6.95 14.60
N HIS C 243 27.46 7.75 13.68
CA HIS C 243 28.67 8.52 13.96
C HIS C 243 28.36 9.99 13.95
N TYR C 244 28.60 10.64 15.07
CA TYR C 244 28.44 12.08 15.16
C TYR C 244 29.78 12.74 14.93
N VAL C 245 29.75 13.91 14.29
CA VAL C 245 30.97 14.67 14.04
C VAL C 245 30.70 16.11 14.45
N PHE C 246 31.24 16.51 15.58
CA PHE C 246 30.92 17.84 16.12
C PHE C 246 31.93 18.88 15.66
N SER C 247 31.40 20.00 15.16
CA SER C 247 32.25 21.05 14.63
C SER C 247 32.85 21.94 15.71
N TYR C 248 32.29 21.91 16.91
CA TYR C 248 32.83 22.74 18.00
C TYR C 248 34.23 22.25 18.40
N LYS C 249 34.49 20.95 18.22
CA LYS C 249 35.79 20.37 18.55
C LYS C 249 36.95 21.06 17.85
N GLN C 250 36.67 21.73 16.74
CA GLN C 250 37.69 22.40 15.96
C GLN C 250 37.62 23.93 16.05
N ASN C 251 37.06 24.42 17.16
CA ASN C 251 36.96 25.86 17.41
C ASN C 251 38.30 26.55 17.68
N SER C 252 39.25 25.82 18.27
CA SER C 252 40.50 26.43 18.73
C SER C 252 41.76 25.89 18.04
N ASP C 253 41.59 25.29 16.87
CA ASP C 253 42.72 24.73 16.14
C ASP C 253 42.78 25.26 14.71
N ALA C 254 43.96 25.17 14.10
CA ALA C 254 44.18 25.70 12.75
C ALA C 254 43.78 24.70 11.68
N THR C 255 42.71 23.95 11.96
CA THR C 255 42.23 22.92 11.06
C THR C 255 40.74 22.74 11.33
N SER C 256 39.94 22.55 10.29
CA SER C 256 38.55 22.20 10.53
C SER C 256 38.28 20.76 10.09
N PHE C 257 37.27 20.15 10.71
CA PHE C 257 37.02 18.73 10.54
C PHE C 257 35.52 18.48 10.51
N TYR C 258 35.01 18.13 9.33
CA TYR C 258 33.58 17.97 9.14
C TYR C 258 33.24 16.53 8.82
N VAL C 259 31.97 16.27 8.52
CA VAL C 259 31.52 14.91 8.30
C VAL C 259 32.23 14.24 7.12
N GLN C 260 32.65 15.04 6.13
CA GLN C 260 33.42 14.52 4.99
C GLN C 260 34.70 13.87 5.47
N ASP C 261 35.34 14.53 6.43
CA ASP C 261 36.66 14.15 6.89
C ASP C 261 36.62 12.87 7.71
N GLU C 262 35.57 12.69 8.49
CA GLU C 262 35.37 11.43 9.21
C GLU C 262 35.23 10.28 8.24
N ILE C 263 34.49 10.52 7.17
CA ILE C 263 34.26 9.50 6.16
C ILE C 263 35.56 9.14 5.43
N TYR C 264 36.38 10.14 5.17
CA TYR C 264 37.65 9.92 4.49
C TYR C 264 38.59 9.12 5.38
N LYS C 265 38.59 9.45 6.67
CA LYS C 265 39.37 8.76 7.68
C LYS C 265 38.90 7.31 7.85
N ARG C 266 37.62 7.08 7.60
CA ARG C 266 37.05 5.73 7.60
C ARG C 266 36.89 5.23 6.18
N LYS C 267 37.79 5.69 5.31
CA LYS C 267 37.71 5.42 3.88
C LYS C 267 37.41 3.96 3.55
N THR C 268 38.30 3.07 4.00
CA THR C 268 38.18 1.65 3.70
C THR C 268 36.84 1.08 4.19
N GLU C 269 36.45 1.46 5.39
CA GLU C 269 35.15 1.05 5.94
C GLU C 269 34.01 1.53 5.05
N PHE C 270 34.11 2.80 4.63
CA PHE C 270 33.10 3.39 3.77
C PHE C 270 33.00 2.61 2.45
N LEU C 271 34.15 2.30 1.87
CA LEU C 271 34.22 1.56 0.62
C LEU C 271 33.69 0.15 0.78
N ASN C 272 34.03 -0.49 1.89
CA ASN C 272 33.52 -1.79 2.24
C ASN C 272 31.99 -1.80 2.20
N LEU C 273 31.39 -0.83 2.89
CA LEU C 273 29.94 -0.73 2.98
C LEU C 273 29.29 -0.54 1.61
N PHE C 274 29.80 0.42 0.84
CA PHE C 274 29.19 0.73 -0.45
C PHE C 274 29.38 -0.41 -1.46
N ASN C 275 30.59 -0.95 -1.53
CA ASN C 275 30.91 -1.99 -2.50
C ASN C 275 30.40 -3.37 -2.08
N ASN C 276 30.86 -3.86 -0.94
CA ASN C 276 30.52 -5.20 -0.48
C ASN C 276 29.05 -5.38 -0.06
N TYR C 277 28.49 -4.36 0.58
CA TYR C 277 27.13 -4.48 1.10
C TYR C 277 26.06 -3.85 0.20
N LYS C 278 26.48 -3.33 -0.94
CA LYS C 278 25.55 -2.74 -1.92
C LYS C 278 24.71 -1.60 -1.36
N CYS C 279 25.29 -0.81 -0.48
CA CYS C 279 24.58 0.29 0.17
C CYS C 279 23.98 1.30 -0.80
N GLU C 280 22.82 1.83 -0.45
CA GLU C 280 22.29 3.02 -1.10
C GLU C 280 22.84 4.21 -0.35
N LEU C 281 23.49 5.12 -1.06
CA LEU C 281 24.16 6.26 -0.43
C LEU C 281 23.34 7.54 -0.54
N TYR C 282 23.04 8.14 0.60
CA TYR C 282 22.30 9.40 0.63
C TYR C 282 23.16 10.48 1.28
N ILE C 283 23.06 11.69 0.75
CA ILE C 283 23.76 12.85 1.28
C ILE C 283 22.75 14.00 1.40
N CYS C 284 22.61 14.56 2.59
CA CYS C 284 21.63 15.63 2.80
C CYS C 284 22.16 16.73 3.72
N GLY C 285 22.38 17.91 3.14
CA GLY C 285 22.93 19.04 3.89
C GLY C 285 24.00 19.79 3.10
N LYS C 286 25.08 20.14 3.77
CA LYS C 286 26.18 20.89 3.16
C LYS C 286 26.60 20.36 1.80
N LYS C 287 26.68 21.26 0.81
CA LYS C 287 27.08 20.88 -0.52
C LYS C 287 28.56 20.49 -0.58
N SER C 288 29.33 20.89 0.42
CA SER C 288 30.76 20.55 0.46
C SER C 288 30.99 19.06 0.68
N ILE C 289 30.00 18.37 1.23
CA ILE C 289 30.13 16.94 1.47
C ILE C 289 30.41 16.16 0.19
N ARG C 290 29.74 16.54 -0.90
CA ARG C 290 29.81 15.82 -2.17
C ARG C 290 31.22 15.42 -2.59
N TYR C 291 32.04 16.41 -2.89
CA TYR C 291 33.32 16.16 -3.57
C TYR C 291 34.21 15.12 -2.88
N LYS C 292 34.45 15.28 -1.58
CA LYS C 292 35.32 14.35 -0.87
C LYS C 292 34.74 12.93 -0.81
N VAL C 293 33.43 12.85 -0.64
CA VAL C 293 32.74 11.55 -0.58
C VAL C 293 32.74 10.87 -1.94
N MET C 294 32.33 11.60 -2.97
CA MET C 294 32.29 11.07 -4.33
C MET C 294 33.66 10.58 -4.79
N ASP C 295 34.70 11.30 -4.37
CA ASP C 295 36.07 10.99 -4.77
C ASP C 295 36.49 9.61 -4.28
N ILE C 296 36.10 9.28 -3.06
CA ILE C 296 36.43 7.98 -2.48
C ILE C 296 35.81 6.86 -3.30
N LEU C 297 34.62 7.10 -3.83
CA LEU C 297 33.91 6.10 -4.63
C LEU C 297 34.47 5.99 -6.06
N LYS C 298 35.34 6.92 -6.43
CA LYS C 298 35.85 6.96 -7.81
C LYS C 298 37.34 6.61 -7.92
N SER C 299 38.00 6.44 -6.79
CA SER C 299 39.39 5.99 -6.79
C SER C 299 39.45 4.47 -6.79
N ASP C 304 32.80 3.92 -11.80
CA ASP C 304 31.54 4.21 -11.14
C ASP C 304 30.48 4.68 -12.14
N GLU C 305 29.53 3.81 -12.44
CA GLU C 305 28.43 4.18 -13.28
C GLU C 305 27.08 3.60 -12.84
N LYS C 306 26.88 2.31 -13.08
CA LYS C 306 25.66 1.61 -12.70
C LYS C 306 25.48 1.90 -11.21
N LYS C 307 26.58 2.28 -10.59
CA LYS C 307 26.63 2.75 -9.24
C LYS C 307 26.00 4.13 -9.00
N LYS C 308 25.97 5.00 -10.00
CA LYS C 308 25.46 6.36 -9.80
C LYS C 308 23.98 6.30 -9.42
N LYS C 309 23.30 5.28 -9.91
CA LYS C 309 21.89 5.06 -9.64
C LYS C 309 21.66 4.83 -8.15
N ARG C 310 22.73 4.52 -7.42
CA ARG C 310 22.64 4.22 -6.00
C ARG C 310 22.93 5.43 -5.13
N VAL C 311 23.44 6.50 -5.74
CA VAL C 311 23.81 7.71 -5.00
C VAL C 311 22.75 8.79 -5.12
N HIS C 312 22.29 9.29 -3.98
CA HIS C 312 21.23 10.28 -3.93
C HIS C 312 21.70 11.51 -3.17
N VAL C 313 21.40 12.69 -3.72
CA VAL C 313 21.95 13.91 -3.17
C VAL C 313 20.91 15.01 -3.07
N GLU C 314 20.78 15.58 -1.89
CA GLU C 314 19.92 16.73 -1.68
C GLU C 314 20.64 17.74 -0.78
N VAL C 315 21.21 18.77 -1.39
CA VAL C 315 22.00 19.75 -0.66
C VAL C 315 21.37 21.13 -0.68
N TYR C 316 21.56 21.87 0.41
CA TYR C 316 20.98 23.21 0.54
C TYR C 316 21.64 23.98 1.68
N ASN D 4 22.11 60.44 2.29
CA ASN D 4 22.66 59.06 2.35
C ASN D 4 21.66 58.01 2.83
N ASN D 5 20.38 58.36 2.83
CA ASN D 5 19.35 57.39 3.17
C ASN D 5 18.74 56.75 1.93
N PHE D 6 19.23 55.57 1.59
CA PHE D 6 18.89 54.91 0.34
C PHE D 6 18.15 53.59 0.57
N ILE D 7 18.10 53.14 1.81
CA ILE D 7 17.47 51.87 2.16
C ILE D 7 15.97 51.84 1.83
N ASN D 8 15.56 50.79 1.13
CA ASN D 8 14.15 50.53 0.84
C ASN D 8 13.47 51.59 -0.03
N LEU D 9 14.26 52.39 -0.72
CA LEU D 9 13.74 53.34 -1.70
C LEU D 9 12.85 52.62 -2.71
N TYR D 10 13.26 51.42 -3.10
CA TYR D 10 12.43 50.56 -3.94
C TYR D 10 12.15 49.26 -3.21
N THR D 11 10.91 48.81 -3.33
CA THR D 11 10.46 47.61 -2.63
C THR D 11 9.85 46.66 -3.64
N VAL D 12 9.29 45.57 -3.14
CA VAL D 12 8.63 44.60 -4.03
C VAL D 12 7.26 45.13 -4.45
N LYS D 13 6.87 46.28 -3.88
CA LYS D 13 5.63 46.95 -4.29
C LYS D 13 5.89 48.04 -5.34
N ASN D 14 7.04 48.71 -5.24
CA ASN D 14 7.48 49.61 -6.31
C ASN D 14 8.92 49.34 -6.76
N PRO D 15 9.13 48.21 -7.45
CA PRO D 15 10.47 47.86 -7.92
C PRO D 15 10.93 48.77 -9.06
N LEU D 16 12.23 49.05 -9.09
CA LEU D 16 12.82 49.84 -10.17
C LEU D 16 13.10 48.97 -11.40
N LYS D 17 12.49 49.35 -12.53
CA LYS D 17 12.76 48.67 -13.79
C LYS D 17 14.11 49.09 -14.37
N CYS D 18 14.97 48.11 -14.62
CA CYS D 18 16.31 48.37 -15.13
C CYS D 18 16.59 47.52 -16.36
N LYS D 19 17.74 47.77 -16.99
CA LYS D 19 18.11 47.04 -18.21
C LYS D 19 19.45 46.32 -18.07
N ILE D 20 19.50 45.09 -18.56
CA ILE D 20 20.74 44.34 -18.67
C ILE D 20 21.63 44.95 -19.74
N VAL D 21 22.83 45.36 -19.36
CA VAL D 21 23.80 45.94 -20.30
C VAL D 21 24.83 44.90 -20.75
N ASP D 22 25.26 44.05 -19.82
CA ASP D 22 26.22 42.99 -20.12
C ASP D 22 26.05 41.80 -19.17
N LYS D 23 26.45 40.62 -19.65
CA LYS D 23 26.35 39.39 -18.89
C LYS D 23 27.62 38.58 -19.15
N ILE D 24 28.42 38.39 -18.11
CA ILE D 24 29.76 37.87 -18.28
C ILE D 24 30.03 36.69 -17.37
N ASN D 25 30.54 35.60 -17.94
CA ASN D 25 30.97 34.45 -17.14
C ASN D 25 32.19 34.85 -16.32
N LEU D 26 32.00 34.98 -15.01
CA LEU D 26 33.07 35.46 -14.11
C LEU D 26 34.13 34.40 -13.80
N VAL D 27 33.82 33.13 -14.04
CA VAL D 27 34.77 32.07 -13.76
C VAL D 27 35.49 31.56 -15.01
N ARG D 28 36.66 30.98 -14.80
CA ARG D 28 37.43 30.37 -15.86
C ARG D 28 37.12 28.88 -15.91
N PRO D 29 37.55 28.18 -16.96
CA PRO D 29 37.15 26.81 -17.29
C PRO D 29 37.31 25.75 -16.19
N ASN D 30 38.34 25.87 -15.36
CA ASN D 30 38.55 24.87 -14.31
C ASN D 30 37.67 25.05 -13.07
N SER D 31 36.88 26.11 -13.03
CA SER D 31 35.95 26.30 -11.94
C SER D 31 34.81 25.29 -12.06
N PRO D 32 34.39 24.69 -10.93
CA PRO D 32 33.20 23.86 -10.97
C PRO D 32 31.94 24.72 -10.92
N ASN D 33 32.13 26.03 -10.78
CA ASN D 33 31.03 26.95 -10.62
C ASN D 33 30.56 27.62 -11.90
N GLU D 34 29.29 28.01 -11.91
CA GLU D 34 28.77 28.89 -12.93
C GLU D 34 28.33 30.15 -12.23
N VAL D 35 28.92 31.28 -12.58
CA VAL D 35 28.54 32.56 -11.99
C VAL D 35 28.73 33.71 -12.98
N TYR D 36 27.75 34.62 -13.01
CA TYR D 36 27.72 35.68 -13.99
C TYR D 36 27.81 37.06 -13.36
N HIS D 37 28.59 37.93 -14.01
CA HIS D 37 28.65 39.33 -13.67
C HIS D 37 27.62 40.04 -14.54
N LEU D 38 26.69 40.76 -13.90
CA LEU D 38 25.68 41.50 -14.65
C LEU D 38 25.96 42.99 -14.59
N GLU D 39 26.04 43.64 -15.76
CA GLU D 39 26.02 45.10 -15.76
C GLU D 39 24.57 45.55 -15.96
N ILE D 40 24.09 46.36 -15.03
CA ILE D 40 22.69 46.76 -15.02
C ILE D 40 22.54 48.26 -15.14
N ASN D 41 21.71 48.70 -16.09
CA ASN D 41 21.46 50.12 -16.28
C ASN D 41 20.17 50.55 -15.59
N HIS D 42 20.31 51.39 -14.57
CA HIS D 42 19.19 51.81 -13.74
C HIS D 42 18.86 53.28 -13.93
N ASN D 43 19.48 53.90 -14.94
CA ASN D 43 19.31 55.33 -15.22
C ASN D 43 19.69 56.25 -14.08
N GLY D 44 20.71 55.85 -13.32
CA GLY D 44 21.17 56.62 -12.17
C GLY D 44 20.09 56.76 -11.11
N LEU D 45 19.01 56.01 -11.26
CA LEU D 45 17.89 56.06 -10.33
C LEU D 45 18.05 55.15 -9.12
N PHE D 46 18.86 54.10 -9.25
CA PHE D 46 19.12 53.25 -8.09
C PHE D 46 20.18 53.87 -7.21
N LYS D 47 19.81 54.13 -5.96
CA LYS D 47 20.70 54.78 -5.02
C LYS D 47 21.24 53.75 -4.05
N TYR D 48 22.55 53.81 -3.80
CA TYR D 48 23.19 52.83 -2.94
C TYR D 48 24.55 53.34 -2.50
N LEU D 49 25.05 52.75 -1.41
CA LEU D 49 26.40 52.97 -0.95
C LEU D 49 27.16 51.66 -1.09
N GLU D 50 28.48 51.73 -1.24
CA GLU D 50 29.28 50.52 -1.35
C GLU D 50 28.97 49.57 -0.20
N GLY D 51 28.89 48.28 -0.50
CA GLY D 51 28.58 47.29 0.50
C GLY D 51 27.11 46.98 0.53
N HIS D 52 26.32 47.88 -0.05
CA HIS D 52 24.88 47.67 -0.12
C HIS D 52 24.49 46.50 -1.00
N THR D 53 23.31 45.96 -0.73
CA THR D 53 22.79 44.81 -1.44
C THR D 53 21.56 45.28 -2.21
N CYS D 54 21.31 44.69 -3.37
CA CYS D 54 20.06 44.98 -4.07
C CYS D 54 19.18 43.76 -4.10
N GLY D 55 17.89 43.98 -4.36
CA GLY D 55 16.97 42.88 -4.57
C GLY D 55 16.65 42.74 -6.04
N ILE D 56 16.57 41.51 -6.51
CA ILE D 56 16.16 41.23 -7.88
C ILE D 56 14.89 40.39 -7.79
N ILE D 57 13.82 40.84 -8.45
CA ILE D 57 12.59 40.07 -8.47
C ILE D 57 12.50 39.28 -9.76
N PRO D 58 12.64 37.96 -9.66
CA PRO D 58 12.59 37.08 -10.83
C PRO D 58 11.20 37.05 -11.45
N TYR D 59 11.17 37.03 -12.78
CA TYR D 59 9.94 36.96 -13.58
C TYR D 59 8.94 38.07 -13.40
N TYR D 60 9.38 39.32 -13.35
CA TYR D 60 8.37 40.37 -13.14
C TYR D 60 8.07 41.26 -14.35
N ASN D 61 6.80 41.35 -14.71
CA ASN D 61 6.38 42.16 -15.85
C ASN D 61 5.55 43.37 -15.42
N GLU D 62 4.25 43.17 -15.28
CA GLU D 62 3.34 44.24 -14.88
C GLU D 62 2.61 43.89 -13.59
N GLN D 97 5.88 33.44 -7.55
CA GLN D 97 5.26 34.74 -7.41
C GLN D 97 6.33 35.79 -7.21
N ARG D 98 5.97 36.99 -6.75
CA ARG D 98 6.95 38.06 -6.61
C ARG D 98 7.82 37.86 -5.35
N CYS D 99 8.89 37.10 -5.52
CA CYS D 99 9.81 36.81 -4.44
C CYS D 99 11.17 37.36 -4.83
N ALA D 100 11.74 38.13 -3.93
CA ALA D 100 13.03 38.76 -4.18
C ALA D 100 14.22 38.00 -3.58
N ARG D 101 15.33 37.98 -4.32
CA ARG D 101 16.60 37.48 -3.78
C ARG D 101 17.59 38.63 -3.69
N LEU D 102 18.46 38.58 -2.69
CA LEU D 102 19.44 39.64 -2.47
C LEU D 102 20.77 39.30 -3.11
N TYR D 103 21.44 40.33 -3.62
CA TYR D 103 22.75 40.18 -4.24
C TYR D 103 23.60 41.41 -3.95
N SER D 104 24.88 41.19 -3.65
CA SER D 104 25.78 42.28 -3.32
C SER D 104 26.15 43.07 -4.57
N ILE D 105 26.04 44.39 -4.47
CA ILE D 105 26.43 45.28 -5.54
C ILE D 105 27.94 45.35 -5.57
N SER D 106 28.53 45.05 -6.72
CA SER D 106 29.98 44.99 -6.83
C SER D 106 30.57 46.19 -7.55
N SER D 107 29.72 47.18 -7.81
CA SER D 107 30.16 48.42 -8.45
C SER D 107 30.28 49.57 -7.44
N SER D 108 31.06 50.57 -7.82
CA SER D 108 31.18 51.81 -7.04
C SER D 108 30.05 52.74 -7.49
N ASN D 109 29.50 53.53 -6.58
CA ASN D 109 28.32 54.35 -6.92
C ASN D 109 28.58 55.61 -7.78
N ASN D 110 29.85 55.86 -8.09
CA ASN D 110 30.22 56.90 -9.07
C ASN D 110 30.07 56.38 -10.48
N MET D 111 30.05 55.05 -10.60
CA MET D 111 29.87 54.39 -11.89
C MET D 111 28.41 54.53 -12.32
N GLU D 112 28.18 54.66 -13.63
CA GLU D 112 26.83 54.94 -14.10
C GLU D 112 25.93 53.72 -14.04
N ASN D 113 26.47 52.57 -14.43
CA ASN D 113 25.77 51.30 -14.27
C ASN D 113 26.16 50.65 -12.96
N LEU D 114 25.28 49.84 -12.41
CA LEU D 114 25.65 49.05 -11.24
C LEU D 114 25.90 47.62 -11.68
N SER D 115 26.60 46.86 -10.86
CA SER D 115 26.91 45.49 -11.23
C SER D 115 26.64 44.55 -10.06
N VAL D 116 26.58 43.26 -10.37
CA VAL D 116 26.26 42.22 -9.42
C VAL D 116 26.90 40.91 -9.88
N ALA D 117 27.22 40.02 -8.94
CA ALA D 117 27.78 38.72 -9.30
C ALA D 117 26.87 37.61 -8.76
N ILE D 118 26.41 36.75 -9.65
CA ILE D 118 25.39 35.78 -9.26
C ILE D 118 25.81 34.35 -9.57
N LYS D 119 25.93 33.54 -8.51
CA LYS D 119 26.18 32.13 -8.67
C LYS D 119 24.89 31.43 -9.08
N ILE D 120 24.98 30.60 -10.12
CA ILE D 120 23.81 29.86 -10.60
C ILE D 120 23.74 28.50 -9.92
N HIS D 121 22.76 28.33 -9.04
CA HIS D 121 22.58 27.09 -8.30
C HIS D 121 21.79 26.07 -9.11
N LYS D 122 22.28 24.83 -9.14
CA LYS D 122 21.62 23.75 -9.87
C LYS D 122 21.48 22.50 -9.01
N TYR D 123 20.50 21.66 -9.33
CA TYR D 123 20.39 20.34 -8.73
C TYR D 123 19.87 19.34 -9.74
N GLU D 124 20.38 18.10 -9.66
CA GLU D 124 19.92 17.03 -10.55
C GLU D 124 18.83 16.26 -9.81
N GLN D 125 17.59 16.37 -10.30
CA GLN D 125 16.45 15.73 -9.64
C GLN D 125 16.28 14.29 -10.12
N ILE D 132 15.23 17.37 -16.66
CA ILE D 132 16.69 17.38 -16.78
C ILE D 132 17.19 18.24 -15.66
N THR D 133 18.48 18.57 -15.63
CA THR D 133 19.08 19.53 -14.66
C THR D 133 18.15 20.67 -14.19
N ASN D 134 18.01 20.93 -12.88
CA ASN D 134 17.12 21.99 -12.43
C ASN D 134 17.91 23.14 -11.84
N TYR D 135 17.31 24.33 -11.86
CA TYR D 135 17.97 25.52 -11.34
C TYR D 135 17.21 26.12 -10.16
N GLY D 136 17.92 26.88 -9.34
CA GLY D 136 17.27 27.67 -8.31
C GLY D 136 16.28 28.61 -8.96
N TYR D 137 15.42 29.22 -8.15
CA TYR D 137 14.39 30.08 -8.69
C TYR D 137 15.00 31.28 -9.42
N CYS D 138 15.74 32.11 -8.70
CA CYS D 138 16.41 33.24 -9.35
C CYS D 138 17.51 32.77 -10.31
N SER D 139 18.21 31.70 -9.92
CA SER D 139 19.33 31.21 -10.74
C SER D 139 18.91 30.92 -12.18
N GLY D 140 17.77 30.25 -12.34
CA GLY D 140 17.30 29.89 -13.67
C GLY D 140 16.87 31.11 -14.46
N PHE D 141 16.37 32.11 -13.75
CA PHE D 141 16.00 33.38 -14.35
C PHE D 141 17.23 34.11 -14.89
N ILE D 142 18.28 34.18 -14.08
CA ILE D 142 19.52 34.83 -14.50
C ILE D 142 20.16 34.07 -15.65
N LYS D 143 20.08 32.75 -15.57
CA LYS D 143 20.64 31.87 -16.59
C LYS D 143 20.07 32.22 -17.96
N ASN D 144 18.75 32.34 -18.04
CA ASN D 144 18.08 32.63 -19.30
C ASN D 144 18.10 34.11 -19.68
N LEU D 145 18.68 34.95 -18.81
CA LEU D 145 18.77 36.39 -19.09
C LEU D 145 19.51 36.70 -20.38
N LYS D 146 18.96 37.62 -21.16
CA LYS D 146 19.62 38.10 -22.37
C LYS D 146 19.98 39.57 -22.22
N ILE D 147 20.90 40.03 -23.06
CA ILE D 147 21.23 41.44 -23.15
C ILE D 147 20.00 42.28 -23.47
N ASN D 148 19.87 43.40 -22.78
CA ASN D 148 18.75 44.33 -22.97
C ASN D 148 17.41 43.86 -22.38
N ASP D 149 17.42 42.71 -21.72
CA ASP D 149 16.23 42.26 -21.00
C ASP D 149 15.96 43.18 -19.80
N ASP D 150 14.68 43.37 -19.48
CA ASP D 150 14.29 44.07 -18.26
C ASP D 150 14.68 43.26 -17.02
N ILE D 151 15.04 43.98 -15.95
CA ILE D 151 15.29 43.36 -14.66
C ILE D 151 14.82 44.35 -13.58
N TYR D 152 14.09 43.82 -12.59
CA TYR D 152 13.46 44.68 -11.59
C TYR D 152 14.16 44.59 -10.22
N LEU D 153 14.67 45.72 -9.76
CA LEU D 153 15.43 45.78 -8.52
C LEU D 153 14.66 46.39 -7.35
N THR D 154 15.01 45.96 -6.13
CA THR D 154 14.57 46.63 -4.90
C THR D 154 15.81 46.98 -4.10
N GLY D 155 15.67 47.89 -3.13
CA GLY D 155 16.80 48.31 -2.31
C GLY D 155 16.93 49.82 -2.23
N ALA D 156 18.04 50.30 -1.66
CA ALA D 156 19.13 49.45 -1.18
C ALA D 156 18.78 48.73 0.12
N HIS D 157 19.56 47.71 0.46
CA HIS D 157 19.38 46.97 1.71
C HIS D 157 20.69 46.79 2.45
N GLY D 158 20.62 46.66 3.77
CA GLY D 158 21.77 46.28 4.58
C GLY D 158 22.55 47.42 5.18
N TYR D 159 23.59 47.06 5.95
CA TYR D 159 24.44 48.04 6.61
C TYR D 159 25.89 47.59 6.59
N PHE D 160 26.24 46.79 5.58
CA PHE D 160 27.60 46.32 5.39
C PHE D 160 28.39 47.40 4.63
N ASN D 161 28.60 48.54 5.28
CA ASN D 161 29.16 49.72 4.62
C ASN D 161 30.51 50.17 5.18
N LEU D 162 31.24 50.97 4.39
CA LEU D 162 32.49 51.57 4.85
C LEU D 162 32.22 52.68 5.86
N PRO D 163 33.20 52.99 6.65
CA PRO D 163 33.13 54.10 7.60
C PRO D 163 33.24 55.40 6.87
N ASN D 164 32.52 56.41 7.33
CA ASN D 164 32.35 57.65 6.63
C ASN D 164 33.60 58.41 6.21
N ASP D 165 34.69 58.33 6.91
CA ASP D 165 35.79 59.05 6.29
C ASP D 165 37.01 58.24 6.05
N ALA D 166 36.78 57.04 5.55
CA ALA D 166 37.81 56.07 5.32
C ALA D 166 38.92 56.60 4.46
N ILE D 167 38.58 57.34 3.42
CA ILE D 167 39.54 57.83 2.44
C ILE D 167 40.41 58.96 2.96
N GLN D 168 39.76 59.97 3.53
CA GLN D 168 40.47 61.07 4.15
C GLN D 168 41.26 60.60 5.36
N LYS D 169 40.77 59.61 6.10
CA LYS D 169 41.42 59.07 7.30
C LYS D 169 42.38 57.93 7.00
N ASN D 170 42.36 57.44 5.77
CA ASN D 170 43.24 56.34 5.36
C ASN D 170 43.09 55.12 6.27
N THR D 171 41.85 54.84 6.67
CA THR D 171 41.56 53.72 7.54
C THR D 171 42.02 52.40 6.91
N ASN D 172 42.57 51.52 7.75
CA ASN D 172 43.00 50.20 7.30
C ASN D 172 41.87 49.19 7.41
N PHE D 173 41.97 48.09 6.66
CA PHE D 173 40.90 47.10 6.63
C PHE D 173 41.40 45.65 6.62
N ILE D 174 40.57 44.77 7.17
CA ILE D 174 40.69 43.34 6.95
C ILE D 174 39.40 42.86 6.27
N PHE D 175 39.52 42.38 5.03
CA PHE D 175 38.38 41.83 4.32
C PHE D 175 38.47 40.31 4.26
N ILE D 176 37.45 39.63 4.76
CA ILE D 176 37.40 38.18 4.71
C ILE D 176 36.19 37.74 3.88
N ALA D 177 36.42 36.86 2.92
CA ALA D 177 35.35 36.47 2.01
C ALA D 177 35.41 35.01 1.57
N THR D 178 34.24 34.50 1.18
CA THR D 178 34.15 33.24 0.48
C THR D 178 33.21 33.42 -0.72
N GLY D 179 33.55 32.79 -1.84
CA GLY D 179 32.72 32.85 -3.04
C GLY D 179 32.32 34.26 -3.45
N THR D 180 31.03 34.47 -3.63
CA THR D 180 30.51 35.76 -4.06
C THR D 180 30.62 36.81 -2.96
N GLY D 181 31.06 36.38 -1.79
CA GLY D 181 31.29 37.29 -0.68
C GLY D 181 32.32 38.36 -0.97
N ILE D 182 33.06 38.21 -2.06
CA ILE D 182 34.05 39.23 -2.42
C ILE D 182 33.38 40.48 -2.99
N SER D 183 32.16 40.33 -3.48
CA SER D 183 31.46 41.42 -4.17
C SER D 183 31.52 42.76 -3.45
N PRO D 184 31.04 42.83 -2.21
CA PRO D 184 31.06 44.11 -1.51
C PRO D 184 32.47 44.68 -1.39
N TYR D 185 33.47 43.80 -1.28
CA TYR D 185 34.86 44.22 -1.17
C TYR D 185 35.38 44.79 -2.49
N ILE D 186 34.88 44.27 -3.59
CA ILE D 186 35.23 44.85 -4.89
C ILE D 186 34.61 46.24 -4.96
N SER D 187 33.39 46.37 -4.44
CA SER D 187 32.72 47.66 -4.37
C SER D 187 33.57 48.65 -3.57
N PHE D 188 34.00 48.23 -2.37
CA PHE D 188 34.87 49.06 -1.54
C PHE D 188 36.14 49.51 -2.28
N LEU D 189 36.84 48.53 -2.86
CA LEU D 189 38.11 48.81 -3.53
C LEU D 189 37.97 49.80 -4.67
N LYS D 190 36.87 49.72 -5.39
CA LYS D 190 36.63 50.59 -6.53
C LYS D 190 36.46 52.04 -6.08
N LYS D 191 35.89 52.22 -4.89
CA LYS D 191 35.76 53.55 -4.31
C LYS D 191 37.10 54.03 -3.75
N LEU D 192 37.70 53.24 -2.88
CA LEU D 192 38.93 53.61 -2.21
C LEU D 192 40.08 53.91 -3.17
N PHE D 193 40.17 53.13 -4.24
CA PHE D 193 41.25 53.28 -5.20
C PHE D 193 40.80 54.01 -6.46
N ALA D 194 39.58 54.52 -6.43
CA ALA D 194 39.04 55.28 -7.57
C ALA D 194 39.19 54.52 -8.88
N TYR D 195 38.71 53.28 -8.90
CA TYR D 195 38.80 52.42 -10.08
C TYR D 195 38.06 53.00 -11.28
N ASP D 196 38.68 52.89 -12.45
CA ASP D 196 38.05 53.29 -13.70
C ASP D 196 38.55 52.40 -14.83
N LYS D 197 37.71 51.45 -15.24
CA LYS D 197 38.04 50.49 -16.29
C LYS D 197 38.52 51.20 -17.55
N ASN D 198 37.89 52.33 -17.85
CA ASN D 198 38.23 53.09 -19.03
C ASN D 198 39.30 54.14 -18.77
N ASN D 199 40.09 53.93 -17.72
CA ASN D 199 41.16 54.85 -17.36
C ASN D 199 42.36 54.34 -16.59
N LEU D 200 42.57 53.02 -16.64
CA LEU D 200 43.36 52.24 -15.69
C LEU D 200 44.82 52.66 -15.61
N TYR D 201 45.28 53.38 -16.62
CA TYR D 201 46.69 53.79 -16.68
C TYR D 201 47.00 54.99 -15.77
N ASN D 202 45.95 55.58 -15.22
CA ASN D 202 46.11 56.66 -14.25
C ASN D 202 45.77 56.19 -12.84
N ARG D 203 46.23 56.92 -11.83
CA ARG D 203 46.03 56.52 -10.44
C ARG D 203 44.80 57.18 -9.84
N ASN D 204 44.89 58.47 -9.56
CA ASN D 204 43.75 59.24 -9.10
C ASN D 204 43.22 58.85 -7.71
N SER D 205 43.94 57.95 -7.04
CA SER D 205 43.54 57.49 -5.71
C SER D 205 44.15 58.34 -4.60
N ASN D 206 43.29 58.85 -3.71
CA ASN D 206 43.73 59.64 -2.57
C ASN D 206 43.87 58.83 -1.28
N TYR D 207 43.81 57.51 -1.41
CA TYR D 207 43.85 56.60 -0.27
C TYR D 207 45.21 55.94 -0.12
N THR D 208 45.74 55.95 1.10
CA THR D 208 47.04 55.33 1.37
C THR D 208 46.99 54.38 2.56
N GLY D 209 45.77 53.93 2.90
CA GLY D 209 45.59 52.93 3.94
C GLY D 209 46.06 51.57 3.45
N TYR D 210 46.03 50.58 4.33
CA TYR D 210 46.52 49.25 4.00
C TYR D 210 45.41 48.20 4.13
N ILE D 211 45.28 47.36 3.12
CA ILE D 211 44.17 46.43 3.02
C ILE D 211 44.64 44.98 2.93
N THR D 212 44.07 44.13 3.78
CA THR D 212 44.41 42.70 3.78
C THR D 212 43.17 41.88 3.45
N ILE D 213 43.28 41.02 2.44
CA ILE D 213 42.15 40.22 1.99
C ILE D 213 42.41 38.72 2.16
N TYR D 214 41.52 38.05 2.89
CA TYR D 214 41.52 36.61 2.97
C TYR D 214 40.31 36.11 2.19
N TYR D 215 40.55 35.32 1.15
CA TYR D 215 39.48 34.96 0.22
C TYR D 215 39.47 33.46 -0.02
N GLY D 216 38.37 32.82 0.37
CA GLY D 216 38.22 31.39 0.20
C GLY D 216 37.41 31.06 -1.04
N VAL D 217 38.04 30.37 -1.98
CA VAL D 217 37.36 29.86 -3.15
C VAL D 217 37.82 28.43 -3.41
N TYR D 218 37.25 27.77 -4.43
CA TYR D 218 37.60 26.39 -4.72
C TYR D 218 38.99 26.24 -5.35
N ASN D 219 39.25 27.00 -6.40
CA ASN D 219 40.57 27.02 -7.04
C ASN D 219 40.78 28.39 -7.69
N GLU D 220 41.90 28.56 -8.38
CA GLU D 220 42.25 29.83 -8.98
C GLU D 220 41.24 30.28 -10.05
N ASP D 221 40.67 29.31 -10.77
CA ASP D 221 39.69 29.64 -11.81
C ASP D 221 38.34 30.02 -11.20
N SER D 222 38.24 29.96 -9.88
CA SER D 222 37.00 30.27 -9.18
C SER D 222 37.06 31.64 -8.51
N ILE D 223 38.24 32.24 -8.50
CA ILE D 223 38.36 33.59 -7.96
C ILE D 223 37.46 34.54 -8.75
N LEU D 224 36.55 35.20 -8.05
CA LEU D 224 35.66 36.17 -8.70
C LEU D 224 36.29 37.55 -8.73
N TYR D 225 36.27 38.18 -9.90
CA TYR D 225 36.82 39.52 -10.08
C TYR D 225 38.34 39.50 -10.00
N LEU D 226 38.93 38.44 -10.53
CA LEU D 226 40.38 38.26 -10.59
C LEU D 226 41.05 39.41 -11.36
N ASN D 227 40.46 39.81 -12.49
CA ASN D 227 40.97 40.95 -13.24
C ASN D 227 41.22 42.13 -12.32
N GLU D 228 40.21 42.48 -11.55
CA GLU D 228 40.27 43.64 -10.65
C GLU D 228 41.24 43.42 -9.51
N LEU D 229 41.14 42.26 -8.87
CA LEU D 229 42.04 41.93 -7.75
C LEU D 229 43.49 41.99 -8.19
N GLU D 230 43.78 41.44 -9.37
CA GLU D 230 45.14 41.47 -9.90
C GLU D 230 45.59 42.88 -10.27
N TYR D 231 44.66 43.69 -10.76
CA TYR D 231 44.97 45.07 -11.12
C TYR D 231 45.39 45.87 -9.89
N PHE D 232 44.55 45.85 -8.86
CA PHE D 232 44.86 46.57 -7.62
C PHE D 232 46.17 46.07 -7.02
N GLN D 233 46.38 44.75 -7.10
CA GLN D 233 47.55 44.11 -6.54
C GLN D 233 48.84 44.63 -7.18
N LYS D 234 48.76 44.93 -8.47
CA LYS D 234 49.96 45.36 -9.20
C LYS D 234 50.08 46.89 -9.29
N MET D 235 48.96 47.59 -9.09
CA MET D 235 48.96 49.05 -9.09
C MET D 235 49.37 49.61 -7.74
N TYR D 236 48.83 49.03 -6.68
CA TYR D 236 49.07 49.51 -5.33
C TYR D 236 49.64 48.40 -4.46
N PRO D 237 50.84 47.92 -4.82
CA PRO D 237 51.43 46.76 -4.16
C PRO D 237 51.80 47.03 -2.70
N ASN D 238 51.78 48.31 -2.31
CA ASN D 238 52.13 48.66 -0.93
C ASN D 238 50.88 48.90 -0.06
N ASN D 239 49.71 48.79 -0.67
CA ASN D 239 48.46 49.02 0.03
C ASN D 239 47.53 47.81 0.07
N ILE D 240 47.84 46.77 -0.70
CA ILE D 240 46.99 45.59 -0.77
C ILE D 240 47.77 44.30 -0.65
N ASN D 241 47.27 43.39 0.18
CA ASN D 241 47.83 42.05 0.30
C ASN D 241 46.69 41.04 0.28
N ILE D 242 46.78 40.04 -0.60
CA ILE D 242 45.68 39.10 -0.74
C ILE D 242 46.10 37.66 -0.46
N HIS D 243 45.36 37.00 0.44
CA HIS D 243 45.63 35.61 0.76
C HIS D 243 44.52 34.69 0.27
N TYR D 244 44.88 33.82 -0.68
CA TYR D 244 43.92 32.90 -1.26
C TYR D 244 43.98 31.55 -0.54
N VAL D 245 42.80 31.03 -0.21
CA VAL D 245 42.68 29.73 0.42
C VAL D 245 41.81 28.86 -0.47
N PHE D 246 42.42 27.82 -1.05
CA PHE D 246 41.73 26.98 -2.03
C PHE D 246 41.28 25.67 -1.41
N SER D 247 39.99 25.37 -1.54
CA SER D 247 39.44 24.17 -0.91
C SER D 247 39.71 22.89 -1.71
N TYR D 248 40.07 23.02 -2.98
CA TYR D 248 40.41 21.84 -3.78
C TYR D 248 41.61 21.12 -3.15
N LYS D 249 42.46 21.88 -2.48
CA LYS D 249 43.68 21.33 -1.87
C LYS D 249 43.42 20.26 -0.81
N GLN D 250 42.18 20.16 -0.35
CA GLN D 250 41.82 19.14 0.65
C GLN D 250 40.87 18.07 0.09
N ASN D 251 40.74 18.01 -1.24
CA ASN D 251 39.87 17.03 -1.90
C ASN D 251 40.12 15.59 -1.45
N SER D 252 41.31 15.32 -0.94
CA SER D 252 41.70 13.96 -0.57
C SER D 252 42.40 13.91 0.79
N ALA D 254 42.16 14.36 4.75
CA ALA D 254 41.50 13.80 5.93
C ALA D 254 41.07 14.90 6.90
N THR D 255 41.34 16.15 6.52
CA THR D 255 40.80 17.31 7.22
C THR D 255 40.45 18.38 6.21
N SER D 256 39.61 19.33 6.60
CA SER D 256 39.31 20.46 5.75
C SER D 256 40.18 21.63 6.15
N PHE D 257 40.40 22.55 5.21
CA PHE D 257 41.16 23.76 5.50
C PHE D 257 40.54 24.93 4.75
N TYR D 258 39.90 25.81 5.49
CA TYR D 258 39.15 26.91 4.92
C TYR D 258 39.79 28.24 5.30
N VAL D 259 39.13 29.34 4.95
CA VAL D 259 39.74 30.66 5.16
C VAL D 259 40.02 30.94 6.64
N GLN D 260 39.09 30.59 7.53
CA GLN D 260 39.30 30.78 8.97
C GLN D 260 40.54 30.04 9.46
N ASP D 261 40.80 28.90 8.83
CA ASP D 261 41.91 28.04 9.23
C ASP D 261 43.24 28.66 8.83
N GLU D 262 43.23 29.36 7.69
CA GLU D 262 44.38 30.15 7.28
C GLU D 262 44.57 31.30 8.27
N ILE D 263 43.46 31.91 8.67
CA ILE D 263 43.50 32.99 9.64
C ILE D 263 44.09 32.52 10.96
N TYR D 264 43.69 31.32 11.39
CA TYR D 264 44.17 30.79 12.66
C TYR D 264 45.66 30.46 12.58
N LYS D 265 46.10 30.02 11.41
CA LYS D 265 47.51 29.78 11.15
C LYS D 265 48.30 31.06 11.38
N ARG D 266 47.70 32.19 10.99
CA ARG D 266 48.34 33.50 11.08
C ARG D 266 47.74 34.30 12.24
N LYS D 267 47.41 33.62 13.33
CA LYS D 267 46.67 34.27 14.41
C LYS D 267 47.37 35.51 15.01
N THR D 268 48.65 35.38 15.35
CA THR D 268 49.37 36.48 15.98
C THR D 268 49.53 37.70 15.06
N GLU D 269 49.78 37.46 13.77
CA GLU D 269 49.93 38.55 12.83
C GLU D 269 48.58 39.12 12.39
N PHE D 270 47.51 38.38 12.64
CA PHE D 270 46.16 38.86 12.40
C PHE D 270 45.74 39.77 13.54
N LEU D 271 46.22 39.45 14.74
CA LEU D 271 46.05 40.33 15.90
C LEU D 271 46.94 41.56 15.73
N ASN D 272 48.09 41.38 15.09
CA ASN D 272 48.94 42.49 14.73
C ASN D 272 48.17 43.52 13.92
N LEU D 273 47.57 43.07 12.82
CA LEU D 273 46.79 43.95 11.95
C LEU D 273 45.63 44.60 12.70
N PHE D 274 44.84 43.78 13.38
CA PHE D 274 43.64 44.29 14.03
C PHE D 274 43.93 45.30 15.13
N ASN D 275 44.92 45.00 15.98
CA ASN D 275 45.21 45.85 17.12
C ASN D 275 46.15 47.01 16.84
N ASN D 276 47.30 46.72 16.26
CA ASN D 276 48.29 47.75 15.95
C ASN D 276 47.80 48.76 14.92
N TYR D 277 47.20 48.26 13.85
CA TYR D 277 46.81 49.10 12.72
C TYR D 277 45.35 49.55 12.74
N LYS D 278 44.62 49.16 13.80
CA LYS D 278 43.24 49.57 13.98
C LYS D 278 42.36 49.27 12.75
N CYS D 279 42.52 48.08 12.19
CA CYS D 279 41.78 47.67 11.00
C CYS D 279 40.28 47.56 11.27
N GLU D 280 39.47 47.99 10.31
CA GLU D 280 38.07 47.63 10.30
C GLU D 280 37.99 46.21 9.77
N LEU D 281 37.34 45.33 10.52
CA LEU D 281 37.28 43.92 10.13
C LEU D 281 35.93 43.59 9.51
N TYR D 282 35.95 43.09 8.28
CA TYR D 282 34.74 42.71 7.60
C TYR D 282 34.75 41.21 7.32
N ILE D 283 33.60 40.57 7.47
CA ILE D 283 33.46 39.16 7.15
C ILE D 283 32.22 38.96 6.30
N CYS D 284 32.41 38.52 5.05
CA CYS D 284 31.28 38.29 4.16
C CYS D 284 31.34 36.90 3.53
N GLY D 285 30.31 36.11 3.77
CA GLY D 285 30.31 34.73 3.29
C GLY D 285 29.61 33.81 4.25
N LYS D 286 30.20 32.63 4.40
CA LYS D 286 29.71 31.54 5.23
C LYS D 286 29.63 31.89 6.73
N LYS D 287 28.51 31.58 7.37
CA LYS D 287 28.33 31.93 8.78
C LYS D 287 29.44 31.42 9.68
N SER D 288 29.97 30.24 9.36
CA SER D 288 30.97 29.60 10.21
C SER D 288 32.24 30.44 10.40
N ILE D 289 32.73 31.08 9.34
CA ILE D 289 33.94 31.89 9.49
C ILE D 289 34.00 32.63 10.83
N ARG D 290 32.86 33.15 11.27
CA ARG D 290 32.80 34.07 12.41
C ARG D 290 33.41 33.50 13.71
N TYR D 291 33.02 32.29 14.05
CA TYR D 291 33.42 31.69 15.33
C TYR D 291 34.92 31.65 15.54
N LYS D 292 35.65 31.09 14.58
CA LYS D 292 37.08 30.90 14.72
C LYS D 292 37.84 32.22 14.67
N VAL D 293 37.28 33.21 13.96
CA VAL D 293 37.90 34.52 13.87
C VAL D 293 37.61 35.38 15.09
N MET D 294 36.37 35.32 15.58
CA MET D 294 35.99 36.07 16.76
C MET D 294 36.67 35.53 18.02
N ASP D 295 36.97 34.23 18.01
CA ASP D 295 37.67 33.61 19.13
C ASP D 295 39.10 34.14 19.25
N ILE D 296 39.73 34.43 18.12
CA ILE D 296 41.07 34.99 18.15
C ILE D 296 41.05 36.42 18.66
N LEU D 297 39.93 37.11 18.46
CA LEU D 297 39.77 38.47 18.96
C LEU D 297 39.35 38.49 20.42
N LYS D 298 38.67 37.43 20.85
CA LYS D 298 38.15 37.35 22.22
C LYS D 298 39.19 36.76 23.17
N ASP D 304 37.90 42.38 22.90
CA ASP D 304 37.69 42.61 24.32
C ASP D 304 37.16 44.03 24.58
N GLU D 305 36.00 44.33 24.01
CA GLU D 305 35.37 45.63 24.16
C GLU D 305 34.48 45.95 22.98
N LYS D 306 33.90 47.16 22.98
CA LYS D 306 33.02 47.59 21.90
C LYS D 306 33.79 47.71 20.58
N LYS D 307 35.00 47.17 20.61
CA LYS D 307 35.81 47.05 19.43
C LYS D 307 34.86 46.34 18.50
N LYS D 308 33.75 45.88 19.06
CA LYS D 308 32.73 45.30 18.19
C LYS D 308 32.25 46.32 17.15
N LYS D 309 32.47 47.59 17.45
CA LYS D 309 32.16 48.67 16.52
C LYS D 309 33.04 48.57 15.28
N ARG D 310 34.12 47.82 15.40
CA ARG D 310 35.10 47.68 14.32
C ARG D 310 34.92 46.38 13.52
N VAL D 311 33.93 45.57 13.91
CA VAL D 311 33.70 44.29 13.26
C VAL D 311 32.34 44.23 12.57
N HIS D 312 32.35 43.85 11.31
CA HIS D 312 31.14 43.80 10.50
C HIS D 312 30.97 42.41 9.88
N VAL D 313 29.75 41.88 9.90
CA VAL D 313 29.50 40.57 9.28
C VAL D 313 28.23 40.54 8.46
N GLU D 314 28.31 39.86 7.32
CA GLU D 314 27.16 39.60 6.47
C GLU D 314 27.31 38.18 5.92
N VAL D 315 26.51 37.26 6.43
CA VAL D 315 26.68 35.86 6.08
C VAL D 315 25.46 35.27 5.36
N TYR D 316 25.72 34.46 4.35
CA TYR D 316 24.67 33.80 3.61
C TYR D 316 25.21 32.56 2.88
N ASN E 5 -12.08 8.90 9.56
CA ASN E 5 -13.38 9.47 9.12
C ASN E 5 -13.21 10.38 7.91
N PHE E 6 -13.83 9.99 6.78
CA PHE E 6 -13.69 10.74 5.54
C PHE E 6 -14.87 11.68 5.29
N ILE E 7 -15.76 11.80 6.27
CA ILE E 7 -16.94 12.64 6.12
C ILE E 7 -16.64 14.14 6.16
N ASN E 8 -17.12 14.86 5.15
CA ASN E 8 -17.04 16.32 5.09
C ASN E 8 -15.64 16.92 4.96
N LEU E 9 -14.68 16.12 4.48
CA LEU E 9 -13.34 16.64 4.21
C LEU E 9 -13.42 17.75 3.17
N TYR E 10 -14.49 17.71 2.37
CA TYR E 10 -14.76 18.74 1.39
C TYR E 10 -16.19 19.24 1.54
N THR E 11 -16.37 20.56 1.41
CA THR E 11 -17.67 21.20 1.58
C THR E 11 -17.91 22.22 0.47
N VAL E 12 -19.02 22.95 0.55
CA VAL E 12 -19.33 23.96 -0.46
C VAL E 12 -18.34 25.12 -0.41
N LYS E 13 -17.67 25.28 0.73
CA LYS E 13 -16.66 26.31 0.89
C LYS E 13 -15.29 25.88 0.37
N ASN E 14 -15.00 24.58 0.48
CA ASN E 14 -13.75 24.04 -0.03
C ASN E 14 -13.96 22.76 -0.84
N PRO E 15 -14.59 22.89 -2.02
CA PRO E 15 -14.87 21.72 -2.84
C PRO E 15 -13.65 21.22 -3.60
N LEU E 16 -13.61 19.92 -3.86
CA LEU E 16 -12.48 19.33 -4.58
C LEU E 16 -12.65 19.54 -6.08
N LYS E 17 -11.60 20.07 -6.70
CA LYS E 17 -11.58 20.28 -8.14
C LYS E 17 -11.19 18.99 -8.85
N CYS E 18 -12.12 18.44 -9.62
CA CYS E 18 -11.90 17.18 -10.32
C CYS E 18 -12.15 17.35 -11.81
N LYS E 19 -11.80 16.33 -12.59
CA LYS E 19 -12.04 16.35 -14.02
C LYS E 19 -12.78 15.10 -14.51
N ILE E 20 -13.57 15.29 -15.56
CA ILE E 20 -14.31 14.19 -16.18
C ILE E 20 -13.40 13.35 -17.06
N VAL E 21 -13.22 12.07 -16.71
CA VAL E 21 -12.41 11.17 -17.53
C VAL E 21 -13.25 10.52 -18.61
N ASP E 22 -14.45 10.10 -18.24
CA ASP E 22 -15.35 9.46 -19.19
C ASP E 22 -16.81 9.75 -18.83
N LYS E 23 -17.67 9.64 -19.85
CA LYS E 23 -19.09 9.91 -19.70
C LYS E 23 -19.82 8.94 -20.62
N ILE E 24 -20.59 8.03 -20.01
CA ILE E 24 -21.12 6.88 -20.72
C ILE E 24 -22.62 6.71 -20.52
N ASN E 25 -23.34 6.44 -21.60
CA ASN E 25 -24.77 6.14 -21.51
C ASN E 25 -24.98 4.76 -20.87
N LEU E 26 -25.66 4.73 -19.73
CA LEU E 26 -25.82 3.50 -18.94
C LEU E 26 -27.04 2.67 -19.29
N VAL E 27 -27.94 3.22 -20.10
CA VAL E 27 -29.14 2.50 -20.48
C VAL E 27 -29.09 2.03 -21.93
N ARG E 28 -29.81 0.97 -22.24
CA ARG E 28 -29.97 0.53 -23.63
C ARG E 28 -31.12 1.31 -24.27
N PRO E 29 -31.22 1.25 -25.62
CA PRO E 29 -32.08 2.16 -26.38
C PRO E 29 -33.59 2.05 -26.16
N ASN E 30 -34.07 0.96 -25.57
CA ASN E 30 -35.51 0.83 -25.31
C ASN E 30 -35.87 1.09 -23.85
N SER E 31 -35.07 1.95 -23.20
CA SER E 31 -35.35 2.43 -21.86
C SER E 31 -35.94 3.84 -21.98
N PRO E 32 -36.96 4.15 -21.17
CA PRO E 32 -37.52 5.49 -21.23
C PRO E 32 -36.67 6.53 -20.50
N ASN E 33 -35.57 6.12 -19.88
CA ASN E 33 -34.74 7.08 -19.14
C ASN E 33 -33.36 7.37 -19.71
N GLU E 34 -32.82 8.52 -19.33
CA GLU E 34 -31.49 8.94 -19.71
C GLU E 34 -30.62 8.93 -18.44
N VAL E 35 -29.61 8.08 -18.42
CA VAL E 35 -28.75 7.93 -17.25
C VAL E 35 -27.29 7.88 -17.68
N TYR E 36 -26.43 8.66 -17.03
CA TYR E 36 -25.01 8.69 -17.41
C TYR E 36 -24.05 8.26 -16.32
N HIS E 37 -23.11 7.40 -16.72
CA HIS E 37 -22.01 6.96 -15.87
C HIS E 37 -20.85 7.93 -16.05
N LEU E 38 -20.51 8.64 -14.98
CA LEU E 38 -19.38 9.56 -15.01
C LEU E 38 -18.17 8.91 -14.36
N GLU E 39 -17.05 8.91 -15.07
CA GLU E 39 -15.78 8.50 -14.48
C GLU E 39 -15.01 9.76 -14.12
N ILE E 40 -14.64 9.89 -12.86
CA ILE E 40 -14.08 11.14 -12.36
C ILE E 40 -12.68 11.01 -11.76
N ASN E 41 -11.75 11.76 -12.31
CA ASN E 41 -10.40 11.85 -11.77
C ASN E 41 -10.32 12.93 -10.70
N HIS E 42 -10.03 12.50 -9.47
CA HIS E 42 -9.94 13.41 -8.33
C HIS E 42 -8.52 13.47 -7.78
N ASN E 43 -7.59 12.91 -8.54
CA ASN E 43 -6.18 12.89 -8.15
C ASN E 43 -5.92 12.10 -6.86
N GLY E 44 -6.80 11.16 -6.56
CA GLY E 44 -6.68 10.34 -5.35
C GLY E 44 -6.92 11.14 -4.08
N LEU E 45 -7.43 12.36 -4.24
CA LEU E 45 -7.62 13.26 -3.11
C LEU E 45 -9.00 13.14 -2.47
N PHE E 46 -9.97 12.58 -3.19
CA PHE E 46 -11.30 12.37 -2.62
C PHE E 46 -11.36 11.05 -1.86
N LYS E 47 -11.58 11.15 -0.55
CA LYS E 47 -11.58 9.99 0.33
C LYS E 47 -13.00 9.47 0.55
N TYR E 48 -13.16 8.16 0.41
CA TYR E 48 -14.48 7.57 0.60
C TYR E 48 -14.46 6.09 0.93
N LEU E 49 -15.60 5.61 1.41
CA LEU E 49 -15.83 4.17 1.61
C LEU E 49 -17.02 3.76 0.75
N GLU E 50 -16.95 2.56 0.18
CA GLU E 50 -18.06 2.02 -0.58
C GLU E 50 -19.37 2.26 0.15
N GLY E 51 -20.36 2.78 -0.56
CA GLY E 51 -21.66 3.10 0.04
C GLY E 51 -21.85 4.58 0.24
N HIS E 52 -20.74 5.30 0.34
CA HIS E 52 -20.77 6.75 0.49
C HIS E 52 -21.34 7.44 -0.74
N THR E 53 -21.89 8.62 -0.53
CA THR E 53 -22.29 9.47 -1.63
C THR E 53 -21.31 10.64 -1.72
N CYS E 54 -21.28 11.31 -2.86
CA CYS E 54 -20.55 12.55 -2.98
C CYS E 54 -21.51 13.62 -3.44
N GLY E 55 -21.17 14.88 -3.16
CA GLY E 55 -21.97 15.99 -3.61
C GLY E 55 -21.35 16.61 -4.85
N ILE E 56 -22.19 16.96 -5.81
CA ILE E 56 -21.74 17.67 -7.00
C ILE E 56 -22.34 19.07 -7.01
N ILE E 57 -21.49 20.08 -7.20
CA ILE E 57 -21.96 21.46 -7.26
C ILE E 57 -22.04 21.94 -8.72
N PRO E 58 -23.27 22.01 -9.26
CA PRO E 58 -23.43 22.40 -10.66
C PRO E 58 -22.92 23.81 -10.94
N TYR E 59 -22.23 23.97 -12.07
CA TYR E 59 -21.76 25.28 -12.53
C TYR E 59 -20.84 26.02 -11.55
N TYR E 60 -20.09 25.28 -10.75
CA TYR E 60 -19.16 25.90 -9.82
C TYR E 60 -17.93 26.45 -10.55
N ASN E 61 -17.55 27.68 -10.23
CA ASN E 61 -16.40 28.32 -10.86
C ASN E 61 -15.40 28.87 -9.84
N GLN E 97 -25.07 30.20 -7.80
CA GLN E 97 -25.88 29.49 -6.82
C GLN E 97 -25.24 28.17 -6.43
N ARG E 98 -24.46 28.19 -5.35
CA ARG E 98 -23.78 26.98 -4.87
C ARG E 98 -24.77 26.04 -4.18
N CYS E 99 -25.34 25.13 -4.95
CA CYS E 99 -26.31 24.16 -4.41
C CYS E 99 -26.03 22.72 -4.84
N ALA E 100 -25.50 21.91 -3.92
CA ALA E 100 -25.02 20.57 -4.25
C ALA E 100 -26.09 19.46 -4.21
N ARG E 101 -25.98 18.52 -5.14
CA ARG E 101 -26.83 17.34 -5.13
C ARG E 101 -25.97 16.11 -4.81
N LEU E 102 -26.56 15.14 -4.12
CA LEU E 102 -25.83 13.94 -3.71
C LEU E 102 -25.94 12.81 -4.73
N TYR E 103 -24.87 12.03 -4.87
CA TYR E 103 -24.86 10.88 -5.78
C TYR E 103 -24.03 9.75 -5.22
N SER E 104 -24.55 8.52 -5.33
CA SER E 104 -23.86 7.35 -4.84
C SER E 104 -22.63 7.00 -5.66
N ILE E 105 -21.48 6.92 -4.99
CA ILE E 105 -20.23 6.53 -5.62
C ILE E 105 -20.30 5.06 -6.01
N SER E 106 -20.19 4.78 -7.31
CA SER E 106 -20.38 3.44 -7.84
C SER E 106 -19.07 2.67 -8.03
N SER E 107 -17.98 3.23 -7.51
CA SER E 107 -16.67 2.60 -7.63
C SER E 107 -16.14 2.20 -6.25
N SER E 108 -15.09 1.38 -6.22
CA SER E 108 -14.49 0.99 -4.94
C SER E 108 -13.21 1.78 -4.64
N ASN E 109 -12.82 1.79 -3.36
CA ASN E 109 -11.65 2.51 -2.87
C ASN E 109 -10.38 2.31 -3.69
N ASN E 110 -10.16 1.08 -4.15
CA ASN E 110 -8.89 0.69 -4.77
C ASN E 110 -8.68 1.19 -6.20
N MET E 111 -9.71 1.80 -6.78
CA MET E 111 -9.62 2.31 -8.14
C MET E 111 -9.09 3.75 -8.17
N GLU E 112 -8.34 4.10 -9.20
CA GLU E 112 -7.71 5.41 -9.28
C GLU E 112 -8.76 6.52 -9.36
N ASN E 113 -9.70 6.38 -10.29
CA ASN E 113 -10.79 7.33 -10.44
C ASN E 113 -12.03 6.83 -9.71
N LEU E 114 -13.03 7.72 -9.58
CA LEU E 114 -14.30 7.39 -8.92
C LEU E 114 -15.48 7.61 -9.87
N SER E 115 -16.56 6.86 -9.70
CA SER E 115 -17.68 6.91 -10.64
C SER E 115 -19.07 7.02 -9.99
N VAL E 116 -19.96 7.70 -10.67
CA VAL E 116 -21.35 7.89 -10.26
C VAL E 116 -22.34 7.62 -11.42
N ALA E 117 -23.57 7.28 -11.12
CA ALA E 117 -24.60 7.10 -12.14
C ALA E 117 -25.70 8.15 -11.96
N ILE E 118 -25.85 9.03 -12.94
CA ILE E 118 -26.78 10.14 -12.82
C ILE E 118 -27.91 10.11 -13.82
N LYS E 119 -29.13 9.90 -13.32
CA LYS E 119 -30.32 9.99 -14.15
C LYS E 119 -30.63 11.44 -14.47
N ILE E 120 -30.94 11.71 -15.73
CA ILE E 120 -31.24 13.07 -16.17
C ILE E 120 -32.74 13.34 -16.07
N HIS E 121 -33.12 14.26 -15.18
CA HIS E 121 -34.53 14.56 -14.96
C HIS E 121 -35.05 15.61 -15.95
N LYS E 122 -36.30 15.43 -16.36
CA LYS E 122 -36.94 16.28 -17.36
C LYS E 122 -38.39 16.57 -16.97
N TYR E 123 -38.88 17.75 -17.35
CA TYR E 123 -40.30 18.06 -17.16
C TYR E 123 -40.89 18.84 -18.33
N GLU E 124 -42.22 18.81 -18.43
CA GLU E 124 -42.93 19.38 -19.59
C GLU E 124 -42.77 18.46 -20.79
N ASN E 134 -36.97 21.33 -20.73
CA ASN E 134 -36.66 21.71 -19.35
C ASN E 134 -35.97 20.60 -18.56
N TYR E 135 -34.96 20.98 -17.79
CA TYR E 135 -34.17 20.01 -17.03
C TYR E 135 -34.02 20.40 -15.56
N GLY E 136 -33.95 19.40 -14.70
CA GLY E 136 -33.58 19.63 -13.30
C GLY E 136 -32.24 20.33 -13.27
N TYR E 137 -31.98 21.08 -12.21
CA TYR E 137 -30.77 21.91 -12.12
C TYR E 137 -29.50 21.13 -12.43
N CYS E 138 -29.20 20.12 -11.62
CA CYS E 138 -27.99 19.33 -11.83
C CYS E 138 -28.09 18.46 -13.09
N SER E 139 -29.30 17.99 -13.41
CA SER E 139 -29.50 17.17 -14.59
C SER E 139 -28.98 17.87 -15.85
N GLY E 140 -29.36 19.12 -16.05
CA GLY E 140 -28.93 19.90 -17.21
C GLY E 140 -27.42 20.09 -17.26
N PHE E 141 -26.84 20.34 -16.10
CA PHE E 141 -25.39 20.48 -15.95
C PHE E 141 -24.69 19.18 -16.38
N ILE E 142 -25.19 18.05 -15.88
CA ILE E 142 -24.60 16.75 -16.22
C ILE E 142 -24.84 16.39 -17.69
N LYS E 143 -25.92 16.91 -18.26
CA LYS E 143 -26.27 16.68 -19.66
C LYS E 143 -25.30 17.38 -20.62
N ASN E 144 -24.98 18.64 -20.32
CA ASN E 144 -24.10 19.45 -21.17
C ASN E 144 -22.61 19.31 -20.85
N LEU E 145 -22.28 18.43 -19.89
CA LEU E 145 -20.89 18.18 -19.50
C LEU E 145 -20.07 17.57 -20.63
N LYS E 146 -18.85 18.07 -20.83
CA LYS E 146 -17.94 17.48 -21.81
C LYS E 146 -16.77 16.77 -21.13
N ILE E 147 -16.12 15.87 -21.86
CA ILE E 147 -14.98 15.13 -21.34
C ILE E 147 -13.80 16.07 -21.10
N ASN E 148 -13.16 15.92 -19.94
CA ASN E 148 -12.12 16.83 -19.45
C ASN E 148 -12.65 18.15 -18.88
N ASP E 149 -13.96 18.24 -18.71
CA ASP E 149 -14.55 19.37 -18.01
C ASP E 149 -14.23 19.30 -16.52
N ASP E 150 -14.18 20.46 -15.88
CA ASP E 150 -13.99 20.53 -14.45
C ASP E 150 -15.29 20.13 -13.77
N ILE E 151 -15.17 19.40 -12.66
CA ILE E 151 -16.33 19.16 -11.81
C ILE E 151 -15.95 19.19 -10.33
N TYR E 152 -16.79 19.84 -9.53
CA TYR E 152 -16.48 20.12 -8.14
C TYR E 152 -17.27 19.26 -7.16
N LEU E 153 -16.55 18.53 -6.32
CA LEU E 153 -17.17 17.57 -5.42
C LEU E 153 -17.06 17.98 -3.96
N THR E 154 -18.07 17.63 -3.20
CA THR E 154 -18.05 17.81 -1.78
C THR E 154 -17.90 16.45 -1.15
N GLY E 155 -17.25 16.47 0.02
CA GLY E 155 -16.71 15.32 0.72
C GLY E 155 -17.76 14.33 1.16
N ALA E 156 -17.30 13.11 1.42
CA ALA E 156 -18.19 11.99 1.62
C ALA E 156 -19.24 12.24 2.70
N HIS E 157 -20.44 11.90 2.29
CA HIS E 157 -21.70 11.97 3.06
C HIS E 157 -22.38 10.63 3.21
N GLY E 158 -23.21 10.44 4.22
CA GLY E 158 -23.89 9.18 4.41
C GLY E 158 -23.22 8.15 5.28
N TYR E 159 -23.97 7.13 5.65
CA TYR E 159 -23.47 6.05 6.49
C TYR E 159 -23.99 4.71 5.98
N PHE E 160 -24.22 4.65 4.67
CA PHE E 160 -24.75 3.47 4.01
C PHE E 160 -23.61 2.53 3.61
N ASN E 161 -22.79 2.15 4.59
CA ASN E 161 -21.56 1.40 4.33
C ASN E 161 -21.66 -0.10 4.68
N LEU E 162 -20.65 -0.85 4.25
CA LEU E 162 -20.52 -2.24 4.64
C LEU E 162 -19.99 -2.31 6.07
N PRO E 163 -20.26 -3.42 6.76
CA PRO E 163 -19.61 -3.65 8.05
C PRO E 163 -18.11 -3.81 7.82
N ASN E 164 -17.30 -3.38 8.78
CA ASN E 164 -15.84 -3.45 8.63
C ASN E 164 -15.31 -4.88 8.51
N ASP E 165 -16.05 -5.83 9.07
CA ASP E 165 -15.67 -7.23 8.97
C ASP E 165 -16.53 -7.95 7.94
N ALA E 166 -16.69 -7.32 6.78
CA ALA E 166 -17.50 -7.90 5.71
C ALA E 166 -16.78 -9.06 5.03
N ILE E 167 -15.59 -8.78 4.49
CA ILE E 167 -14.81 -9.80 3.80
C ILE E 167 -14.30 -10.86 4.77
N GLN E 168 -13.64 -10.42 5.83
CA GLN E 168 -13.00 -11.31 6.78
C GLN E 168 -13.98 -12.25 7.47
N LYS E 169 -15.25 -11.85 7.54
CA LYS E 169 -16.28 -12.66 8.20
C LYS E 169 -17.22 -13.31 7.18
N ASN E 170 -16.91 -13.18 5.90
CA ASN E 170 -17.77 -13.69 4.84
C ASN E 170 -19.25 -13.42 5.09
N THR E 171 -19.54 -12.18 5.50
CA THR E 171 -20.90 -11.78 5.83
C THR E 171 -21.84 -11.87 4.64
N ASN E 172 -23.04 -12.41 4.86
CA ASN E 172 -24.04 -12.52 3.79
C ASN E 172 -24.84 -11.23 3.65
N PHE E 173 -25.44 -11.02 2.48
CA PHE E 173 -26.08 -9.75 2.18
C PHE E 173 -27.39 -9.85 1.41
N ILE E 174 -28.38 -9.08 1.85
CA ILE E 174 -29.55 -8.80 1.03
C ILE E 174 -29.46 -7.34 0.58
N PHE E 175 -29.30 -7.13 -0.73
CA PHE E 175 -29.36 -5.78 -1.28
C PHE E 175 -30.67 -5.57 -2.02
N ILE E 176 -31.42 -4.56 -1.62
CA ILE E 176 -32.65 -4.18 -2.31
C ILE E 176 -32.52 -2.78 -2.89
N ALA E 177 -32.81 -2.64 -4.17
CA ALA E 177 -32.58 -1.37 -4.85
C ALA E 177 -33.59 -1.06 -5.95
N THR E 178 -33.77 0.23 -6.20
CA THR E 178 -34.55 0.69 -7.34
C THR E 178 -33.82 1.82 -8.06
N GLY E 179 -33.82 1.76 -9.39
CA GLY E 179 -33.19 2.79 -10.21
C GLY E 179 -31.69 2.91 -10.02
N THR E 180 -31.23 4.12 -9.73
CA THR E 180 -29.83 4.38 -9.48
C THR E 180 -29.44 3.88 -8.10
N GLY E 181 -30.41 3.28 -7.41
CA GLY E 181 -30.19 2.73 -6.07
C GLY E 181 -29.20 1.58 -6.04
N ILE E 182 -28.92 1.00 -7.21
CA ILE E 182 -27.97 -0.10 -7.30
C ILE E 182 -26.54 0.38 -7.12
N SER E 183 -26.33 1.68 -7.32
CA SER E 183 -24.99 2.27 -7.29
C SER E 183 -24.12 1.81 -6.13
N PRO E 184 -24.58 2.00 -4.88
CA PRO E 184 -23.76 1.59 -3.75
C PRO E 184 -23.44 0.10 -3.74
N TYR E 185 -24.38 -0.72 -4.19
CA TYR E 185 -24.18 -2.17 -4.21
C TYR E 185 -23.12 -2.56 -5.25
N ILE E 186 -23.06 -1.81 -6.35
CA ILE E 186 -21.98 -1.99 -7.31
C ILE E 186 -20.64 -1.74 -6.62
N SER E 187 -20.53 -0.60 -5.93
CA SER E 187 -19.31 -0.31 -5.19
C SER E 187 -19.01 -1.40 -4.15
N PHE E 188 -20.04 -1.89 -3.48
CA PHE E 188 -19.89 -3.00 -2.55
C PHE E 188 -19.27 -4.22 -3.23
N LEU E 189 -19.90 -4.66 -4.33
CA LEU E 189 -19.46 -5.85 -5.04
C LEU E 189 -18.03 -5.71 -5.56
N LYS E 190 -17.69 -4.52 -6.04
CA LYS E 190 -16.35 -4.26 -6.56
C LYS E 190 -15.31 -4.43 -5.47
N LYS E 191 -15.68 -4.10 -4.23
CA LYS E 191 -14.79 -4.24 -3.09
C LYS E 191 -14.73 -5.69 -2.61
N LEU E 192 -15.90 -6.28 -2.40
CA LEU E 192 -16.02 -7.64 -1.89
C LEU E 192 -15.40 -8.67 -2.83
N PHE E 193 -15.44 -8.39 -4.12
CA PHE E 193 -14.91 -9.32 -5.12
C PHE E 193 -13.65 -8.79 -5.80
N ALA E 194 -13.02 -7.80 -5.18
CA ALA E 194 -11.78 -7.22 -5.70
C ALA E 194 -11.80 -7.06 -7.22
N TYR E 195 -12.83 -6.38 -7.71
CA TYR E 195 -12.99 -6.11 -9.14
C TYR E 195 -11.86 -5.24 -9.69
N ASP E 196 -11.43 -5.54 -10.90
CA ASP E 196 -10.41 -4.75 -11.59
C ASP E 196 -10.64 -4.86 -13.10
N LYS E 197 -10.98 -3.74 -13.72
CA LYS E 197 -11.37 -3.73 -15.13
C LYS E 197 -10.23 -4.20 -16.05
N ASN E 198 -9.00 -4.01 -15.59
CA ASN E 198 -7.83 -4.40 -16.39
C ASN E 198 -7.54 -5.89 -16.32
N ASN E 199 -7.90 -6.51 -15.20
CA ASN E 199 -7.57 -7.91 -14.96
C ASN E 199 -8.81 -8.73 -14.58
N LEU E 200 -9.78 -8.76 -15.48
CA LEU E 200 -11.08 -9.39 -15.21
C LEU E 200 -11.01 -10.92 -15.11
N TYR E 201 -9.99 -11.50 -15.75
CA TYR E 201 -9.85 -12.95 -15.77
C TYR E 201 -9.23 -13.52 -14.49
N ASN E 202 -8.75 -12.68 -13.61
CA ASN E 202 -8.19 -13.09 -12.33
C ASN E 202 -9.22 -13.43 -11.25
N ARG E 203 -8.87 -14.28 -10.30
CA ARG E 203 -9.83 -14.58 -9.24
C ARG E 203 -9.16 -14.25 -7.94
N ASN E 204 -9.07 -12.98 -7.62
CA ASN E 204 -8.43 -12.57 -6.40
C ASN E 204 -9.30 -12.36 -5.17
N SER E 205 -10.60 -12.54 -5.28
CA SER E 205 -11.52 -12.34 -4.16
C SER E 205 -11.41 -13.39 -3.03
N ASN E 206 -11.42 -12.90 -1.79
CA ASN E 206 -11.38 -13.76 -0.61
C ASN E 206 -12.73 -13.92 0.10
N TYR E 207 -13.75 -13.25 -0.44
CA TYR E 207 -15.10 -13.25 0.11
C TYR E 207 -15.93 -14.40 -0.44
N THR E 208 -16.64 -15.11 0.44
CA THR E 208 -17.41 -16.29 0.03
C THR E 208 -18.84 -16.31 0.56
N GLY E 209 -19.31 -15.18 1.06
CA GLY E 209 -20.68 -15.09 1.57
C GLY E 209 -21.69 -15.15 0.43
N TYR E 210 -22.97 -15.28 0.78
CA TYR E 210 -24.02 -15.32 -0.22
C TYR E 210 -24.74 -13.97 -0.31
N ILE E 211 -24.63 -13.33 -1.46
CA ILE E 211 -25.30 -12.06 -1.71
C ILE E 211 -26.56 -12.26 -2.52
N THR E 212 -27.68 -11.79 -2.00
CA THR E 212 -28.94 -11.81 -2.73
C THR E 212 -29.37 -10.39 -3.05
N ILE E 213 -29.60 -10.11 -4.32
CA ILE E 213 -30.00 -8.79 -4.74
C ILE E 213 -31.43 -8.81 -5.29
N TYR E 214 -32.20 -7.78 -4.95
CA TYR E 214 -33.50 -7.55 -5.54
C TYR E 214 -33.47 -6.16 -6.17
N TYR E 215 -33.76 -6.08 -7.46
CA TYR E 215 -33.56 -4.84 -8.22
C TYR E 215 -34.76 -4.52 -9.09
N GLY E 216 -35.45 -3.43 -8.75
CA GLY E 216 -36.61 -2.98 -9.50
C GLY E 216 -36.27 -1.84 -10.44
N VAL E 217 -36.43 -2.08 -11.73
CA VAL E 217 -36.28 -1.04 -12.73
C VAL E 217 -37.36 -1.25 -13.77
N TYR E 218 -37.54 -0.26 -14.63
CA TYR E 218 -38.63 -0.28 -15.60
C TYR E 218 -38.62 -1.52 -16.51
N ASN E 219 -37.58 -1.65 -17.33
CA ASN E 219 -37.41 -2.86 -18.13
C ASN E 219 -35.96 -3.35 -18.14
N GLU E 220 -35.67 -4.32 -19.00
CA GLU E 220 -34.34 -4.89 -19.07
C GLU E 220 -33.27 -3.91 -19.55
N ASP E 221 -33.66 -2.98 -20.43
CA ASP E 221 -32.74 -1.97 -20.94
C ASP E 221 -32.48 -0.84 -19.94
N SER E 222 -33.12 -0.93 -18.78
CA SER E 222 -33.02 0.12 -17.77
C SER E 222 -32.20 -0.33 -16.57
N ILE E 223 -31.76 -1.59 -16.59
CA ILE E 223 -30.88 -2.11 -15.55
C ILE E 223 -29.51 -1.45 -15.65
N LEU E 224 -29.19 -0.65 -14.63
CA LEU E 224 -27.91 0.07 -14.63
C LEU E 224 -26.77 -0.82 -14.17
N TYR E 225 -25.60 -0.65 -14.79
CA TYR E 225 -24.43 -1.48 -14.52
C TYR E 225 -24.73 -2.96 -14.79
N LEU E 226 -25.40 -3.23 -15.90
CA LEU E 226 -25.71 -4.59 -16.32
C LEU E 226 -24.43 -5.40 -16.56
N ASN E 227 -23.48 -4.81 -17.26
CA ASN E 227 -22.20 -5.46 -17.52
C ASN E 227 -21.61 -6.02 -16.24
N GLU E 228 -21.53 -5.17 -15.22
CA GLU E 228 -20.99 -5.55 -13.93
C GLU E 228 -21.82 -6.65 -13.26
N LEU E 229 -23.14 -6.52 -13.31
CA LEU E 229 -24.02 -7.50 -12.69
C LEU E 229 -23.92 -8.86 -13.40
N GLU E 230 -23.92 -8.84 -14.72
CA GLU E 230 -23.74 -10.07 -15.49
C GLU E 230 -22.37 -10.67 -15.22
N TYR E 231 -21.35 -9.82 -15.12
CA TYR E 231 -19.99 -10.28 -14.87
C TYR E 231 -19.88 -11.03 -13.56
N PHE E 232 -20.32 -10.39 -12.48
CA PHE E 232 -20.27 -11.01 -11.15
C PHE E 232 -21.08 -12.31 -11.11
N GLN E 233 -22.25 -12.30 -11.76
CA GLN E 233 -23.10 -13.48 -11.78
C GLN E 233 -22.43 -14.63 -12.52
N LYS E 234 -21.68 -14.30 -13.57
CA LYS E 234 -20.95 -15.29 -14.34
C LYS E 234 -19.73 -15.80 -13.56
N MET E 235 -19.01 -14.87 -12.93
CA MET E 235 -17.77 -15.20 -12.24
C MET E 235 -17.97 -15.86 -10.88
N TYR E 236 -19.01 -15.45 -10.16
CA TYR E 236 -19.26 -16.00 -8.82
C TYR E 236 -20.71 -16.45 -8.66
N PRO E 237 -21.11 -17.46 -9.44
CA PRO E 237 -22.50 -17.93 -9.48
C PRO E 237 -22.94 -18.58 -8.17
N ASN E 238 -21.97 -19.01 -7.36
CA ASN E 238 -22.25 -19.63 -6.07
C ASN E 238 -22.31 -18.61 -4.95
N ASN E 239 -21.97 -17.36 -5.26
CA ASN E 239 -21.91 -16.31 -4.25
C ASN E 239 -22.98 -15.24 -4.46
N ILE E 240 -23.47 -15.13 -5.69
CA ILE E 240 -24.43 -14.08 -6.01
C ILE E 240 -25.65 -14.61 -6.76
N ASN E 241 -26.79 -14.00 -6.48
CA ASN E 241 -28.05 -14.33 -7.12
C ASN E 241 -28.89 -13.07 -7.18
N ILE E 242 -29.39 -12.73 -8.37
CA ILE E 242 -30.10 -11.47 -8.54
C ILE E 242 -31.43 -11.64 -9.28
N HIS E 243 -32.51 -11.13 -8.67
CA HIS E 243 -33.84 -11.20 -9.26
C HIS E 243 -34.27 -9.82 -9.75
N TYR E 244 -34.72 -9.74 -11.01
CA TYR E 244 -35.14 -8.47 -11.58
C TYR E 244 -36.65 -8.31 -11.58
N VAL E 245 -37.13 -7.19 -11.05
CA VAL E 245 -38.55 -6.90 -10.97
C VAL E 245 -38.90 -5.74 -11.89
N PHE E 246 -39.64 -6.04 -12.96
CA PHE E 246 -39.90 -5.04 -14.00
C PHE E 246 -41.27 -4.38 -13.88
N SER E 247 -41.27 -3.05 -14.00
CA SER E 247 -42.48 -2.25 -13.83
C SER E 247 -43.32 -2.24 -15.11
N TYR E 248 -42.65 -2.28 -16.25
CA TYR E 248 -43.28 -2.17 -17.57
C TYR E 248 -44.46 -3.12 -17.74
N THR E 255 -52.57 -5.05 -12.07
CA THR E 255 -52.20 -4.52 -10.75
C THR E 255 -50.71 -4.25 -10.66
N SER E 256 -50.35 -3.08 -10.15
CA SER E 256 -48.95 -2.70 -10.02
C SER E 256 -48.15 -3.71 -9.19
N PHE E 257 -46.96 -4.05 -9.70
CA PHE E 257 -46.06 -4.98 -9.02
C PHE E 257 -44.68 -4.34 -8.90
N TYR E 258 -44.24 -4.11 -7.67
CA TYR E 258 -42.92 -3.53 -7.43
C TYR E 258 -42.05 -4.51 -6.65
N VAL E 259 -40.80 -4.13 -6.39
CA VAL E 259 -39.84 -5.05 -5.82
C VAL E 259 -40.25 -5.62 -4.45
N GLN E 260 -40.99 -4.84 -3.68
CA GLN E 260 -41.46 -5.29 -2.38
C GLN E 260 -42.44 -6.45 -2.52
N ASP E 261 -43.14 -6.48 -3.65
CA ASP E 261 -44.12 -7.52 -3.91
C ASP E 261 -43.46 -8.87 -4.18
N GLU E 262 -42.28 -8.82 -4.80
CA GLU E 262 -41.47 -10.01 -5.04
C GLU E 262 -40.98 -10.61 -3.73
N ILE E 263 -40.55 -9.74 -2.83
CA ILE E 263 -40.05 -10.15 -1.52
C ILE E 263 -41.15 -10.76 -0.66
N TYR E 264 -42.32 -10.13 -0.69
CA TYR E 264 -43.47 -10.64 0.05
C TYR E 264 -43.84 -12.01 -0.51
N LYS E 265 -43.76 -12.14 -1.83
CA LYS E 265 -44.10 -13.37 -2.50
C LYS E 265 -43.13 -14.43 -2.01
N ARG E 266 -41.88 -14.05 -1.90
CA ARG E 266 -40.82 -14.92 -1.41
C ARG E 266 -40.58 -14.71 0.08
N LYS E 267 -41.66 -14.39 0.80
CA LYS E 267 -41.55 -14.12 2.23
C LYS E 267 -40.93 -15.29 2.99
N THR E 268 -41.18 -16.51 2.50
CA THR E 268 -40.58 -17.69 3.09
C THR E 268 -39.09 -17.70 2.82
N GLU E 269 -38.72 -17.45 1.56
CA GLU E 269 -37.32 -17.41 1.16
C GLU E 269 -36.57 -16.27 1.86
N PHE E 270 -37.22 -15.11 1.96
CA PHE E 270 -36.61 -13.93 2.54
C PHE E 270 -36.33 -14.08 4.03
N LEU E 271 -37.26 -14.74 4.73
CA LEU E 271 -37.14 -14.90 6.18
C LEU E 271 -35.97 -15.79 6.62
N ASN E 272 -35.85 -16.98 6.04
CA ASN E 272 -34.72 -17.84 6.39
C ASN E 272 -33.38 -17.25 5.93
N LEU E 273 -33.41 -16.47 4.86
CA LEU E 273 -32.22 -15.74 4.41
C LEU E 273 -31.76 -14.73 5.45
N PHE E 274 -32.66 -13.84 5.85
CA PHE E 274 -32.32 -12.82 6.84
C PHE E 274 -31.96 -13.45 8.17
N ASN E 275 -32.75 -14.43 8.60
CA ASN E 275 -32.52 -15.11 9.88
C ASN E 275 -31.46 -16.19 9.78
N TYR E 277 -28.64 -17.26 8.65
CA TYR E 277 -27.74 -16.74 7.63
C TYR E 277 -27.12 -15.40 8.03
N LYS E 278 -27.69 -14.76 9.04
CA LYS E 278 -27.21 -13.45 9.53
C LYS E 278 -27.03 -12.41 8.41
N CYS E 279 -28.02 -12.30 7.54
CA CYS E 279 -27.96 -11.36 6.42
C CYS E 279 -28.03 -9.90 6.86
N GLU E 280 -27.04 -9.11 6.45
CA GLU E 280 -27.13 -7.66 6.56
C GLU E 280 -28.01 -7.15 5.43
N LEU E 281 -29.08 -6.45 5.78
CA LEU E 281 -30.09 -6.03 4.81
C LEU E 281 -30.03 -4.54 4.48
N TYR E 282 -29.87 -4.24 3.19
CA TYR E 282 -29.80 -2.86 2.73
C TYR E 282 -30.99 -2.51 1.85
N ILE E 283 -31.50 -1.29 1.99
CA ILE E 283 -32.55 -0.76 1.12
C ILE E 283 -32.09 0.57 0.55
N CYS E 284 -32.04 0.68 -0.77
CA CYS E 284 -31.65 1.93 -1.41
C CYS E 284 -32.52 2.26 -2.61
N GLY E 285 -33.33 3.29 -2.48
CA GLY E 285 -34.21 3.72 -3.57
C GLY E 285 -35.54 4.26 -3.09
N LYS E 286 -36.62 3.69 -3.59
CA LYS E 286 -37.96 4.13 -3.27
C LYS E 286 -38.29 4.00 -1.77
N LYS E 287 -38.92 5.03 -1.22
CA LYS E 287 -39.40 5.02 0.16
C LYS E 287 -40.39 3.89 0.40
N SER E 288 -41.16 3.55 -0.62
CA SER E 288 -42.19 2.52 -0.50
C SER E 288 -41.63 1.19 0.00
N ILE E 289 -40.44 0.83 -0.46
CA ILE E 289 -39.81 -0.44 -0.11
C ILE E 289 -39.72 -0.66 1.40
N ARG E 290 -39.68 0.41 2.17
CA ARG E 290 -39.52 0.24 3.61
C ARG E 290 -40.65 -0.45 4.40
N TYR E 291 -41.91 -0.06 4.21
CA TYR E 291 -43.04 -0.57 5.00
C TYR E 291 -43.36 -2.08 4.97
N LYS E 292 -43.28 -2.66 3.78
CA LYS E 292 -43.63 -4.05 3.50
C LYS E 292 -42.53 -4.99 3.98
N VAL E 293 -41.28 -4.62 3.75
CA VAL E 293 -40.14 -5.44 4.18
C VAL E 293 -39.99 -5.59 5.70
N MET E 294 -40.13 -4.50 6.43
CA MET E 294 -39.95 -4.52 7.88
C MET E 294 -40.89 -5.37 8.70
N ASP E 295 -42.14 -5.42 8.31
CA ASP E 295 -43.16 -6.21 9.00
C ASP E 295 -42.80 -7.68 8.96
N ILE E 296 -42.30 -8.10 7.80
CA ILE E 296 -41.87 -9.48 7.61
C ILE E 296 -40.81 -9.78 8.63
N LEU E 297 -39.99 -8.78 8.93
CA LEU E 297 -38.96 -8.90 9.96
C LEU E 297 -39.55 -8.64 11.34
N LYS E 298 -40.48 -7.68 11.41
CA LYS E 298 -41.16 -7.36 12.68
C LYS E 298 -42.03 -8.51 13.16
N SER E 299 -42.90 -9.04 12.30
CA SER E 299 -43.62 -10.28 12.57
C SER E 299 -42.65 -11.37 13.03
N LYS E 308 -32.19 -5.26 13.66
CA LYS E 308 -32.27 -3.80 13.72
C LYS E 308 -30.97 -3.12 13.27
N LYS E 309 -29.86 -3.44 13.94
CA LYS E 309 -28.59 -2.86 13.54
C LYS E 309 -28.08 -3.52 12.26
N ARG E 310 -28.79 -4.55 11.81
CA ARG E 310 -28.46 -5.26 10.58
C ARG E 310 -29.24 -4.70 9.40
N VAL E 311 -30.12 -3.74 9.67
CA VAL E 311 -30.93 -3.13 8.63
C VAL E 311 -30.42 -1.73 8.28
N HIS E 312 -30.18 -1.51 6.99
CA HIS E 312 -29.69 -0.22 6.53
C HIS E 312 -30.60 0.33 5.45
N VAL E 313 -30.97 1.60 5.59
CA VAL E 313 -31.88 2.23 4.64
C VAL E 313 -31.33 3.56 4.15
N GLU E 314 -31.42 3.77 2.84
CA GLU E 314 -31.09 5.05 2.23
C GLU E 314 -32.06 5.31 1.08
N VAL E 315 -33.08 6.12 1.33
CA VAL E 315 -34.11 6.33 0.34
C VAL E 315 -34.11 7.75 -0.23
N TYR E 316 -34.54 7.86 -1.48
CA TYR E 316 -34.62 9.14 -2.17
C TYR E 316 -35.46 9.06 -3.44
N ASN F 5 -49.80 37.50 -16.60
CA ASN F 5 -48.55 36.73 -16.29
C ASN F 5 -47.94 37.17 -14.96
N PHE F 6 -47.59 36.20 -14.12
CA PHE F 6 -46.99 36.48 -12.82
C PHE F 6 -45.65 35.76 -12.64
N ILE F 7 -45.31 34.94 -13.63
CA ILE F 7 -44.11 34.10 -13.55
C ILE F 7 -42.81 34.90 -13.34
N ASN F 8 -42.03 34.46 -12.36
CA ASN F 8 -40.73 35.05 -12.04
C ASN F 8 -40.73 36.56 -11.82
N LEU F 9 -41.68 37.03 -11.01
CA LEU F 9 -41.66 38.42 -10.54
C LEU F 9 -40.62 38.56 -9.43
N TYR F 10 -40.39 37.46 -8.71
CA TYR F 10 -39.39 37.42 -7.67
C TYR F 10 -38.44 36.25 -7.90
N THR F 11 -37.15 36.51 -7.75
CA THR F 11 -36.14 35.50 -8.07
C THR F 11 -35.21 35.28 -6.89
N VAL F 12 -34.25 34.38 -7.08
CA VAL F 12 -33.22 34.14 -6.08
C VAL F 12 -32.43 35.43 -5.88
N LYS F 13 -32.36 36.25 -6.92
CA LYS F 13 -31.72 37.57 -6.84
C LYS F 13 -32.54 38.50 -5.99
N ASN F 14 -33.82 38.67 -6.34
CA ASN F 14 -34.73 39.51 -5.58
C ASN F 14 -35.90 38.71 -5.02
N PRO F 15 -35.74 38.17 -3.81
CA PRO F 15 -36.84 37.41 -3.20
C PRO F 15 -37.73 38.30 -2.34
N LEU F 16 -38.99 37.93 -2.22
CA LEU F 16 -39.93 38.66 -1.38
C LEU F 16 -39.84 38.20 0.07
N LYS F 17 -39.68 39.15 0.97
CA LYS F 17 -39.65 38.86 2.40
C LYS F 17 -41.08 38.76 2.93
N CYS F 18 -41.45 37.58 3.41
CA CYS F 18 -42.81 37.33 3.90
C CYS F 18 -42.80 36.92 5.37
N LYS F 19 -44.00 36.94 5.98
CA LYS F 19 -44.16 36.54 7.37
C LYS F 19 -45.08 35.33 7.51
N ILE F 20 -44.72 34.44 8.43
CA ILE F 20 -45.58 33.31 8.76
C ILE F 20 -46.68 33.75 9.71
N VAL F 21 -47.93 33.46 9.34
CA VAL F 21 -49.08 33.79 10.17
C VAL F 21 -49.50 32.58 10.99
N ASP F 22 -49.33 31.39 10.41
CA ASP F 22 -49.70 30.16 11.10
C ASP F 22 -48.92 28.96 10.57
N LYS F 23 -48.61 28.03 11.45
CA LYS F 23 -48.01 26.75 11.09
C LYS F 23 -48.84 25.63 11.70
N ILE F 24 -49.45 24.81 10.86
CA ILE F 24 -50.43 23.83 11.30
C ILE F 24 -50.11 22.41 10.85
N ASN F 25 -50.23 21.44 11.76
CA ASN F 25 -50.03 20.04 11.42
C ASN F 25 -51.21 19.49 10.62
N LEU F 26 -50.98 19.28 9.32
CA LEU F 26 -52.04 18.89 8.38
C LEU F 26 -52.51 17.44 8.51
N VAL F 27 -51.72 16.60 9.16
CA VAL F 27 -52.11 15.20 9.32
C VAL F 27 -52.58 14.89 10.74
N ARG F 28 -53.46 13.91 10.85
CA ARG F 28 -53.92 13.39 12.12
C ARG F 28 -52.99 12.23 12.53
N PRO F 29 -53.17 11.70 13.75
CA PRO F 29 -52.17 10.85 14.40
C PRO F 29 -51.75 9.56 13.67
N ASN F 30 -52.70 8.80 13.14
CA ASN F 30 -52.37 7.52 12.51
C ASN F 30 -51.50 7.62 11.26
N SER F 31 -51.33 8.84 10.75
CA SER F 31 -50.48 9.06 9.59
C SER F 31 -49.01 8.91 9.98
N PRO F 32 -48.24 8.18 9.18
CA PRO F 32 -46.81 8.05 9.42
C PRO F 32 -46.05 9.31 9.00
N ASN F 33 -46.78 10.32 8.54
CA ASN F 33 -46.16 11.51 7.96
C ASN F 33 -46.27 12.77 8.80
N GLU F 34 -45.32 13.69 8.60
CA GLU F 34 -45.35 15.01 9.19
C GLU F 34 -45.45 16.04 8.09
N VAL F 35 -46.55 16.78 8.05
CA VAL F 35 -46.82 17.73 6.97
C VAL F 35 -47.40 19.03 7.49
N TYR F 36 -46.79 20.15 7.12
CA TYR F 36 -47.23 21.44 7.65
C TYR F 36 -47.93 22.34 6.66
N HIS F 37 -49.05 22.89 7.11
CA HIS F 37 -49.72 23.96 6.42
C HIS F 37 -49.14 25.26 6.93
N LEU F 38 -48.59 26.06 6.04
CA LEU F 38 -48.09 27.38 6.40
C LEU F 38 -49.03 28.44 5.85
N GLU F 39 -49.43 29.38 6.68
CA GLU F 39 -50.11 30.57 6.17
C GLU F 39 -49.08 31.68 6.07
N ILE F 40 -48.96 32.25 4.88
CA ILE F 40 -47.91 33.23 4.63
C ILE F 40 -48.46 34.59 4.23
N ASN F 41 -48.12 35.60 5.04
CA ASN F 41 -48.47 36.98 4.75
C ASN F 41 -47.44 37.62 3.83
N HIS F 42 -47.88 38.03 2.64
CA HIS F 42 -46.98 38.62 1.66
C HIS F 42 -47.30 40.09 1.34
N ASN F 43 -48.17 40.69 2.14
CA ASN F 43 -48.59 42.09 1.93
C ASN F 43 -49.32 42.30 0.60
N GLY F 44 -49.90 41.23 0.07
CA GLY F 44 -50.59 41.27 -1.21
C GLY F 44 -49.63 41.44 -2.37
N LEU F 45 -48.34 41.37 -2.08
CA LEU F 45 -47.29 41.60 -3.08
C LEU F 45 -46.98 40.40 -3.97
N PHE F 46 -47.12 39.19 -3.43
CA PHE F 46 -46.88 37.99 -4.23
C PHE F 46 -48.06 37.67 -5.14
N LYS F 47 -47.88 37.93 -6.43
CA LYS F 47 -48.92 37.70 -7.42
C LYS F 47 -48.82 36.29 -8.00
N TYR F 48 -49.93 35.58 -8.05
CA TYR F 48 -49.94 34.21 -8.54
C TYR F 48 -51.32 33.79 -9.07
N LEU F 49 -51.33 32.72 -9.87
CA LEU F 49 -52.58 32.11 -10.34
C LEU F 49 -52.73 30.76 -9.66
N GLU F 50 -53.97 30.34 -9.42
CA GLU F 50 -54.22 29.03 -8.82
C GLU F 50 -53.49 27.95 -9.60
N GLY F 51 -52.92 27.00 -8.88
CA GLY F 51 -52.17 25.91 -9.49
C GLY F 51 -50.68 26.22 -9.59
N HIS F 52 -50.33 27.47 -9.35
CA HIS F 52 -48.94 27.91 -9.39
C HIS F 52 -48.14 27.40 -8.21
N THR F 53 -46.82 27.43 -8.36
CA THR F 53 -45.92 27.12 -7.25
C THR F 53 -45.15 28.36 -6.85
N CYS F 54 -44.67 28.36 -5.61
CA CYS F 54 -43.78 29.40 -5.14
C CYS F 54 -42.49 28.72 -4.76
N GLY F 55 -41.43 29.51 -4.60
CA GLY F 55 -40.15 28.99 -4.16
C GLY F 55 -39.76 29.55 -2.81
N ILE F 56 -39.41 28.66 -1.89
CA ILE F 56 -38.92 29.07 -0.58
C ILE F 56 -37.41 28.90 -0.53
N ILE F 57 -36.70 29.94 -0.12
CA ILE F 57 -35.25 29.86 0.04
C ILE F 57 -34.91 29.67 1.52
N PRO F 58 -34.51 28.45 1.90
CA PRO F 58 -34.21 28.13 3.30
C PRO F 58 -33.05 28.92 3.89
N TYR F 59 -33.29 29.52 5.05
CA TYR F 59 -32.25 30.19 5.84
C TYR F 59 -31.72 31.51 5.23
N TYR F 60 -32.51 32.12 4.35
CA TYR F 60 -32.13 33.38 3.71
C TYR F 60 -32.16 34.54 4.71
N ASN F 61 -31.13 35.39 4.68
CA ASN F 61 -31.05 36.57 5.52
C ASN F 61 -30.77 37.83 4.70
N GLU F 62 -31.50 38.91 4.99
CA GLU F 62 -31.25 40.19 4.31
C GLU F 62 -30.18 40.99 5.04
N GLN F 97 -25.15 30.36 0.36
CA GLN F 97 -26.12 29.42 -0.17
C GLN F 97 -27.46 30.08 -0.49
N ARG F 98 -27.80 30.11 -1.77
CA ARG F 98 -29.13 30.54 -2.20
C ARG F 98 -29.78 29.38 -2.97
N CYS F 99 -30.44 28.50 -2.23
CA CYS F 99 -30.92 27.24 -2.81
C CYS F 99 -32.41 26.99 -2.58
N ALA F 100 -33.22 27.41 -3.55
CA ALA F 100 -34.68 27.39 -3.40
C ALA F 100 -35.31 26.01 -3.62
N ARG F 101 -36.51 25.85 -3.08
CA ARG F 101 -37.32 24.63 -3.27
C ARG F 101 -38.74 25.05 -3.63
N LEU F 102 -39.37 24.30 -4.53
CA LEU F 102 -40.71 24.64 -5.01
C LEU F 102 -41.81 24.04 -4.15
N TYR F 103 -42.91 24.78 -4.00
CA TYR F 103 -44.07 24.28 -3.29
C TYR F 103 -45.34 24.83 -3.90
N SER F 104 -46.35 23.98 -4.03
CA SER F 104 -47.61 24.38 -4.61
C SER F 104 -48.39 25.28 -3.67
N ILE F 105 -48.82 26.42 -4.19
CA ILE F 105 -49.67 27.34 -3.43
C ILE F 105 -51.05 26.71 -3.28
N SER F 106 -51.47 26.52 -2.04
CA SER F 106 -52.75 25.87 -1.77
C SER F 106 -53.84 26.87 -1.43
N SER F 107 -53.55 28.15 -1.63
CA SER F 107 -54.50 29.22 -1.35
C SER F 107 -55.14 29.76 -2.62
N SER F 108 -56.32 30.35 -2.47
CA SER F 108 -57.01 30.97 -3.59
C SER F 108 -56.44 32.36 -3.84
N ASN F 109 -56.61 32.85 -5.06
CA ASN F 109 -56.06 34.13 -5.48
C ASN F 109 -56.63 35.30 -4.68
N ASN F 110 -57.91 35.19 -4.33
CA ASN F 110 -58.62 36.25 -3.63
C ASN F 110 -58.33 36.33 -2.13
N MET F 111 -57.59 35.36 -1.62
CA MET F 111 -57.26 35.33 -0.19
C MET F 111 -56.10 36.28 0.12
N GLU F 112 -56.13 36.91 1.28
CA GLU F 112 -55.11 37.87 1.66
C GLU F 112 -53.75 37.23 1.85
N ASN F 113 -53.73 36.08 2.51
CA ASN F 113 -52.50 35.33 2.71
C ASN F 113 -52.44 34.14 1.77
N LEU F 114 -51.22 33.81 1.31
CA LEU F 114 -51.04 32.60 0.56
C LEU F 114 -50.77 31.46 1.55
N SER F 115 -50.95 30.23 1.09
CA SER F 115 -50.65 29.07 1.91
C SER F 115 -49.94 28.01 1.10
N VAL F 116 -49.35 27.05 1.81
CA VAL F 116 -48.60 25.96 1.19
C VAL F 116 -48.66 24.76 2.13
N ALA F 117 -48.48 23.56 1.57
CA ALA F 117 -48.45 22.35 2.38
C ALA F 117 -47.13 21.62 2.18
N ILE F 118 -46.38 21.42 3.27
CA ILE F 118 -45.01 20.96 3.16
C ILE F 118 -44.71 19.69 3.97
N LYS F 119 -44.40 18.62 3.28
CA LYS F 119 -44.01 17.40 3.92
C LYS F 119 -42.57 17.51 4.40
N ILE F 120 -42.30 16.99 5.59
CA ILE F 120 -40.98 17.00 6.19
C ILE F 120 -40.34 15.64 6.05
N HIS F 121 -39.23 15.60 5.33
CA HIS F 121 -38.50 14.38 5.06
C HIS F 121 -37.46 14.19 6.10
N LYS F 122 -37.38 13.01 6.70
CA LYS F 122 -36.36 12.76 7.70
C LYS F 122 -35.65 11.51 7.22
N TYR F 123 -34.38 11.31 7.60
CA TYR F 123 -33.66 10.15 7.08
C TYR F 123 -32.83 9.34 8.06
N GLU F 124 -32.98 9.60 9.35
CA GLU F 124 -32.42 8.71 10.36
C GLU F 124 -31.02 8.24 9.99
N ASN F 134 -32.21 13.63 11.60
CA ASN F 134 -31.78 14.29 10.38
C ASN F 134 -32.94 14.61 9.43
N TYR F 135 -32.95 15.82 8.91
CA TYR F 135 -34.00 16.29 8.01
C TYR F 135 -33.44 16.72 6.66
N GLY F 136 -34.34 16.90 5.69
CA GLY F 136 -33.96 17.52 4.42
C GLY F 136 -33.56 18.96 4.69
N TYR F 137 -32.97 19.61 3.68
CA TYR F 137 -32.49 20.99 3.84
C TYR F 137 -33.63 21.95 4.18
N CYS F 138 -34.58 22.08 3.25
CA CYS F 138 -35.73 22.96 3.46
C CYS F 138 -36.63 22.45 4.58
N SER F 139 -36.74 21.13 4.68
CA SER F 139 -37.58 20.50 5.70
C SER F 139 -37.13 20.88 7.10
N GLY F 140 -35.82 20.89 7.32
CA GLY F 140 -35.28 21.23 8.63
C GLY F 140 -35.55 22.70 8.97
N PHE F 141 -35.55 23.53 7.94
CA PHE F 141 -35.82 24.95 8.08
C PHE F 141 -37.28 25.17 8.49
N ILE F 142 -38.20 24.49 7.81
CA ILE F 142 -39.62 24.63 8.12
C ILE F 142 -39.98 24.00 9.45
N LYS F 143 -39.29 22.92 9.80
CA LYS F 143 -39.54 22.23 11.06
C LYS F 143 -39.23 23.13 12.25
N ASN F 144 -38.19 23.97 12.12
CA ASN F 144 -37.81 24.88 13.19
C ASN F 144 -38.46 26.25 13.04
N LEU F 145 -39.36 26.37 12.07
CA LEU F 145 -40.05 27.63 11.81
C LEU F 145 -41.00 28.02 12.95
N LYS F 146 -41.08 29.33 13.20
CA LYS F 146 -41.96 29.83 14.26
C LYS F 146 -42.89 30.93 13.74
N ILE F 147 -44.00 31.13 14.45
CA ILE F 147 -44.96 32.17 14.08
C ILE F 147 -44.29 33.55 14.02
N ASN F 148 -44.52 34.25 12.92
CA ASN F 148 -43.94 35.56 12.65
C ASN F 148 -42.44 35.58 12.33
N ASP F 149 -41.92 34.45 11.87
CA ASP F 149 -40.57 34.40 11.32
C ASP F 149 -40.61 34.88 9.87
N ASP F 150 -39.48 35.42 9.40
CA ASP F 150 -39.35 35.79 7.99
C ASP F 150 -39.24 34.55 7.13
N ILE F 151 -39.85 34.60 5.95
CA ILE F 151 -39.68 33.57 4.93
C ILE F 151 -39.57 34.25 3.57
N TYR F 152 -38.65 33.76 2.73
CA TYR F 152 -38.41 34.41 1.45
C TYR F 152 -38.93 33.59 0.28
N LEU F 153 -39.82 34.19 -0.49
CA LEU F 153 -40.48 33.51 -1.59
C LEU F 153 -39.90 33.93 -2.94
N THR F 154 -40.10 33.07 -3.93
CA THR F 154 -39.72 33.33 -5.29
C THR F 154 -40.86 33.16 -6.30
N GLY F 155 -41.00 34.20 -7.11
CA GLY F 155 -41.75 34.25 -8.35
C GLY F 155 -43.16 33.70 -8.42
N ALA F 156 -43.40 33.06 -9.56
CA ALA F 156 -44.58 32.25 -9.83
C ALA F 156 -44.12 31.14 -10.78
N HIS F 157 -44.16 29.89 -10.32
CA HIS F 157 -43.49 28.79 -11.00
C HIS F 157 -44.46 27.82 -11.65
N GLY F 158 -44.21 27.47 -12.91
CA GLY F 158 -45.06 26.50 -13.55
C GLY F 158 -46.10 27.05 -14.50
N TYR F 159 -46.97 26.15 -14.92
CA TYR F 159 -48.02 26.38 -15.89
C TYR F 159 -49.14 25.37 -15.66
N PHE F 160 -49.17 24.83 -14.45
CA PHE F 160 -50.20 23.89 -14.03
C PHE F 160 -51.46 24.66 -13.65
N ASN F 161 -51.97 25.45 -14.60
CA ASN F 161 -53.07 26.38 -14.35
C ASN F 161 -54.43 25.92 -14.85
N LEU F 162 -55.47 26.70 -14.51
CA LEU F 162 -56.85 26.39 -14.91
C LEU F 162 -57.17 26.95 -16.29
N PRO F 163 -58.14 26.32 -16.99
CA PRO F 163 -58.66 26.89 -18.23
C PRO F 163 -59.17 28.30 -17.98
N ASN F 164 -58.82 29.23 -18.85
CA ASN F 164 -59.08 30.66 -18.62
C ASN F 164 -60.50 31.05 -18.22
N ASP F 165 -61.51 30.35 -18.75
CA ASP F 165 -62.90 30.70 -18.46
C ASP F 165 -63.68 29.53 -17.85
N ALA F 166 -63.01 28.77 -16.97
CA ALA F 166 -63.62 27.59 -16.38
C ALA F 166 -64.81 27.92 -15.49
N ILE F 167 -64.80 29.09 -14.88
CA ILE F 167 -65.89 29.52 -14.01
C ILE F 167 -67.14 29.87 -14.81
N GLN F 168 -66.96 30.35 -16.03
CA GLN F 168 -68.07 30.76 -16.87
C GLN F 168 -68.58 29.62 -17.75
N LYS F 169 -67.68 28.71 -18.12
CA LYS F 169 -68.04 27.58 -18.98
C LYS F 169 -68.45 26.33 -18.19
N ASN F 170 -68.29 26.40 -16.87
CA ASN F 170 -68.57 25.24 -16.01
C ASN F 170 -67.90 23.98 -16.52
N THR F 171 -66.58 24.10 -16.73
CA THR F 171 -65.76 23.01 -17.23
C THR F 171 -65.71 21.85 -16.23
N ASN F 172 -65.84 20.64 -16.75
CA ASN F 172 -65.68 19.45 -15.91
C ASN F 172 -64.20 19.14 -15.71
N PHE F 173 -63.86 18.65 -14.53
CA PHE F 173 -62.46 18.37 -14.19
C PHE F 173 -62.26 16.97 -13.66
N ILE F 174 -61.08 16.41 -13.92
CA ILE F 174 -60.66 15.15 -13.30
C ILE F 174 -59.28 15.32 -12.69
N PHE F 175 -59.24 15.39 -11.36
CA PHE F 175 -57.99 15.59 -10.63
C PHE F 175 -57.43 14.29 -10.07
N ILE F 176 -56.20 13.97 -10.45
CA ILE F 176 -55.48 12.83 -9.89
C ILE F 176 -54.31 13.35 -9.08
N ALA F 177 -54.08 12.76 -7.91
CA ALA F 177 -53.02 13.26 -7.04
C ALA F 177 -52.52 12.24 -6.02
N THR F 178 -51.28 12.43 -5.59
CA THR F 178 -50.71 11.67 -4.48
C THR F 178 -50.09 12.63 -3.46
N GLY F 179 -50.19 12.27 -2.18
CA GLY F 179 -49.57 13.05 -1.10
C GLY F 179 -49.86 14.54 -1.17
N THR F 180 -48.81 15.34 -1.30
CA THR F 180 -48.95 16.79 -1.39
C THR F 180 -49.53 17.20 -2.74
N GLY F 181 -49.87 16.21 -3.57
CA GLY F 181 -50.43 16.46 -4.89
C GLY F 181 -51.74 17.23 -4.92
N ILE F 182 -52.50 17.21 -3.82
CA ILE F 182 -53.79 17.90 -3.78
C ILE F 182 -53.67 19.41 -3.62
N SER F 183 -52.50 19.88 -3.21
CA SER F 183 -52.28 21.31 -2.99
C SER F 183 -52.82 22.19 -4.11
N PRO F 184 -52.45 21.90 -5.36
CA PRO F 184 -52.91 22.72 -6.48
C PRO F 184 -54.42 22.59 -6.66
N TYR F 185 -54.94 21.39 -6.42
CA TYR F 185 -56.36 21.11 -6.59
C TYR F 185 -57.17 21.78 -5.49
N ILE F 186 -56.57 21.89 -4.30
CA ILE F 186 -57.21 22.59 -3.21
C ILE F 186 -57.42 24.05 -3.58
N SER F 187 -56.41 24.66 -4.19
CA SER F 187 -56.52 26.04 -4.66
C SER F 187 -57.57 26.15 -5.76
N PHE F 188 -57.60 25.17 -6.65
CA PHE F 188 -58.63 25.13 -7.69
C PHE F 188 -60.02 25.18 -7.07
N LEU F 189 -60.26 24.28 -6.13
CA LEU F 189 -61.58 24.17 -5.48
C LEU F 189 -61.98 25.45 -4.78
N LYS F 190 -60.99 26.14 -4.22
CA LYS F 190 -61.25 27.38 -3.47
C LYS F 190 -61.66 28.54 -4.38
N LYS F 191 -61.22 28.49 -5.64
CA LYS F 191 -61.62 29.52 -6.60
C LYS F 191 -62.99 29.22 -7.19
N LEU F 192 -63.19 27.97 -7.60
CA LEU F 192 -64.43 27.56 -8.25
C LEU F 192 -65.62 27.64 -7.30
N PHE F 193 -65.44 27.17 -6.08
CA PHE F 193 -66.53 27.12 -5.10
C PHE F 193 -66.51 28.33 -4.16
N ALA F 194 -65.81 29.38 -4.56
CA ALA F 194 -65.78 30.62 -3.78
C ALA F 194 -65.64 30.36 -2.28
N TYR F 195 -64.64 29.57 -1.91
CA TYR F 195 -64.42 29.17 -0.51
C TYR F 195 -64.04 30.34 0.39
N ASP F 196 -64.71 30.45 1.52
CA ASP F 196 -64.35 31.40 2.56
C ASP F 196 -64.48 30.76 3.94
N LYS F 197 -63.35 30.56 4.60
CA LYS F 197 -63.30 29.92 5.91
C LYS F 197 -64.21 30.61 6.92
N ASN F 198 -64.28 31.93 6.83
CA ASN F 198 -65.04 32.73 7.79
C ASN F 198 -66.46 33.04 7.34
N ASN F 199 -66.89 32.37 6.28
CA ASN F 199 -68.24 32.51 5.76
C ASN F 199 -68.68 31.21 5.08
N LEU F 200 -68.51 30.10 5.79
CA LEU F 200 -68.76 28.76 5.24
C LEU F 200 -70.25 28.45 5.07
N TYR F 201 -71.09 29.14 5.84
CA TYR F 201 -72.53 28.94 5.76
C TYR F 201 -73.11 29.49 4.46
N ASN F 202 -72.45 30.50 3.90
CA ASN F 202 -72.84 31.05 2.59
C ASN F 202 -72.31 30.16 1.47
N ARG F 203 -72.94 30.21 0.31
CA ARG F 203 -72.53 29.36 -0.82
C ARG F 203 -71.77 30.12 -1.90
N ASN F 204 -72.34 31.22 -2.37
CA ASN F 204 -71.65 32.13 -3.29
C ASN F 204 -71.07 31.50 -4.55
N SER F 205 -71.35 30.23 -4.82
CA SER F 205 -70.78 29.57 -5.99
C SER F 205 -71.42 29.88 -7.34
N ASN F 206 -70.58 30.26 -8.29
CA ASN F 206 -70.96 30.47 -9.68
C ASN F 206 -70.53 29.35 -10.63
N TYR F 207 -70.03 28.25 -10.09
CA TYR F 207 -69.60 27.11 -10.87
C TYR F 207 -70.61 25.98 -10.74
N THR F 208 -70.98 25.36 -11.85
CA THR F 208 -71.96 24.28 -11.83
C THR F 208 -71.42 22.96 -12.38
N GLY F 209 -70.18 22.99 -12.87
CA GLY F 209 -69.55 21.81 -13.48
C GLY F 209 -69.37 20.64 -12.54
N TYR F 210 -68.77 19.57 -13.05
CA TYR F 210 -68.56 18.36 -12.27
C TYR F 210 -67.08 18.04 -12.08
N ILE F 211 -66.69 17.74 -10.85
CA ILE F 211 -65.30 17.45 -10.53
C ILE F 211 -65.15 16.05 -9.95
N THR F 212 -64.19 15.30 -10.47
CA THR F 212 -63.90 13.96 -9.98
C THR F 212 -62.47 13.91 -9.48
N ILE F 213 -62.29 13.50 -8.22
CA ILE F 213 -60.96 13.44 -7.62
C ILE F 213 -60.56 12.01 -7.26
N TYR F 214 -59.39 11.60 -7.74
CA TYR F 214 -58.77 10.37 -7.31
C TYR F 214 -57.53 10.74 -6.49
N TYR F 215 -57.45 10.25 -5.25
CA TYR F 215 -56.40 10.71 -4.33
C TYR F 215 -55.69 9.56 -3.63
N GLY F 216 -54.39 9.44 -3.88
CA GLY F 216 -53.57 8.39 -3.29
C GLY F 216 -52.81 8.83 -2.05
N VAL F 217 -53.21 8.31 -0.90
CA VAL F 217 -52.56 8.60 0.36
C VAL F 217 -52.36 7.31 1.15
N TYR F 218 -51.65 7.38 2.27
CA TYR F 218 -51.33 6.18 3.05
C TYR F 218 -52.54 5.59 3.78
N ASN F 219 -53.16 6.39 4.63
CA ASN F 219 -54.33 6.00 5.38
C ASN F 219 -55.24 7.20 5.55
N GLU F 220 -56.38 6.99 6.16
CA GLU F 220 -57.36 8.05 6.24
C GLU F 220 -56.73 9.26 6.90
N ASP F 221 -55.83 9.05 7.85
CA ASP F 221 -55.22 10.12 8.64
C ASP F 221 -54.13 10.90 7.91
N SER F 222 -53.84 10.53 6.66
CA SER F 222 -52.79 11.19 5.90
C SER F 222 -53.39 12.20 4.92
N ILE F 223 -54.66 12.01 4.60
CA ILE F 223 -55.37 12.92 3.72
C ILE F 223 -55.08 14.37 4.10
N LEU F 224 -54.57 15.13 3.15
CA LEU F 224 -54.24 16.53 3.40
C LEU F 224 -55.42 17.43 3.06
N TYR F 225 -55.65 18.44 3.90
CA TYR F 225 -56.80 19.32 3.74
C TYR F 225 -58.10 18.50 3.75
N LEU F 226 -58.18 17.55 4.68
CA LEU F 226 -59.37 16.72 4.85
C LEU F 226 -60.58 17.60 5.15
N ASN F 227 -60.39 18.59 6.03
CA ASN F 227 -61.46 19.53 6.38
C ASN F 227 -62.09 20.13 5.12
N GLU F 228 -61.25 20.71 4.27
CA GLU F 228 -61.72 21.32 3.03
C GLU F 228 -62.40 20.27 2.15
N LEU F 229 -61.77 19.10 2.04
CA LEU F 229 -62.31 18.02 1.20
C LEU F 229 -63.67 17.54 1.69
N GLU F 230 -63.79 17.30 2.99
CA GLU F 230 -65.07 16.92 3.57
C GLU F 230 -66.11 18.01 3.37
N TYR F 231 -65.71 19.26 3.62
CA TYR F 231 -66.61 20.39 3.49
C TYR F 231 -67.17 20.53 2.08
N PHE F 232 -66.31 20.41 1.09
CA PHE F 232 -66.73 20.49 -0.31
C PHE F 232 -67.60 19.30 -0.68
N GLN F 233 -67.29 18.15 -0.09
CA GLN F 233 -68.04 16.92 -0.32
C GLN F 233 -69.47 17.08 0.18
N LYS F 234 -69.61 17.75 1.32
CA LYS F 234 -70.90 17.91 1.98
C LYS F 234 -71.71 19.09 1.43
N MET F 235 -71.02 20.08 0.87
CA MET F 235 -71.66 21.29 0.36
C MET F 235 -72.16 21.14 -1.07
N TYR F 236 -71.47 20.32 -1.85
CA TYR F 236 -71.79 20.16 -3.27
C TYR F 236 -71.72 18.68 -3.69
N PRO F 237 -72.66 17.86 -3.19
CA PRO F 237 -72.64 16.41 -3.35
C PRO F 237 -72.88 15.94 -4.79
N ASN F 238 -73.36 16.83 -5.65
CA ASN F 238 -73.52 16.50 -7.06
C ASN F 238 -72.67 17.37 -7.98
N ASN F 239 -71.64 17.99 -7.41
CA ASN F 239 -70.65 18.73 -8.19
C ASN F 239 -69.24 18.16 -7.97
N ILE F 240 -69.10 17.30 -6.98
CA ILE F 240 -67.80 16.71 -6.66
C ILE F 240 -67.93 15.28 -6.17
N ASN F 241 -67.01 14.43 -6.63
CA ASN F 241 -66.94 13.04 -6.17
C ASN F 241 -65.49 12.64 -5.95
N ILE F 242 -65.23 12.10 -4.77
CA ILE F 242 -63.86 11.78 -4.37
C ILE F 242 -63.67 10.30 -4.13
N HIS F 243 -62.61 9.75 -4.73
CA HIS F 243 -62.24 8.37 -4.50
C HIS F 243 -60.86 8.30 -3.88
N TYR F 244 -60.78 7.72 -2.69
CA TYR F 244 -59.52 7.60 -1.99
C TYR F 244 -58.91 6.23 -2.22
N VAL F 245 -57.63 6.22 -2.55
CA VAL F 245 -56.86 4.99 -2.59
C VAL F 245 -55.83 5.05 -1.47
N PHE F 246 -55.97 4.15 -0.50
CA PHE F 246 -55.02 4.10 0.62
C PHE F 246 -53.99 3.00 0.37
N SER F 247 -52.71 3.34 0.58
CA SER F 247 -51.61 2.48 0.14
C SER F 247 -51.33 1.26 1.03
N TYR F 248 -51.58 1.37 2.33
CA TYR F 248 -51.39 0.21 3.21
C TYR F 248 -52.72 -0.42 3.59
N LYS F 249 -53.11 -1.48 2.89
CA LYS F 249 -52.37 -1.99 1.73
C LYS F 249 -53.15 -3.11 1.05
N GLN F 250 -53.27 -3.03 -0.28
CA GLN F 250 -53.96 -4.05 -1.05
C GLN F 250 -53.01 -4.78 -1.99
N ALA F 254 -49.26 -10.30 -2.08
CA ALA F 254 -49.71 -8.92 -1.94
C ALA F 254 -49.03 -8.00 -2.97
N THR F 255 -49.74 -7.71 -4.04
CA THR F 255 -49.28 -6.76 -5.04
C THR F 255 -49.48 -5.34 -4.52
N SER F 256 -48.97 -4.36 -5.27
CA SER F 256 -49.12 -2.97 -4.89
C SER F 256 -50.37 -2.37 -5.51
N PHE F 257 -51.13 -1.62 -4.72
CA PHE F 257 -52.29 -0.92 -5.25
C PHE F 257 -52.20 0.57 -4.95
N TYR F 258 -52.06 1.35 -6.02
CA TYR F 258 -51.93 2.80 -5.91
C TYR F 258 -53.02 3.48 -6.72
N VAL F 259 -53.00 4.80 -6.74
CA VAL F 259 -54.01 5.57 -7.45
C VAL F 259 -54.02 5.29 -8.94
N GLN F 260 -52.84 4.99 -9.49
CA GLN F 260 -52.70 4.70 -10.92
C GLN F 260 -53.61 3.55 -11.35
N ASP F 261 -53.36 2.36 -10.82
CA ASP F 261 -54.12 1.18 -11.20
C ASP F 261 -55.39 0.99 -10.38
N GLU F 262 -55.89 2.10 -9.85
CA GLU F 262 -57.22 2.14 -9.28
C GLU F 262 -58.08 2.85 -10.30
N ILE F 263 -57.46 3.81 -10.97
CA ILE F 263 -58.06 4.43 -12.14
C ILE F 263 -58.26 3.35 -13.20
N TYR F 264 -57.39 2.35 -13.21
CA TYR F 264 -57.48 1.28 -14.20
C TYR F 264 -58.63 0.32 -13.90
N LYS F 265 -58.82 -0.03 -12.63
CA LYS F 265 -59.89 -0.95 -12.26
C LYS F 265 -61.26 -0.32 -12.45
N ARG F 266 -61.28 0.88 -13.03
CA ARG F 266 -62.51 1.52 -13.49
C ARG F 266 -62.22 2.45 -14.69
N LYS F 267 -61.45 1.93 -15.65
CA LYS F 267 -61.03 2.72 -16.80
C LYS F 267 -62.18 3.17 -17.68
N THR F 268 -63.30 2.45 -17.59
CA THR F 268 -64.45 2.70 -18.46
C THR F 268 -65.15 4.01 -18.12
N GLU F 269 -65.62 4.14 -16.89
CA GLU F 269 -66.26 5.38 -16.43
C GLU F 269 -65.27 6.54 -16.57
N PHE F 270 -63.99 6.23 -16.39
CA PHE F 270 -62.93 7.24 -16.56
C PHE F 270 -62.89 7.71 -18.01
N LEU F 271 -62.98 6.76 -18.93
CA LEU F 271 -63.09 7.09 -20.35
C LEU F 271 -64.36 7.89 -20.60
N ASN F 272 -65.46 7.42 -20.04
CA ASN F 272 -66.74 8.12 -20.16
C ASN F 272 -66.71 9.51 -19.54
N LEU F 273 -65.91 9.67 -18.48
CA LEU F 273 -65.72 10.96 -17.85
C LEU F 273 -65.00 11.93 -18.78
N PHE F 274 -63.81 11.55 -19.21
CA PHE F 274 -63.03 12.39 -20.13
C PHE F 274 -63.76 12.63 -21.44
N ASN F 275 -64.27 11.55 -22.04
CA ASN F 275 -64.99 11.64 -23.29
C ASN F 275 -66.49 11.77 -23.09
N TYR F 277 -67.46 13.98 -20.98
CA TYR F 277 -67.89 15.20 -20.31
C TYR F 277 -66.94 16.37 -20.60
N LYS F 278 -66.08 16.20 -21.61
CA LYS F 278 -65.11 17.22 -21.96
C LYS F 278 -64.16 17.50 -20.79
N CYS F 279 -63.92 16.46 -19.99
CA CYS F 279 -63.12 16.58 -18.77
C CYS F 279 -61.72 17.13 -18.99
N GLU F 280 -61.34 18.11 -18.20
CA GLU F 280 -59.96 18.56 -18.14
C GLU F 280 -59.21 17.66 -17.17
N LEU F 281 -58.27 16.89 -17.71
CA LEU F 281 -57.50 15.93 -16.91
C LEU F 281 -56.29 16.56 -16.24
N TYR F 282 -56.07 16.21 -14.98
CA TYR F 282 -54.93 16.72 -14.24
C TYR F 282 -54.22 15.62 -13.47
N ILE F 283 -52.90 15.68 -13.43
CA ILE F 283 -52.10 14.76 -12.64
C ILE F 283 -51.02 15.50 -11.89
N CYS F 284 -51.02 15.38 -10.56
CA CYS F 284 -50.03 16.03 -9.73
C CYS F 284 -49.54 15.07 -8.65
N GLY F 285 -48.27 14.66 -8.75
CA GLY F 285 -47.69 13.77 -7.75
C GLY F 285 -46.67 12.80 -8.32
N LYS F 286 -46.85 11.52 -8.01
CA LYS F 286 -45.93 10.48 -8.45
C LYS F 286 -45.84 10.40 -9.97
N LYS F 287 -44.62 10.34 -10.49
CA LYS F 287 -44.41 10.30 -11.95
C LYS F 287 -44.99 9.03 -12.57
N SER F 288 -44.91 7.93 -11.84
CA SER F 288 -45.32 6.62 -12.33
C SER F 288 -46.77 6.60 -12.80
N ILE F 289 -47.54 7.61 -12.38
CA ILE F 289 -48.95 7.70 -12.78
C ILE F 289 -49.12 7.85 -14.29
N ARG F 290 -48.15 8.50 -14.94
CA ARG F 290 -48.22 8.84 -16.37
C ARG F 290 -48.19 7.67 -17.36
N TYR F 291 -48.38 6.44 -16.90
CA TYR F 291 -48.29 5.30 -17.82
C TYR F 291 -49.54 4.42 -17.89
N LYS F 292 -50.51 4.74 -17.04
CA LYS F 292 -51.79 4.03 -16.99
C LYS F 292 -52.96 4.93 -17.42
N VAL F 293 -53.02 6.15 -16.86
CA VAL F 293 -54.09 7.08 -17.18
C VAL F 293 -53.99 7.43 -18.67
N MET F 294 -52.75 7.64 -19.10
CA MET F 294 -52.43 7.80 -20.48
C MET F 294 -52.02 6.43 -20.97
N ASP F 295 -52.74 5.90 -21.95
CA ASP F 295 -52.45 4.60 -22.51
C ASP F 295 -53.01 4.45 -23.92
N LYS F 307 -57.39 14.54 -27.24
CA LYS F 307 -56.42 15.61 -27.25
C LYS F 307 -55.58 15.62 -25.98
N LYS F 308 -54.27 15.71 -26.13
CA LYS F 308 -53.39 15.87 -24.98
C LYS F 308 -53.38 17.34 -24.56
N LYS F 309 -54.22 18.13 -25.23
CA LYS F 309 -54.37 19.55 -24.90
C LYS F 309 -55.09 19.72 -23.57
N ARG F 310 -56.02 18.81 -23.30
CA ARG F 310 -56.84 18.87 -22.10
C ARG F 310 -56.19 18.10 -20.94
N VAL F 311 -55.00 17.55 -21.19
CA VAL F 311 -54.28 16.79 -20.18
C VAL F 311 -53.12 17.59 -19.60
N HIS F 312 -53.12 17.75 -18.27
CA HIS F 312 -52.07 18.50 -17.59
C HIS F 312 -51.41 17.65 -16.51
N VAL F 313 -50.09 17.63 -16.51
CA VAL F 313 -49.35 16.83 -15.53
C VAL F 313 -48.14 17.57 -14.95
N GLU F 314 -47.96 17.42 -13.65
CA GLU F 314 -46.85 18.02 -12.92
C GLU F 314 -46.38 17.01 -11.87
N VAL F 315 -45.19 16.46 -12.05
CA VAL F 315 -44.77 15.33 -11.23
C VAL F 315 -43.55 15.60 -10.34
N TYR F 316 -43.58 15.01 -9.15
CA TYR F 316 -42.44 15.04 -8.24
C TYR F 316 -42.53 13.93 -7.19
PA FAD G . 18.04 -31.61 -1.79
O1A FAD G . 18.57 -31.52 -0.37
O2A FAD G . 18.34 -30.35 -2.56
O5B FAD G . 16.47 -31.93 -1.76
C5B FAD G . 16.02 -33.09 -1.11
C4B FAD G . 14.92 -33.77 -1.91
O4B FAD G . 13.87 -32.85 -2.13
C3B FAD G . 15.44 -34.21 -3.28
O3B FAD G . 14.95 -35.51 -3.56
C2B FAD G . 14.84 -33.23 -4.26
O2B FAD G . 14.42 -33.87 -5.44
C1B FAD G . 13.65 -32.64 -3.52
N9A FAD G . 13.50 -31.20 -3.78
C8A FAD G . 14.43 -30.21 -3.60
N7A FAD G . 13.88 -29.03 -3.96
C5A FAD G . 12.60 -29.26 -4.38
C6A FAD G . 11.60 -28.43 -4.85
N6A FAD G . 11.75 -27.11 -4.83
N1A FAD G . 10.38 -28.97 -5.20
C2A FAD G . 10.16 -30.32 -5.08
N3A FAD G . 11.17 -31.14 -4.61
C4A FAD G . 12.37 -30.62 -4.26
N1 FAD G . 22.48 -40.52 -0.62
C2 FAD G . 23.09 -41.26 -1.63
O2 FAD G . 22.79 -41.06 -2.80
N3 FAD G . 24.03 -42.22 -1.29
C4 FAD G . 24.36 -42.44 0.02
O4 FAD G . 25.20 -43.29 0.32
C4X FAD G . 23.74 -41.69 1.03
N5 FAD G . 24.07 -41.91 2.35
C5X FAD G . 23.45 -41.18 3.34
C6 FAD G . 23.78 -41.40 4.67
C7 FAD G . 23.17 -40.66 5.67
C7M FAD G . 23.53 -40.91 7.11
C8 FAD G . 22.22 -39.70 5.34
C8M FAD G . 21.55 -38.89 6.42
C9 FAD G . 21.89 -39.48 4.00
C9A FAD G . 22.50 -40.21 3.00
N10 FAD G . 22.17 -39.98 1.68
C10 FAD G . 22.80 -40.74 0.69
C1' FAD G . 21.23 -38.87 1.30
C2' FAD G . 22.02 -37.66 0.81
O2' FAD G . 22.79 -37.15 1.86
C3' FAD G . 21.13 -36.52 0.29
O3' FAD G . 20.06 -36.30 1.18
C4' FAD G . 20.64 -36.76 -1.13
O4' FAD G . 21.74 -36.83 -2.00
C5' FAD G . 19.73 -35.64 -1.60
O5' FAD G . 20.46 -34.43 -1.51
P FAD G . 20.24 -33.22 -2.53
O1P FAD G . 21.03 -32.02 -2.04
O2P FAD G . 20.69 -33.60 -3.93
O3P FAD G . 18.67 -32.91 -2.51
P1 A2P H . 9.46 -48.42 -4.73
O1P A2P H . 8.06 -48.66 -4.22
O2P A2P H . 9.98 -47.03 -4.49
O3P A2P H . 9.71 -48.94 -6.13
P2 A2P H . 14.89 -45.56 -3.47
O4P A2P H . 13.83 -44.51 -3.31
O5P A2P H . 15.36 -45.74 -4.90
O6P A2P H . 16.01 -45.49 -2.46
O5' A2P H . 14.13 -46.95 -3.13
C5' A2P H . 14.86 -48.18 -3.11
C4' A2P H . 13.92 -49.35 -2.88
O4' A2P H . 13.24 -49.20 -1.62
C3' A2P H . 12.84 -49.41 -3.95
O3' A2P H . 12.61 -50.77 -4.32
C2' A2P H . 11.61 -48.86 -3.26
O2' A2P H . 10.39 -49.36 -3.81
C1' A2P H . 11.85 -49.43 -1.87
N9 A2P H . 10.89 -48.87 -0.88
C8 A2P H . 10.02 -47.87 -1.08
N7 A2P H . 9.28 -47.64 0.03
C5 A2P H . 9.68 -48.52 0.95
C6 A2P H . 9.31 -48.84 2.35
N6 A2P H . 8.35 -48.15 3.00
N1 A2P H . 9.97 -49.86 2.97
C2 A2P H . 10.93 -50.56 2.34
N3 A2P H . 11.31 -50.32 1.09
C4 A2P H . 10.73 -49.34 0.36
PA FAD I . 18.48 -33.29 7.79
O1A FAD I . 18.53 -32.54 6.48
O2A FAD I . 19.49 -32.73 8.76
O5B FAD I . 18.70 -34.87 7.55
C5B FAD I . 17.77 -35.61 6.79
C4B FAD I . 17.46 -36.95 7.46
O4B FAD I . 18.65 -37.66 7.73
C3B FAD I . 16.76 -36.75 8.79
O3B FAD I . 15.81 -37.77 8.95
C2B FAD I . 17.86 -36.91 9.81
O2B FAD I . 17.37 -37.48 11.00
C1B FAD I . 18.85 -37.83 9.13
N9A FAD I . 20.25 -37.50 9.47
C8A FAD I . 20.87 -36.28 9.37
N7A FAD I . 22.15 -36.41 9.77
C5A FAD I . 22.36 -37.70 10.13
C6A FAD I . 23.48 -38.37 10.62
N6A FAD I . 24.59 -37.70 10.88
N1A FAD I . 23.39 -39.72 10.91
C2A FAD I . 22.20 -40.38 10.71
N3A FAD I . 21.09 -39.71 10.23
C4A FAD I . 21.18 -38.39 9.94
N1 FAD I . 8.85 -31.78 5.89
C2 FAD I . 7.92 -31.56 6.88
O2 FAD I . 8.16 -31.97 8.02
N3 FAD I . 6.74 -30.91 6.59
C4 FAD I . 6.49 -30.46 5.32
O4 FAD I . 5.44 -29.87 5.06
C4X FAD I . 7.43 -30.69 4.31
N5 FAD I . 7.18 -30.25 3.03
C5X FAD I . 8.11 -30.47 2.04
C6 FAD I . 7.85 -30.02 0.75
C7 FAD I . 8.79 -30.24 -0.25
C7M FAD I . 8.51 -29.76 -1.65
C8 FAD I . 9.98 -30.90 0.05
C8M FAD I . 11.00 -31.16 -1.03
C9 FAD I . 10.23 -31.35 1.34
C9A FAD I . 9.30 -31.13 2.34
N10 FAD I . 9.56 -31.57 3.63
C10 FAD I . 8.61 -31.35 4.61
C1' FAD I . 10.91 -32.14 4.02
C2' FAD I . 11.76 -31.12 4.81
O2' FAD I . 12.12 -30.07 3.95
C3' FAD I . 13.08 -31.66 5.40
O3' FAD I . 13.74 -32.49 4.47
C4' FAD I . 12.91 -32.38 6.73
O4' FAD I . 12.46 -31.45 7.70
C5' FAD I . 14.24 -32.96 7.21
O5' FAD I . 15.13 -31.87 7.37
P FAD I . 16.21 -31.83 8.55
O1P FAD I . 17.16 -30.68 8.32
O2P FAD I . 15.55 -31.73 9.91
O3P FAD I . 17.00 -33.23 8.41
P1 A2P J . 5.53 -46.93 7.56
O1P A2P J . 5.69 -48.28 6.92
O2P A2P J . 6.74 -46.04 7.42
O3P A2P J . 4.94 -46.97 8.96
P2 A2P J . 6.27 -40.71 7.31
O4P A2P J . 5.83 -39.44 6.63
O5P A2P J . 7.66 -41.18 6.95
O6P A2P J . 5.95 -40.76 8.79
O5' A2P J . 5.31 -41.84 6.68
C5' A2P J . 3.94 -41.54 6.40
C4' A2P J . 3.21 -42.83 6.06
O4' A2P J . 3.62 -43.29 4.76
C3' A2P J . 3.55 -43.95 7.03
O3' A2P J . 2.35 -44.67 7.34
C2' A2P J . 4.49 -44.85 6.28
O2' A2P J . 4.39 -46.22 6.69
C1' A2P J . 3.94 -44.68 4.88
N9 A2P J . 4.84 -45.21 3.84
C8 A2P J . 6.09 -45.68 4.03
N7 A2P J . 6.64 -46.11 2.85
C5 A2P J . 5.70 -45.93 1.89
C6 A2P J . 5.61 -46.18 0.43
N6 A2P J . 6.64 -46.72 -0.26
N1 A2P J . 4.45 -45.84 -0.19
C2 A2P J . 3.42 -45.31 0.48
N3 A2P J . 3.44 -45.06 1.80
C4 A2P J . 4.53 -45.35 2.55
PA FAD K . 15.26 33.92 3.91
O1A FAD K . 14.93 33.22 2.62
O2A FAD K . 14.33 35.08 4.18
O5B FAD K . 16.79 34.41 3.87
C5B FAD K . 17.80 33.50 3.49
C4B FAD K . 18.99 33.64 4.43
O4B FAD K . 19.54 34.94 4.29
C3B FAD K . 18.57 33.49 5.88
O3B FAD K . 19.53 32.71 6.56
C2B FAD K . 18.58 34.89 6.45
O2B FAD K . 19.10 34.91 7.76
C1B FAD K . 19.49 35.66 5.51
N9A FAD K . 18.96 37.01 5.24
C8A FAD K . 17.71 37.32 4.78
N7A FAD K . 17.62 38.67 4.66
C5A FAD K . 18.82 39.20 5.02
C6A FAD K . 19.27 40.51 5.08
N6A FAD K . 18.53 41.51 4.59
N1A FAD K . 20.57 40.77 5.50
C2A FAD K . 21.39 39.72 5.86
N3A FAD K . 20.93 38.42 5.80
C4A FAD K . 19.66 38.17 5.38
N1 FAD K . 15.41 24.27 6.21
C2 FAD K . 15.09 23.73 7.45
O2 FAD K . 15.16 24.43 8.45
N3 FAD K . 14.69 22.42 7.55
C4 FAD K . 14.61 21.63 6.41
O4 FAD K . 14.25 20.46 6.50
C4X FAD K . 14.93 22.18 5.17
N5 FAD K . 14.86 21.40 4.04
C5X FAD K . 15.18 21.94 2.81
C6 FAD K . 15.10 21.15 1.66
C7 FAD K . 15.43 21.69 0.43
C7M FAD K . 15.34 20.84 -0.81
C8 FAD K . 15.83 23.02 0.34
C8M FAD K . 16.18 23.62 -1.00
C9 FAD K . 15.91 23.81 1.48
C9A FAD K . 15.59 23.27 2.71
N10 FAD K . 15.67 24.05 3.85
C10 FAD K . 15.34 23.51 5.07
C1' FAD K . 15.97 25.53 3.72
C2' FAD K . 14.68 26.34 3.84
O2' FAD K . 13.81 26.00 2.80
C3' FAD K . 14.91 27.86 3.83
O3' FAD K . 15.87 28.22 2.85
C4' FAD K . 15.32 28.37 5.19
O4' FAD K . 14.29 28.09 6.11
C5' FAD K . 15.55 29.88 5.17
O5' FAD K . 14.34 30.49 4.83
P FAD K . 13.93 31.94 5.40
O1P FAD K . 12.74 32.45 4.61
O2P FAD K . 13.60 31.90 6.88
O3P FAD K . 15.23 32.86 5.13
P1 A2P L . 30.21 25.05 11.67
O1P A2P L . 31.62 25.18 11.15
O2P A2P L . 29.21 25.93 10.96
O3P A2P L . 30.09 25.08 13.17
P2 A2P L . 24.16 24.48 9.83
O4P A2P L . 24.69 25.67 9.09
O5P A2P L . 23.69 24.77 11.24
O6P A2P L . 23.22 23.61 9.03
O5' A2P L . 25.46 23.57 10.05
C5' A2P L . 25.35 22.22 10.47
C4' A2P L . 26.74 21.65 10.65
O4' A2P L . 27.42 21.63 9.38
C3' A2P L . 27.59 22.52 11.57
O3' A2P L . 28.33 21.68 12.43
C2' A2P L . 28.56 23.23 10.65
O2' A2P L . 29.79 23.54 11.29
C1' A2P L . 28.74 22.14 9.61
N9 A2P L . 29.44 22.62 8.39
C8 A2P L . 29.75 23.89 8.08
N7 A2P L . 30.40 23.94 6.88
C5 A2P L . 30.52 22.69 6.44
C6 A2P L . 31.12 22.03 5.24
N6 A2P L . 31.72 22.75 4.27
N1 A2P L . 31.02 20.68 5.16
C2 A2P L . 30.42 19.95 6.12
N3 A2P L . 29.86 20.48 7.22
C4 A2P L . 29.89 21.82 7.43
PA FAD M . 16.47 28.94 -4.49
O1A FAD M . 16.00 29.93 -3.45
O2A FAD M . 15.38 28.64 -5.50
O5B FAD M . 16.99 27.59 -3.76
C5B FAD M . 18.03 27.67 -2.81
C4B FAD M . 19.05 26.54 -3.00
O4B FAD M . 18.40 25.29 -2.87
C3B FAD M . 19.66 26.57 -4.39
O3B FAD M . 20.99 26.12 -4.33
C2B FAD M . 18.82 25.58 -5.17
O2B FAD M . 19.56 24.93 -6.17
C1B FAD M . 18.38 24.59 -4.10
N9A FAD M . 17.03 24.10 -4.40
C8A FAD M . 15.93 24.87 -4.67
N7A FAD M . 14.87 24.04 -4.90
C5A FAD M . 15.28 22.76 -4.77
C6A FAD M . 14.61 21.56 -4.89
N6A FAD M . 13.39 21.52 -5.40
N1A FAD M . 15.31 20.37 -4.71
C2A FAD M . 16.65 20.41 -4.40
N3A FAD M . 17.32 21.63 -4.28
C4A FAD M . 16.64 22.78 -4.46
N1 FAD M . 24.15 35.20 -4.03
C2 FAD M . 25.03 35.49 -5.05
O2 FAD M . 25.13 34.73 -6.00
N3 FAD M . 25.78 36.65 -5.01
C4 FAD M . 25.67 37.52 -3.96
O4 FAD M . 26.34 38.54 -3.93
C4X FAD M . 24.78 37.22 -2.93
N5 FAD M . 24.67 38.09 -1.87
C5X FAD M . 23.80 37.81 -0.84
C6 FAD M . 23.69 38.70 0.23
C7 FAD M . 22.83 38.44 1.27
C7M FAD M . 22.72 39.40 2.42
C8 FAD M . 22.06 37.27 1.25
C8M FAD M . 21.11 36.98 2.37
C9 FAD M . 22.16 36.39 0.17
C9A FAD M . 23.03 36.65 -0.87
N10 FAD M . 23.14 35.77 -1.94
C10 FAD M . 24.02 36.06 -2.96
C1' FAD M . 22.19 34.60 -2.08
C2' FAD M . 21.10 34.93 -3.09
O2' FAD M . 20.28 35.94 -2.57
C3' FAD M . 20.19 33.75 -3.47
O3' FAD M . 19.64 33.16 -2.32
C4' FAD M . 20.88 32.68 -4.32
O4' FAD M . 21.10 33.18 -5.61
C5' FAD M . 20.00 31.44 -4.42
O5' FAD M . 18.74 31.84 -4.91
P FAD M . 17.88 30.92 -5.92
O1P FAD M . 16.51 31.52 -6.04
O2P FAD M . 18.56 30.81 -7.26
O3P FAD M . 17.81 29.48 -5.21
P1 A2P N . 34.08 23.70 -0.64
O1P A2P N . 34.52 22.62 0.32
O2P A2P N . 32.57 23.85 -0.71
O3P A2P N . 34.76 23.65 -1.98
P2 A2P N . 30.57 28.51 -2.45
O4P A2P N . 29.55 27.62 -1.80
O5P A2P N . 30.97 28.06 -3.83
O6P A2P N . 30.28 30.00 -2.36
O5' A2P N . 31.88 28.32 -1.54
C5' A2P N . 33.01 29.16 -1.65
C4' A2P N . 34.17 28.55 -0.89
O4' A2P N . 33.88 28.52 0.52
C3' A2P N . 34.41 27.11 -1.32
O3' A2P N . 35.82 26.89 -1.45
C2' A2P N . 33.91 26.29 -0.16
O2' A2P N . 34.62 25.07 0.00
C1' A2P N . 34.25 27.22 1.00
N9 A2P N . 33.57 26.76 2.23
C8 A2P N . 32.65 25.78 2.31
N7 A2P N . 32.25 25.59 3.60
C5 A2P N . 32.94 26.48 4.35
C6 A2P N . 33.00 26.81 5.80
N6 A2P N . 32.23 26.17 6.70
N1 A2P N . 33.86 27.80 6.17
C2 A2P N . 34.63 28.45 5.28
N3 A2P N . 34.63 28.19 3.96
C4 A2P N . 33.82 27.23 3.45
PA FAD O . -33.94 19.46 -9.39
O1A FAD O . -33.34 19.58 -8.01
O2A FAD O . -33.73 20.72 -10.19
O5B FAD O . -35.50 19.10 -9.25
C5B FAD O . -35.92 17.91 -8.62
C4B FAD O . -37.05 17.29 -9.42
O4B FAD O . -38.08 18.24 -9.59
C3B FAD O . -36.58 16.87 -10.80
O3B FAD O . -37.05 15.57 -11.08
C2B FAD O . -37.20 17.86 -11.75
O2B FAD O . -37.65 17.22 -12.92
C1B FAD O . -38.35 18.46 -10.97
N9A FAD O . -38.50 19.90 -11.24
C8A FAD O . -37.55 20.87 -11.05
N7A FAD O . -38.08 22.07 -11.41
C5A FAD O . -39.35 21.87 -11.83
C6A FAD O . -40.33 22.73 -12.31
N6A FAD O . -40.10 24.04 -12.35
N1A FAD O . -41.56 22.23 -12.67
C2A FAD O . -41.82 20.88 -12.56
N3A FAD O . -40.83 20.02 -12.08
C4A FAD O . -39.63 20.51 -11.73
N1 FAD O . -29.60 10.67 -8.28
C2 FAD O . -28.97 9.93 -9.26
O2 FAD O . -29.22 10.14 -10.44
N3 FAD O . -28.06 8.94 -8.90
C4 FAD O . -27.78 8.70 -7.57
O4 FAD O . -26.98 7.82 -7.25
C4X FAD O . -28.42 9.45 -6.59
N5 FAD O . -28.16 9.22 -5.25
C5X FAD O . -28.78 9.96 -4.28
C6 FAD O . -28.50 9.72 -2.95
C7 FAD O . -29.13 10.46 -1.96
C7M FAD O . -28.82 10.18 -0.51
C8 FAD O . -30.04 11.45 -2.31
C8M FAD O . -30.72 12.25 -1.24
C9 FAD O . -30.32 11.69 -3.64
C9A FAD O . -29.70 10.95 -4.63
N10 FAD O . -29.97 11.19 -5.97
C10 FAD O . -29.33 10.44 -6.94
C1' FAD O . -30.88 12.31 -6.36
C2' FAD O . -30.04 13.53 -6.73
O2' FAD O . -29.33 13.97 -5.59
C3' FAD O . -30.89 14.66 -7.27
O3' FAD O . -32.03 14.84 -6.47
C4' FAD O . -31.30 14.39 -8.72
O4' FAD O . -30.14 14.32 -9.51
C5' FAD O . -32.22 15.47 -9.25
O5' FAD O . -31.59 16.72 -9.07
P FAD O . -31.75 17.89 -10.15
O1P FAD O . -31.00 19.12 -9.68
O2P FAD O . -31.28 17.45 -11.52
O3P FAD O . -33.33 18.18 -10.15
P1 A2P P . -42.50 2.90 -12.50
O1P A2P P . -43.84 2.48 -11.96
O2P A2P P . -42.10 4.32 -12.16
O3P A2P P . -42.26 2.53 -13.95
P2 A2P P . -37.17 5.83 -11.14
O4P A2P P . -38.20 6.89 -10.82
O5P A2P P . -37.00 5.56 -12.63
O6P A2P P . -35.87 5.95 -10.37
O5' A2P P . -37.81 4.47 -10.59
C5' A2P P . -37.06 3.26 -10.64
C4' A2P P . -38.03 2.09 -10.56
O4' A2P P . -38.78 2.16 -9.34
C3' A2P P . -39.04 2.16 -11.70
O3' A2P P . -39.16 0.87 -12.29
C2' A2P P . -40.35 2.54 -11.03
O2' A2P P . -41.46 1.97 -11.70
C1' A2P P . -40.15 1.90 -9.67
N9 A2P P . -41.12 2.32 -8.63
C8 A2P P . -42.08 3.27 -8.74
N7 A2P P . -42.80 3.37 -7.59
C5 A2P P . -42.32 2.46 -6.74
C6 A2P P . -42.62 2.02 -5.35
N6 A2P P . -43.60 2.60 -4.64
N1 A2P P . -41.86 1.02 -4.83
C2 A2P P . -40.86 0.44 -5.52
N3 A2P P . -40.55 0.79 -6.78
C4 A2P P . -41.21 1.77 -7.43
PA FAD Q . -33.39 17.86 0.35
O1A FAD Q . -33.27 18.60 -0.96
O2A FAD Q . -32.42 18.41 1.37
O5B FAD Q . -33.16 16.28 0.11
C5B FAD Q . -34.08 15.56 -0.70
C4B FAD Q . -34.43 14.21 -0.08
O4B FAD Q . -33.26 13.47 0.17
C3B FAD Q . -35.16 14.38 1.25
O3B FAD Q . -36.24 13.48 1.30
C2B FAD Q . -34.14 14.00 2.30
O2B FAD Q . -34.72 13.27 3.35
C1B FAD Q . -33.13 13.15 1.55
N9A FAD Q . -31.77 13.44 2.01
C8A FAD Q . -31.17 14.68 2.04
N7A FAD Q . -29.92 14.54 2.53
C5A FAD Q . -29.69 13.25 2.80
C6A FAD Q . -28.59 12.56 3.30
N6A FAD Q . -27.41 13.18 3.36
N1A FAD Q . -28.65 11.20 3.48
C2A FAD Q . -29.80 10.51 3.15
N3A FAD Q . -30.89 11.20 2.66
C4A FAD Q . -30.85 12.54 2.48
N1 FAD Q . -43.14 19.33 -1.67
C2 FAD Q . -44.15 19.49 -0.75
O2 FAD Q . -43.99 19.07 0.40
N3 FAD Q . -45.32 20.12 -1.11
C4 FAD Q . -45.50 20.59 -2.39
O4 FAD Q . -46.54 21.15 -2.70
C4X FAD Q . -44.48 20.43 -3.33
N5 FAD Q . -44.63 20.89 -4.61
C5X FAD Q . -43.62 20.73 -5.53
C6 FAD Q . -43.78 21.20 -6.83
C7 FAD Q . -42.76 21.04 -7.76
C7M FAD Q . -42.94 21.54 -9.15
C8 FAD Q . -41.58 20.40 -7.38
C8M FAD Q . -40.48 20.23 -8.39
C9 FAD Q . -41.41 19.93 -6.09
C9A FAD Q . -42.43 20.09 -5.16
N10 FAD Q . -42.28 19.63 -3.87
C10 FAD Q . -43.30 19.80 -2.95
C1' FAD Q . -40.97 19.03 -3.42
C2' FAD Q . -40.16 20.09 -2.68
O2' FAD Q . -39.86 21.14 -3.58
C3' FAD Q . -38.86 19.55 -2.09
O3' FAD Q . -38.23 18.69 -3.01
C4' FAD Q . -39.09 18.82 -0.76
O4' FAD Q . -39.61 19.73 0.18
C5' FAD Q . -37.80 18.22 -0.22
O5' FAD Q . -36.81 19.23 -0.17
P FAD Q . -35.74 19.29 1.02
O1P FAD Q . -34.82 20.46 0.82
O2P FAD Q . -36.41 19.35 2.37
O3P FAD Q . -34.92 17.91 0.87
P1 A2P R . -46.53 4.19 -0.17
O1P A2P R . -46.51 2.80 -0.78
O2P A2P R . -45.29 5.02 -0.48
O3P A2P R . -46.95 4.22 1.27
P2 A2P R . -45.61 10.30 -0.32
O4P A2P R . -45.64 11.52 -1.21
O5P A2P R . -44.29 9.57 -0.31
O6P A2P R . -46.21 10.52 1.05
O5' A2P R . -46.60 9.27 -1.06
C5' A2P R . -47.96 9.61 -1.33
C4' A2P R . -48.72 8.35 -1.66
O4' A2P R . -48.34 7.86 -2.95
C3' A2P R . -48.39 7.25 -0.65
O3' A2P R . -49.60 6.59 -0.24
C2' A2P R . -47.54 6.27 -1.43
O2' A2P R . -47.71 4.93 -0.98
C1' A2P R . -48.10 6.46 -2.84
N9 A2P R . -47.22 5.89 -3.88
C8 A2P R . -46.02 5.30 -3.69
N7 A2P R . -45.48 4.87 -4.86
C5 A2P R . -46.36 5.18 -5.84
C6 A2P R . -46.44 5.01 -7.30
N6 A2P R . -45.44 4.41 -7.99
N1 A2P R . -47.54 5.48 -7.93
C2 A2P R . -48.55 6.08 -7.27
N3 A2P R . -48.54 6.26 -5.94
C4 A2P R . -47.50 5.84 -5.18
#